data_7YSW
#
_entry.id   7YSW
#
_cell.length_a   1.00
_cell.length_b   1.00
_cell.length_c   1.00
_cell.angle_alpha   90.00
_cell.angle_beta   90.00
_cell.angle_gamma   90.00
#
_symmetry.space_group_name_H-M   'P 1'
#
loop_
_entity.id
_entity.type
_entity.pdbx_description
1 polymer 'Fibroblast growth factor receptor 4'
2 polymer Klotho
3 polymer 'Fibroblast growth factor 23'
4 branched '2-deoxy-6-O-sulfo-2-(sulfoamino)-alpha-D-glucopyranose-(1-4)-2-O-sulfo-alpha-L-idopyranuronic acid-(1-4)-2-deoxy-6-O-sulfo-2-(sulfoamino)-alpha-D-glucopyranose-(1-4)-2-O-sulfo-alpha-L-idopyranuronic acid-(1-4)-2-deoxy-6-O-sulfo-2-(sulfoamino)-alpha-D-glucopyranose-(1-4)-2-O-sulfo-alpha-L-idopyranuronic acid-(1-4)-2-deoxy-6-O-sulfo-2-(sulfoamino)-alpha-D-glucopyranose-(1-4)-2-O-sulfo-alpha-L-idopyranuronic acid-(1-4)-2-deoxy-6-O-sulfo-2-(sulfoamino)-alpha-D-glucopyranose-(1-4)-2-O-sulfo-alpha-L-idopyranuronic acid'
5 non-polymer 'COPPER (II) ION'
6 non-polymer 'ZINC ION'
#
loop_
_entity_poly.entity_id
_entity_poly.type
_entity_poly.pdbx_seq_one_letter_code
_entity_poly.pdbx_strand_id
1 'polypeptide(L)'
;YPQQAPYWTHPQRMEKKLHAVPAGNTVKFRCPAAGNPTPTIRWLKDGQAFHGENRIGGIRLRHQHWSLVMESVVPSDRGT
YTCLVENAVGSIRYNYLLDVLERSPHRPILQAGLPANTTAVVGSDVELLCKVYSDAQPHIQWLKHIVINGSSFGADGFPY
VQVLKTADINSSEVEVLYLRNVSAEDAGEYTCLAGNSIGLSYQSAWLTVLPEE
;
C,E
2 'polypeptide(L)'
;EPGDGAQTWARFSRPPAPEAAGLFQGTFPDGFLWAVGSAAYQTEGGWQQHGKGASIWDTFTHHPLAPPGDSRNASLPLGA
PSPLQPATGDVASDSYNNVFRDTEALRELGVTHYRFSISWARVLPNGSAGVPNREGLRYYRRLLERLRELGVQPVVTLYH
WDLPQRLQDAYGGWANRALADHFRDYAELCFRHFGGQVKYWITIDNPYVVAWHGYATGRLAPGIRGSPRLGYLVAHNLLL
AHAKVWHLYNTSFRPTQGGQVSIALSSHWINPRRMTDHSIKECQKSLDFVLGWFAKPVFIDGDYPESMKNNLSSILPDFT
ESEKKFIKGTADFFALCFGPTLSFQLLDPHMKFRQLESPNLRQLLSWIDLEFNHPQIFIVENGWFVSGTTKRDDAKYMYY
LKKFIMETLKAIKLDGVDVIGYTAWSLMDGFEWHRGYSIRRGLFYVDFLSQDKMLLPKSSALFYQKLIEKNGFPPLPENQ
PLEGTFPCDFAWGVVDNYIQVDTTLSQFTDLNVYLWDVHHSKRLIKVDGVVTKKRKSYCVDFAAIQPQIALLQEMHVTHF
RFSLDWALILPLGNQSQVNHTILQYYRCMASELVRVNITPVVALWQPMAPNQGLPRLLARQGAWENPYTALAFAEYARLC
FQELGHHVKLWITMNEPYTRNMTYSAGHNLLKAHALAWHVYNEKFRHAQNGKISIALQADWIEPACPFSQKDKEVAERVL
EFDIGWLAEPIFGSGDYPWVMRDWLNQRNNFLLPYFTEDEKKLIQGTFDFLALSHYTTILVDSEKEDPIKYNDYLEVQEM
TDITWLNSPSQVAVVPWGLRKVLNWLKFKYGDLPMYIISNGIDDGLHAEDDQLRVYYMQNYINEALKAHILDGINLCGYF
AYSFNDRTAPRFGLYRYAADQFEPKASMKHYRKIIDSNGFPGPETLERFCPEEFTVCTECSF
;
A
3 'polypeptide(L)'
;YPNASPLLGSSWGGLIHLYTATARNSYHLQIHKNGHVDGAPHQTIYSALMIRSEDAGFVVITGVMSRRYLCMDFRGNIFG
SHYFDPENCRFQHQTLENGYDVYHSPQYHFLVSLGRAKRAFLPGMNPPPYSQFLSRRNEIPLIHFNTPIPRQHTQSAEDD
SERDPLNVLKPRARMTPAP
;
B
#
# COMPACT_ATOMS: atom_id res chain seq x y z
N TYR A 1 -23.03 51.97 -13.02
CA TYR A 1 -22.62 50.59 -13.27
C TYR A 1 -22.02 49.96 -12.02
N PRO A 2 -22.66 48.92 -11.49
CA PRO A 2 -22.14 48.24 -10.31
C PRO A 2 -20.81 47.56 -10.60
N GLN A 3 -19.96 47.50 -9.57
CA GLN A 3 -18.64 46.90 -9.70
C GLN A 3 -18.71 45.43 -9.25
N GLN A 4 -19.43 44.64 -10.05
CA GLN A 4 -19.59 43.23 -9.75
C GLN A 4 -18.31 42.45 -10.08
N ALA A 5 -18.12 41.34 -9.38
CA ALA A 5 -16.96 40.51 -9.61
C ALA A 5 -17.05 39.83 -10.97
N PRO A 6 -15.91 39.59 -11.63
CA PRO A 6 -15.94 38.89 -12.92
C PRO A 6 -16.49 37.47 -12.77
N TYR A 7 -17.22 37.03 -13.80
CA TYR A 7 -17.82 35.72 -13.79
C TYR A 7 -17.91 35.20 -15.21
N TRP A 8 -18.06 33.89 -15.34
CA TRP A 8 -18.15 33.27 -16.65
C TRP A 8 -19.46 33.66 -17.33
N THR A 9 -19.36 34.19 -18.55
CA THR A 9 -20.56 34.63 -19.27
C THR A 9 -21.42 33.44 -19.68
N HIS A 10 -20.80 32.39 -20.21
CA HIS A 10 -21.49 31.19 -20.67
C HIS A 10 -20.92 29.99 -19.94
N PRO A 11 -21.36 29.73 -18.70
CA PRO A 11 -20.85 28.57 -17.96
C PRO A 11 -21.21 27.24 -18.59
N GLN A 12 -22.22 27.20 -19.44
CA GLN A 12 -22.66 25.94 -20.04
C GLN A 12 -21.73 25.44 -21.14
N ARG A 13 -20.73 26.22 -21.53
CA ARG A 13 -19.78 25.84 -22.56
C ARG A 13 -18.35 25.78 -22.01
N MET A 14 -18.22 25.32 -20.77
CA MET A 14 -16.92 25.26 -20.11
C MET A 14 -16.61 23.89 -19.51
N GLU A 15 -17.41 22.87 -19.82
CA GLU A 15 -17.26 21.57 -19.18
C GLU A 15 -16.19 20.70 -19.83
N LYS A 16 -15.65 21.10 -20.98
CA LYS A 16 -14.61 20.30 -21.63
C LYS A 16 -13.31 20.50 -20.87
N LYS A 17 -13.12 19.66 -19.84
CA LYS A 17 -11.93 19.77 -19.00
C LYS A 17 -10.66 19.47 -19.79
N LEU A 18 -10.70 18.43 -20.62
CA LEU A 18 -9.53 17.97 -21.35
C LEU A 18 -9.81 18.00 -22.85
N HIS A 19 -8.86 18.53 -23.61
CA HIS A 19 -8.94 18.55 -25.06
C HIS A 19 -7.95 17.53 -25.63
N ALA A 20 -8.43 16.66 -26.51
CA ALA A 20 -7.58 15.68 -27.18
C ALA A 20 -7.97 15.61 -28.65
N VAL A 21 -7.02 15.89 -29.53
CA VAL A 21 -7.27 15.88 -30.97
C VAL A 21 -6.09 15.23 -31.67
N PRO A 22 -6.33 14.68 -32.86
CA PRO A 22 -5.22 14.19 -33.68
C PRO A 22 -4.29 15.33 -34.06
N ALA A 23 -3.01 15.00 -34.19
CA ALA A 23 -2.00 16.00 -34.56
C ALA A 23 -2.31 16.59 -35.93
N GLY A 24 -2.62 17.89 -35.98
CA GLY A 24 -2.96 18.54 -37.21
C GLY A 24 -4.30 19.26 -37.12
N ASN A 25 -5.04 19.00 -36.04
CA ASN A 25 -6.32 19.64 -35.82
C ASN A 25 -6.14 21.02 -35.21
N THR A 26 -7.24 21.75 -35.12
CA THR A 26 -7.27 23.06 -34.48
C THR A 26 -8.20 22.99 -33.28
N VAL A 27 -7.67 23.32 -32.10
CA VAL A 27 -8.45 23.31 -30.88
C VAL A 27 -9.05 24.69 -30.67
N LYS A 28 -10.16 24.74 -29.94
CA LYS A 28 -10.83 25.99 -29.60
C LYS A 28 -10.79 26.15 -28.09
N PHE A 29 -10.19 27.25 -27.63
CA PHE A 29 -10.07 27.54 -26.20
C PHE A 29 -10.80 28.85 -25.96
N ARG A 30 -12.10 28.74 -25.68
CA ARG A 30 -12.99 29.89 -25.56
C ARG A 30 -13.48 30.02 -24.12
N CYS A 31 -13.40 31.22 -23.57
CA CYS A 31 -13.84 31.48 -22.20
C CYS A 31 -14.29 32.93 -22.08
N PRO A 32 -15.53 33.22 -22.46
CA PRO A 32 -16.07 34.57 -22.20
C PRO A 32 -16.14 34.84 -20.71
N ALA A 33 -15.89 36.09 -20.34
CA ALA A 33 -15.86 36.48 -18.93
C ALA A 33 -16.49 37.87 -18.80
N ALA A 34 -16.34 38.47 -17.62
CA ALA A 34 -16.89 39.78 -17.33
C ALA A 34 -15.87 40.55 -16.49
N GLY A 35 -16.31 41.66 -15.91
CA GLY A 35 -15.44 42.47 -15.08
C GLY A 35 -16.04 43.87 -14.92
N ASN A 36 -15.17 44.79 -14.51
CA ASN A 36 -15.54 46.20 -14.32
C ASN A 36 -14.51 47.11 -14.97
N PRO A 37 -14.46 47.15 -16.31
CA PRO A 37 -15.22 46.34 -17.28
C PRO A 37 -14.51 45.02 -17.54
N THR A 38 -14.81 44.34 -18.63
CA THR A 38 -14.16 43.06 -18.92
C THR A 38 -12.69 43.30 -19.20
N PRO A 39 -11.77 42.70 -18.43
CA PRO A 39 -10.34 42.97 -18.61
C PRO A 39 -9.76 42.12 -19.74
N THR A 40 -8.49 42.42 -20.05
CA THR A 40 -7.78 41.66 -21.06
C THR A 40 -7.43 40.26 -20.54
N ILE A 41 -7.38 39.31 -21.46
CA ILE A 41 -7.08 37.91 -21.15
C ILE A 41 -5.70 37.61 -21.69
N ARG A 42 -4.81 37.15 -20.83
CA ARG A 42 -3.43 36.81 -21.19
C ARG A 42 -3.21 35.32 -20.90
N TRP A 43 -3.29 34.50 -21.93
CA TRP A 43 -3.03 33.07 -21.78
C TRP A 43 -1.56 32.83 -21.48
N LEU A 44 -1.30 31.91 -20.55
CA LEU A 44 0.07 31.49 -20.28
C LEU A 44 0.11 29.98 -20.13
N LYS A 45 1.18 29.38 -20.65
CA LYS A 45 1.32 27.93 -20.69
C LYS A 45 2.17 27.48 -19.50
N ASP A 46 1.57 26.67 -18.63
CA ASP A 46 2.19 26.13 -17.41
C ASP A 46 2.99 27.17 -16.65
N GLY A 47 2.54 28.43 -16.69
CA GLY A 47 3.22 29.50 -16.00
C GLY A 47 3.88 30.50 -16.93
N GLN A 48 4.54 29.99 -17.97
CA GLN A 48 5.19 30.86 -18.94
C GLN A 48 4.15 31.51 -19.85
N ALA A 49 4.34 32.80 -20.11
CA ALA A 49 3.39 33.55 -20.92
C ALA A 49 3.30 32.96 -22.33
N PHE A 50 2.09 32.59 -22.72
CA PHE A 50 1.84 31.93 -24.00
C PHE A 50 1.29 32.94 -24.99
N HIS A 51 2.01 33.15 -26.08
CA HIS A 51 1.57 34.02 -27.17
C HIS A 51 2.16 33.48 -28.47
N GLY A 52 2.12 34.29 -29.52
CA GLY A 52 2.61 33.86 -30.82
C GLY A 52 4.09 34.10 -31.03
N GLU A 53 4.93 33.60 -30.11
CA GLU A 53 6.38 33.72 -30.26
C GLU A 53 7.06 32.38 -30.03
N ASN A 54 6.44 31.51 -29.26
CA ASN A 54 7.01 30.20 -28.93
C ASN A 54 6.56 29.09 -29.87
N ARG A 55 5.71 29.40 -30.84
CA ARG A 55 5.25 28.40 -31.80
C ARG A 55 4.83 29.12 -33.08
N ILE A 56 5.61 28.96 -34.13
CA ILE A 56 5.30 29.52 -35.44
C ILE A 56 4.42 28.53 -36.20
N GLY A 57 3.42 29.06 -36.90
CA GLY A 57 2.50 28.21 -37.64
C GLY A 57 1.07 28.72 -37.61
N GLY A 58 0.84 29.82 -36.88
CA GLY A 58 -0.46 30.44 -36.87
C GLY A 58 -1.18 30.39 -35.53
N ILE A 59 -1.32 31.55 -34.89
CA ILE A 59 -2.10 31.69 -33.67
C ILE A 59 -3.09 32.82 -33.91
N ARG A 60 -4.36 32.47 -34.12
CA ARG A 60 -5.38 33.46 -34.41
C ARG A 60 -5.62 34.36 -33.20
N LEU A 61 -5.75 35.66 -33.45
CA LEU A 61 -5.97 36.65 -32.41
C LEU A 61 -7.47 36.93 -32.33
N ARG A 62 -8.10 36.49 -31.23
CA ARG A 62 -9.52 36.72 -30.99
C ARG A 62 -9.68 37.20 -29.55
N HIS A 63 -9.57 38.50 -29.34
CA HIS A 63 -9.74 39.10 -28.01
C HIS A 63 -11.11 39.68 -27.80
N GLN A 64 -11.70 40.29 -28.83
CA GLN A 64 -13.06 40.81 -28.70
C GLN A 64 -14.07 39.68 -28.48
N HIS A 65 -13.79 38.49 -29.00
CA HIS A 65 -14.63 37.33 -28.77
C HIS A 65 -14.15 36.47 -27.61
N TRP A 66 -13.00 36.80 -27.01
CA TRP A 66 -12.49 36.14 -25.80
C TRP A 66 -12.29 34.64 -26.03
N SER A 67 -11.39 34.31 -26.96
CA SER A 67 -11.10 32.92 -27.28
C SER A 67 -9.69 32.80 -27.81
N LEU A 68 -9.16 31.58 -27.77
CA LEU A 68 -7.85 31.25 -28.29
C LEU A 68 -7.99 30.15 -29.34
N VAL A 69 -7.35 30.34 -30.48
CA VAL A 69 -7.37 29.37 -31.57
C VAL A 69 -5.96 28.86 -31.81
N MET A 70 -5.80 27.55 -31.80
CA MET A 70 -4.51 26.88 -31.95
C MET A 70 -4.55 26.09 -33.25
N GLU A 71 -4.13 26.72 -34.34
CA GLU A 71 -4.16 26.07 -35.65
C GLU A 71 -2.97 25.13 -35.81
N SER A 72 -3.23 23.95 -36.40
CA SER A 72 -2.22 22.96 -36.70
C SER A 72 -1.45 22.55 -35.43
N VAL A 73 -2.17 21.96 -34.50
CA VAL A 73 -1.58 21.51 -33.25
C VAL A 73 -0.61 20.38 -33.52
N VAL A 74 0.58 20.45 -32.92
CA VAL A 74 1.63 19.47 -33.16
C VAL A 74 1.95 18.73 -31.87
N PRO A 75 2.61 17.56 -31.93
CA PRO A 75 2.97 16.82 -30.71
C PRO A 75 3.54 17.68 -29.58
N SER A 76 4.30 18.70 -29.92
CA SER A 76 4.92 19.55 -28.91
C SER A 76 3.98 20.66 -28.46
N ASP A 77 2.77 20.28 -28.04
CA ASP A 77 1.81 21.26 -27.54
C ASP A 77 1.05 20.77 -26.31
N ARG A 78 1.44 19.64 -25.74
CA ARG A 78 0.76 19.13 -24.55
C ARG A 78 1.05 20.03 -23.34
N GLY A 79 0.05 20.20 -22.49
CA GLY A 79 0.19 21.02 -21.31
C GLY A 79 -1.06 21.81 -20.98
N THR A 80 -1.42 21.85 -19.71
CA THR A 80 -2.60 22.58 -19.29
C THR A 80 -2.39 24.08 -19.46
N TYR A 81 -3.44 24.76 -19.91
CA TYR A 81 -3.41 26.20 -20.11
C TYR A 81 -4.28 26.87 -19.05
N THR A 82 -4.44 28.19 -19.17
CA THR A 82 -5.18 28.97 -18.19
C THR A 82 -5.91 30.10 -18.90
N CYS A 83 -7.19 30.29 -18.55
CA CYS A 83 -7.94 31.46 -18.98
C CYS A 83 -7.78 32.56 -17.93
N LEU A 84 -6.54 33.04 -17.82
CA LEU A 84 -6.15 33.97 -16.76
C LEU A 84 -6.40 35.40 -17.24
N VAL A 85 -7.55 35.95 -16.87
CA VAL A 85 -7.85 37.37 -17.07
C VAL A 85 -8.07 37.98 -15.69
N GLU A 86 -7.32 39.04 -15.40
CA GLU A 86 -7.26 39.62 -14.07
C GLU A 86 -8.10 40.89 -14.02
N ASN A 87 -9.03 40.94 -13.07
CA ASN A 87 -9.85 42.12 -12.83
C ASN A 87 -9.39 42.82 -11.55
N ALA A 88 -9.84 44.06 -11.39
CA ALA A 88 -9.45 44.85 -10.23
C ALA A 88 -9.99 44.24 -8.94
N VAL A 89 -11.22 43.74 -8.95
CA VAL A 89 -11.85 43.22 -7.75
C VAL A 89 -11.94 41.70 -7.73
N GLY A 90 -11.72 41.02 -8.85
CA GLY A 90 -11.83 39.58 -8.89
C GLY A 90 -10.73 38.97 -9.73
N SER A 91 -10.45 37.70 -9.46
CA SER A 91 -9.41 36.95 -10.15
C SER A 91 -9.96 35.55 -10.45
N ILE A 92 -10.50 35.37 -11.66
CA ILE A 92 -11.01 34.08 -12.09
C ILE A 92 -10.05 33.45 -13.09
N ARG A 93 -10.06 32.12 -13.15
CA ARG A 93 -9.18 31.35 -14.01
C ARG A 93 -9.66 29.92 -14.06
N TYR A 94 -9.67 29.33 -15.25
CA TYR A 94 -10.06 27.95 -15.44
C TYR A 94 -9.02 27.25 -16.31
N ASN A 95 -8.55 26.10 -15.85
CA ASN A 95 -7.53 25.36 -16.58
C ASN A 95 -8.13 24.73 -17.83
N TYR A 96 -7.35 24.72 -18.92
CA TYR A 96 -7.78 24.19 -20.22
C TYR A 96 -6.75 23.17 -20.66
N LEU A 97 -6.94 21.91 -20.26
CA LEU A 97 -5.99 20.86 -20.57
C LEU A 97 -6.07 20.47 -22.04
N LEU A 98 -4.91 20.37 -22.69
CA LEU A 98 -4.82 19.93 -24.08
C LEU A 98 -3.85 18.77 -24.14
N ASP A 99 -4.26 17.69 -24.81
CA ASP A 99 -3.44 16.49 -24.96
C ASP A 99 -3.58 16.08 -26.42
N VAL A 100 -2.67 16.54 -27.27
CA VAL A 100 -2.66 16.13 -28.67
C VAL A 100 -2.09 14.72 -28.77
N LEU A 101 -2.64 13.94 -29.70
CA LEU A 101 -2.21 12.56 -29.90
C LEU A 101 -1.78 12.37 -31.35
N GLU A 102 -0.83 11.47 -31.55
CA GLU A 102 -0.32 11.14 -32.87
C GLU A 102 -0.92 9.83 -33.34
N ARG A 103 -1.57 9.86 -34.50
CA ARG A 103 -2.24 8.70 -35.04
C ARG A 103 -1.33 7.95 -36.01
N SER A 104 -1.83 6.84 -36.54
CA SER A 104 -1.11 6.09 -37.58
C SER A 104 -2.09 5.25 -38.38
N PRO A 105 -2.87 5.85 -39.29
CA PRO A 105 -3.76 5.04 -40.13
C PRO A 105 -2.98 4.26 -41.19
N HIS A 106 -2.26 3.22 -40.75
CA HIS A 106 -1.40 2.46 -41.65
C HIS A 106 -1.41 1.00 -41.24
N ARG A 107 -1.04 0.14 -42.19
CA ARG A 107 -0.87 -1.27 -41.90
C ARG A 107 0.31 -1.46 -40.95
N PRO A 108 0.30 -2.53 -40.15
CA PRO A 108 1.39 -2.75 -39.18
C PRO A 108 2.73 -2.89 -39.89
N ILE A 109 3.65 -1.99 -39.55
CA ILE A 109 5.00 -2.04 -40.09
C ILE A 109 5.88 -2.82 -39.13
N LEU A 110 6.53 -3.87 -39.64
CA LEU A 110 7.42 -4.69 -38.84
C LEU A 110 8.85 -4.17 -38.93
N GLN A 111 9.61 -4.44 -37.88
CA GLN A 111 11.02 -4.05 -37.88
C GLN A 111 11.77 -4.84 -38.95
N ALA A 112 12.46 -4.12 -39.83
CA ALA A 112 13.19 -4.77 -40.91
C ALA A 112 14.32 -5.62 -40.35
N GLY A 113 14.50 -6.80 -40.93
CA GLY A 113 15.47 -7.75 -40.44
C GLY A 113 15.00 -8.61 -39.29
N LEU A 114 13.76 -8.47 -38.86
CA LEU A 114 13.19 -9.30 -37.81
C LEU A 114 11.89 -9.90 -38.33
N PRO A 115 11.80 -11.24 -38.48
CA PRO A 115 12.83 -12.24 -38.18
C PRO A 115 13.94 -12.26 -39.22
N ALA A 116 15.13 -12.71 -38.85
CA ALA A 116 16.29 -12.70 -39.73
C ALA A 116 16.62 -14.10 -40.21
N ASN A 117 17.50 -14.17 -41.22
CA ASN A 117 17.96 -15.44 -41.78
C ASN A 117 18.96 -16.07 -40.84
N THR A 118 18.44 -16.60 -39.73
CA THR A 118 19.25 -17.20 -38.69
C THR A 118 19.30 -18.71 -38.88
N THR A 119 20.50 -19.27 -38.84
CA THR A 119 20.71 -20.71 -38.96
C THR A 119 21.28 -21.25 -37.65
N ALA A 120 20.81 -22.44 -37.25
CA ALA A 120 21.20 -23.04 -35.99
C ALA A 120 21.56 -24.50 -36.21
N VAL A 121 22.47 -24.99 -35.36
CA VAL A 121 22.88 -26.39 -35.42
C VAL A 121 21.72 -27.27 -34.95
N VAL A 122 21.68 -28.51 -35.45
CA VAL A 122 20.66 -29.45 -35.04
C VAL A 122 20.79 -29.71 -33.54
N GLY A 123 19.66 -29.61 -32.84
CA GLY A 123 19.64 -29.75 -31.40
C GLY A 123 19.86 -28.47 -30.62
N SER A 124 19.94 -27.33 -31.30
CA SER A 124 20.12 -26.06 -30.62
C SER A 124 18.77 -25.39 -30.38
N ASP A 125 18.80 -24.26 -29.67
CA ASP A 125 17.60 -23.49 -29.35
C ASP A 125 17.61 -22.22 -30.18
N VAL A 126 16.77 -22.16 -31.20
CA VAL A 126 16.63 -20.97 -32.02
C VAL A 126 15.38 -20.23 -31.58
N GLU A 127 15.35 -18.93 -31.86
CA GLU A 127 14.24 -18.07 -31.46
C GLU A 127 14.02 -17.02 -32.53
N LEU A 128 12.81 -16.93 -33.04
CA LEU A 128 12.45 -16.00 -34.10
C LEU A 128 11.56 -14.91 -33.53
N LEU A 129 11.91 -13.65 -33.82
CA LEU A 129 11.20 -12.50 -33.29
C LEU A 129 10.79 -11.58 -34.43
N CYS A 130 9.62 -10.95 -34.28
CA CYS A 130 9.13 -9.96 -35.24
C CYS A 130 8.59 -8.77 -34.46
N LYS A 131 9.35 -7.67 -34.44
CA LYS A 131 8.92 -6.46 -33.74
C LYS A 131 7.91 -5.73 -34.62
N VAL A 132 6.67 -5.63 -34.15
CA VAL A 132 5.59 -5.02 -34.91
C VAL A 132 5.30 -3.63 -34.34
N TYR A 133 4.93 -2.70 -35.21
CA TYR A 133 4.62 -1.33 -34.83
C TYR A 133 3.30 -0.92 -35.46
N SER A 134 2.28 -0.69 -34.63
CA SER A 134 0.99 -0.19 -35.09
C SER A 134 0.22 0.30 -33.87
N ASP A 135 -0.23 1.56 -33.92
CA ASP A 135 -1.01 2.09 -32.81
C ASP A 135 -2.32 1.33 -32.65
N ALA A 136 -3.01 1.04 -33.75
CA ALA A 136 -4.16 0.16 -33.70
C ALA A 136 -3.74 -1.24 -33.31
N GLN A 137 -4.65 -1.98 -32.70
CA GLN A 137 -4.30 -3.28 -32.16
C GLN A 137 -4.02 -4.27 -33.28
N PRO A 138 -2.81 -4.83 -33.36
CA PRO A 138 -2.50 -5.80 -34.42
C PRO A 138 -2.72 -7.24 -33.98
N HIS A 139 -2.90 -8.10 -34.96
CA HIS A 139 -3.01 -9.54 -34.74
C HIS A 139 -1.76 -10.20 -35.28
N ILE A 140 -0.97 -10.79 -34.38
CA ILE A 140 0.30 -11.41 -34.72
C ILE A 140 0.10 -12.90 -34.87
N GLN A 141 0.52 -13.45 -36.00
CA GLN A 141 0.45 -14.89 -36.26
C GLN A 141 1.75 -15.36 -36.87
N TRP A 142 2.22 -16.52 -36.43
CA TRP A 142 3.43 -17.12 -36.95
C TRP A 142 3.05 -18.24 -37.91
N LEU A 143 3.69 -18.26 -39.07
CA LEU A 143 3.35 -19.21 -40.12
C LEU A 143 4.57 -20.02 -40.51
N LYS A 144 4.35 -21.28 -40.89
CA LYS A 144 5.38 -22.12 -41.47
C LYS A 144 4.84 -22.72 -42.75
N HIS A 145 5.68 -22.77 -43.77
CA HIS A 145 5.29 -23.29 -45.07
C HIS A 145 5.50 -24.80 -45.12
N ILE A 146 4.53 -25.51 -45.71
CA ILE A 146 4.52 -26.96 -45.72
C ILE A 146 4.66 -27.45 -47.16
N VAL A 147 4.95 -28.74 -47.30
CA VAL A 147 5.12 -29.41 -48.59
C VAL A 147 4.13 -30.56 -48.69
N ILE A 148 2.92 -30.35 -48.17
CA ILE A 148 1.94 -31.39 -47.85
C ILE A 148 1.85 -32.49 -48.91
N ASN A 149 1.61 -32.11 -50.16
CA ASN A 149 1.43 -33.09 -51.23
C ASN A 149 2.55 -33.01 -52.27
N GLY A 150 2.69 -31.89 -52.94
CA GLY A 150 3.75 -31.72 -53.92
C GLY A 150 4.74 -30.66 -53.50
N SER A 151 4.71 -29.52 -54.18
CA SER A 151 5.53 -28.38 -53.78
C SER A 151 4.86 -27.68 -52.60
N SER A 152 5.34 -26.48 -52.26
CA SER A 152 4.76 -25.73 -51.16
C SER A 152 3.54 -24.92 -51.57
N PHE A 153 3.16 -24.93 -52.84
CA PHE A 153 2.07 -24.12 -53.34
C PHE A 153 0.78 -24.93 -53.42
N GLY A 154 -0.34 -24.25 -53.17
CA GLY A 154 -1.64 -24.88 -53.07
C GLY A 154 -2.37 -24.95 -54.39
N ALA A 155 -3.70 -24.92 -54.31
CA ALA A 155 -4.54 -25.13 -55.49
C ALA A 155 -4.35 -24.01 -56.53
N ASP A 156 -4.28 -22.77 -56.07
CA ASP A 156 -4.20 -21.63 -56.98
C ASP A 156 -3.00 -20.74 -56.67
N GLY A 157 -1.83 -21.36 -56.52
CA GLY A 157 -0.62 -20.61 -56.21
C GLY A 157 -0.61 -19.97 -54.84
N PHE A 158 -1.20 -20.63 -53.85
CA PHE A 158 -1.16 -20.16 -52.47
C PHE A 158 -0.23 -21.06 -51.68
N PRO A 159 0.86 -20.54 -51.13
CA PRO A 159 1.74 -21.40 -50.32
C PRO A 159 1.00 -21.96 -49.12
N TYR A 160 1.26 -23.22 -48.82
CA TYR A 160 0.66 -23.84 -47.65
C TYR A 160 1.20 -23.18 -46.39
N VAL A 161 0.29 -22.92 -45.44
CA VAL A 161 0.66 -22.22 -44.21
C VAL A 161 -0.02 -22.93 -43.04
N GLN A 162 0.77 -23.25 -42.02
CA GLN A 162 0.26 -23.77 -40.75
C GLN A 162 0.60 -22.78 -39.65
N VAL A 163 -0.38 -22.47 -38.81
CA VAL A 163 -0.19 -21.48 -37.77
C VAL A 163 0.43 -22.14 -36.54
N LEU A 164 1.51 -21.54 -36.05
CA LEU A 164 2.19 -22.03 -34.85
C LEU A 164 1.78 -21.27 -33.60
N LYS A 165 1.92 -19.94 -33.61
CA LYS A 165 1.58 -19.10 -32.48
C LYS A 165 0.55 -18.07 -32.90
N THR A 166 -0.44 -17.84 -32.04
CA THR A 166 -1.50 -16.87 -32.27
C THR A 166 -1.51 -15.84 -31.15
N ALA A 167 -2.34 -14.82 -31.32
CA ALA A 167 -2.50 -13.75 -30.34
C ALA A 167 -3.96 -13.78 -29.86
N ASP A 168 -4.21 -14.56 -28.82
CA ASP A 168 -5.53 -14.70 -28.23
C ASP A 168 -5.69 -13.74 -27.06
N ILE A 169 -6.78 -13.91 -26.30
CA ILE A 169 -7.04 -13.05 -25.15
C ILE A 169 -5.92 -13.19 -24.13
N ASN A 170 -5.53 -14.43 -23.82
CA ASN A 170 -4.56 -14.72 -22.76
C ASN A 170 -3.29 -15.34 -23.33
N SER A 171 -2.80 -14.80 -24.44
CA SER A 171 -1.55 -15.25 -25.05
C SER A 171 -0.66 -14.04 -25.27
N SER A 172 0.45 -13.98 -24.55
CA SER A 172 1.42 -12.91 -24.66
C SER A 172 2.69 -13.44 -25.33
N GLU A 173 3.63 -12.52 -25.59
CA GLU A 173 4.88 -12.84 -26.28
C GLU A 173 4.60 -13.51 -27.63
N VAL A 174 3.57 -13.02 -28.32
CA VAL A 174 3.18 -13.59 -29.61
C VAL A 174 4.26 -13.32 -30.65
N GLU A 175 4.93 -12.17 -30.56
CA GLU A 175 5.94 -11.79 -31.53
C GLU A 175 7.27 -12.50 -31.32
N VAL A 176 7.32 -13.53 -30.49
CA VAL A 176 8.52 -14.32 -30.26
C VAL A 176 8.15 -15.79 -30.39
N LEU A 177 8.88 -16.53 -31.22
CA LEU A 177 8.63 -17.94 -31.45
C LEU A 177 9.83 -18.74 -30.96
N TYR A 178 9.57 -19.75 -30.14
CA TYR A 178 10.61 -20.58 -29.55
C TYR A 178 10.67 -21.92 -30.27
N LEU A 179 11.87 -22.28 -30.73
CA LEU A 179 12.11 -23.57 -31.38
C LEU A 179 13.37 -24.16 -30.76
N ARG A 180 13.18 -25.02 -29.75
CA ARG A 180 14.29 -25.69 -29.09
C ARG A 180 14.39 -27.13 -29.57
N ASN A 181 15.63 -27.61 -29.70
CA ASN A 181 15.92 -28.94 -30.25
C ASN A 181 15.32 -29.07 -31.66
N VAL A 182 15.79 -28.21 -32.55
CA VAL A 182 15.27 -28.17 -33.91
C VAL A 182 15.73 -29.42 -34.67
N SER A 183 14.79 -30.12 -35.28
CA SER A 183 15.08 -31.29 -36.07
C SER A 183 15.25 -30.90 -37.54
N ALA A 184 15.31 -31.89 -38.43
CA ALA A 184 15.35 -31.59 -39.86
C ALA A 184 14.06 -30.96 -40.34
N GLU A 185 12.91 -31.40 -39.80
CA GLU A 185 11.63 -30.85 -40.21
C GLU A 185 11.45 -29.40 -39.75
N ASP A 186 12.21 -28.96 -38.75
CA ASP A 186 12.12 -27.59 -38.25
C ASP A 186 13.03 -26.67 -39.08
N ALA A 187 12.77 -26.63 -40.37
CA ALA A 187 13.51 -25.79 -41.30
C ALA A 187 12.58 -25.37 -42.42
N GLY A 188 12.67 -24.10 -42.80
CA GLY A 188 11.81 -23.59 -43.85
C GLY A 188 11.68 -22.08 -43.74
N GLU A 189 10.57 -21.57 -44.27
CA GLU A 189 10.30 -20.14 -44.33
C GLU A 189 9.26 -19.80 -43.25
N TYR A 190 9.69 -19.08 -42.23
CA TYR A 190 8.80 -18.62 -41.16
C TYR A 190 8.44 -17.16 -41.43
N THR A 191 7.15 -16.90 -41.55
CA THR A 191 6.65 -15.55 -41.82
C THR A 191 5.78 -15.09 -40.66
N CYS A 192 6.10 -13.93 -40.11
CA CYS A 192 5.29 -13.31 -39.06
C CYS A 192 4.27 -12.40 -39.73
N LEU A 193 3.01 -12.83 -39.75
CA LEU A 193 1.95 -12.12 -40.42
C LEU A 193 1.20 -11.25 -39.41
N ALA A 194 1.27 -9.94 -39.59
CA ALA A 194 0.62 -8.99 -38.70
C ALA A 194 -0.36 -8.13 -39.51
N GLY A 195 -1.53 -7.90 -38.95
CA GLY A 195 -2.56 -7.14 -39.63
C GLY A 195 -3.51 -6.47 -38.66
N ASN A 196 -4.10 -5.37 -39.11
CA ASN A 196 -5.09 -4.64 -38.33
C ASN A 196 -6.17 -4.17 -39.30
N SER A 197 -7.00 -3.22 -38.85
CA SER A 197 -8.14 -2.77 -39.64
C SER A 197 -7.73 -2.11 -40.94
N ILE A 198 -6.47 -1.70 -41.08
CA ILE A 198 -6.02 -1.05 -42.30
C ILE A 198 -5.51 -2.05 -43.32
N GLY A 199 -4.69 -3.00 -42.88
CA GLY A 199 -4.15 -3.98 -43.81
C GLY A 199 -3.28 -4.98 -43.08
N LEU A 200 -2.63 -5.85 -43.85
CA LEU A 200 -1.77 -6.89 -43.32
C LEU A 200 -0.41 -6.83 -44.00
N SER A 201 0.64 -7.01 -43.20
CA SER A 201 2.00 -7.05 -43.71
C SER A 201 2.75 -8.17 -43.01
N TYR A 202 3.56 -8.90 -43.78
CA TYR A 202 4.27 -10.07 -43.28
C TYR A 202 5.76 -9.93 -43.56
N GLN A 203 6.58 -10.37 -42.60
CA GLN A 203 8.02 -10.42 -42.75
C GLN A 203 8.46 -11.87 -42.66
N SER A 204 9.20 -12.34 -43.68
CA SER A 204 9.57 -13.74 -43.80
C SER A 204 11.05 -13.92 -43.55
N ALA A 205 11.40 -15.02 -42.89
CA ALA A 205 12.79 -15.38 -42.65
C ALA A 205 12.96 -16.88 -42.86
N TRP A 206 14.19 -17.27 -43.20
CA TRP A 206 14.52 -18.66 -43.48
C TRP A 206 15.43 -19.20 -42.37
N LEU A 207 15.08 -20.36 -41.83
CA LEU A 207 15.88 -21.05 -40.83
C LEU A 207 16.37 -22.36 -41.43
N THR A 208 17.69 -22.54 -41.45
CA THR A 208 18.32 -23.73 -42.00
C THR A 208 19.09 -24.45 -40.90
N VAL A 209 18.88 -25.76 -40.80
CA VAL A 209 19.54 -26.57 -39.78
C VAL A 209 20.84 -27.14 -40.34
N LEU A 210 21.92 -26.98 -39.59
CA LEU A 210 23.22 -27.52 -39.98
C LEU A 210 23.54 -28.73 -39.11
N PRO A 211 23.51 -29.95 -39.65
CA PRO A 211 23.81 -31.12 -38.81
C PRO A 211 25.20 -31.12 -38.21
N GLU A 212 26.19 -30.57 -38.91
CA GLU A 212 27.57 -30.60 -38.45
C GLU A 212 27.97 -29.37 -37.64
N GLU A 213 27.63 -28.17 -38.11
CA GLU A 213 28.02 -26.94 -37.42
C GLU A 213 27.13 -25.77 -37.85
N TYR B 1 -41.95 51.72 -48.63
CA TYR B 1 -41.63 50.30 -48.62
C TYR B 1 -41.39 49.77 -50.02
N PRO B 2 -40.15 49.86 -50.50
CA PRO B 2 -39.82 49.36 -51.83
C PRO B 2 -39.68 47.84 -51.82
N GLN B 3 -39.28 47.30 -52.97
CA GLN B 3 -39.10 45.87 -53.12
C GLN B 3 -37.79 45.42 -52.47
N GLN B 4 -37.42 44.17 -52.67
CA GLN B 4 -36.25 43.58 -52.03
C GLN B 4 -35.24 43.18 -53.11
N ALA B 5 -34.27 44.06 -53.36
CA ALA B 5 -33.14 43.78 -54.24
C ALA B 5 -31.85 44.21 -53.53
N PRO B 6 -31.48 43.51 -52.46
CA PRO B 6 -30.38 43.98 -51.61
C PRO B 6 -29.03 43.39 -52.01
N TYR B 7 -28.00 43.85 -51.32
CA TYR B 7 -26.64 43.40 -51.48
C TYR B 7 -26.17 42.72 -50.20
N TRP B 8 -24.89 42.35 -50.18
CA TRP B 8 -24.27 41.72 -49.02
C TRP B 8 -23.85 42.79 -48.02
N THR B 9 -23.13 42.39 -46.98
CA THR B 9 -22.66 43.32 -45.95
C THR B 9 -21.26 43.83 -46.25
N HIS B 10 -20.29 42.91 -46.34
CA HIS B 10 -18.89 43.26 -46.58
C HIS B 10 -18.45 42.67 -47.92
N PRO B 11 -18.33 43.49 -48.97
CA PRO B 11 -17.94 42.95 -50.29
C PRO B 11 -16.55 42.34 -50.32
N GLN B 12 -15.55 43.14 -49.94
CA GLN B 12 -14.16 42.68 -50.02
C GLN B 12 -13.86 41.60 -49.00
N ARG B 13 -14.51 41.67 -47.83
CA ARG B 13 -14.22 40.73 -46.75
C ARG B 13 -14.78 39.34 -47.04
N MET B 14 -15.80 39.23 -47.89
CA MET B 14 -16.44 37.93 -48.12
C MET B 14 -15.66 37.08 -49.11
N GLU B 15 -15.55 37.54 -50.35
CA GLU B 15 -15.09 36.70 -51.44
C GLU B 15 -13.58 36.62 -51.47
N LYS B 16 -13.06 35.38 -51.44
CA LYS B 16 -11.64 35.11 -51.61
C LYS B 16 -11.34 34.23 -52.82
N LYS B 17 -12.28 33.38 -53.23
CA LYS B 17 -12.22 32.53 -54.42
C LYS B 17 -11.12 31.48 -54.36
N LEU B 18 -10.39 31.36 -53.25
CA LEU B 18 -9.33 30.37 -53.14
C LEU B 18 -9.05 30.11 -51.68
N HIS B 19 -8.97 28.83 -51.31
CA HIS B 19 -8.70 28.42 -49.93
C HIS B 19 -7.86 27.14 -49.96
N ALA B 20 -6.55 27.29 -49.81
CA ALA B 20 -5.65 26.13 -49.77
C ALA B 20 -5.36 25.73 -48.33
N VAL B 21 -6.42 25.34 -47.64
CA VAL B 21 -6.34 24.98 -46.22
C VAL B 21 -5.69 23.61 -46.08
N PRO B 22 -4.70 23.45 -45.20
CA PRO B 22 -4.15 22.12 -44.93
C PRO B 22 -5.19 21.23 -44.25
N ALA B 23 -5.00 19.93 -44.42
CA ALA B 23 -5.92 18.96 -43.82
C ALA B 23 -5.92 19.10 -42.31
N GLY B 24 -7.11 19.09 -41.71
CA GLY B 24 -7.25 19.28 -40.28
C GLY B 24 -7.31 20.72 -39.83
N ASN B 25 -7.24 21.69 -40.75
CA ASN B 25 -7.31 23.10 -40.39
C ASN B 25 -8.74 23.58 -40.53
N THR B 26 -9.28 24.13 -39.43
CA THR B 26 -10.67 24.59 -39.43
C THR B 26 -10.82 25.82 -40.33
N VAL B 27 -11.87 25.81 -41.15
CA VAL B 27 -12.19 26.94 -42.02
C VAL B 27 -13.70 27.00 -42.17
N LYS B 28 -14.22 28.20 -42.47
CA LYS B 28 -15.63 28.38 -42.69
C LYS B 28 -15.86 29.32 -43.86
N PHE B 29 -16.98 29.14 -44.53
CA PHE B 29 -17.36 29.94 -45.69
C PHE B 29 -18.62 30.72 -45.37
N ARG B 30 -18.62 32.00 -45.72
CA ARG B 30 -19.67 32.93 -45.33
C ARG B 30 -20.35 33.52 -46.56
N CYS B 31 -21.67 33.63 -46.50
CA CYS B 31 -22.46 34.29 -47.54
C CYS B 31 -23.49 35.20 -46.89
N PRO B 32 -23.05 36.32 -46.30
CA PRO B 32 -23.99 37.23 -45.61
C PRO B 32 -24.61 38.26 -46.54
N ALA B 33 -25.60 37.82 -47.31
CA ALA B 33 -26.33 38.71 -48.22
C ALA B 33 -27.60 39.18 -47.50
N ALA B 34 -27.47 40.30 -46.78
CA ALA B 34 -28.55 40.81 -45.96
C ALA B 34 -29.64 41.44 -46.83
N GLY B 35 -30.68 41.96 -46.18
CA GLY B 35 -31.76 42.60 -46.90
C GLY B 35 -32.95 42.84 -45.98
N ASN B 36 -34.05 43.25 -46.60
CA ASN B 36 -35.30 43.52 -45.89
C ASN B 36 -36.49 43.21 -46.79
N PRO B 37 -37.27 42.16 -46.50
CA PRO B 37 -37.15 41.23 -45.37
C PRO B 37 -35.98 40.25 -45.54
N THR B 38 -35.66 39.49 -44.50
CA THR B 38 -34.52 38.59 -44.56
C THR B 38 -34.80 37.46 -45.55
N PRO B 39 -33.92 37.22 -46.52
CA PRO B 39 -34.12 36.12 -47.47
C PRO B 39 -33.68 34.80 -46.85
N THR B 40 -33.72 33.75 -47.66
CA THR B 40 -33.27 32.42 -47.27
C THR B 40 -31.98 32.07 -47.99
N ILE B 41 -31.11 31.34 -47.32
CA ILE B 41 -29.78 30.99 -47.83
C ILE B 41 -29.65 29.48 -47.81
N ARG B 42 -29.25 28.90 -48.94
CA ARG B 42 -29.02 27.48 -49.07
C ARG B 42 -27.62 27.23 -49.59
N TRP B 43 -26.95 26.23 -49.04
CA TRP B 43 -25.60 25.85 -49.44
C TRP B 43 -25.62 24.45 -50.05
N LEU B 44 -24.94 24.29 -51.18
CA LEU B 44 -24.87 23.00 -51.85
C LEU B 44 -23.48 22.83 -52.44
N LYS B 45 -23.09 21.58 -52.65
CA LYS B 45 -21.79 21.24 -53.21
C LYS B 45 -21.97 20.24 -54.35
N ASP B 46 -21.08 20.34 -55.34
CA ASP B 46 -21.09 19.57 -56.58
C ASP B 46 -22.49 19.41 -57.17
N GLY B 47 -23.30 20.47 -57.08
CA GLY B 47 -24.64 20.42 -57.62
C GLY B 47 -25.59 19.50 -56.89
N GLN B 48 -25.30 19.16 -55.63
CA GLN B 48 -26.15 18.29 -54.84
C GLN B 48 -26.42 18.94 -53.50
N ALA B 49 -27.56 18.57 -52.89
CA ALA B 49 -27.94 19.14 -51.61
C ALA B 49 -26.92 18.78 -50.53
N PHE B 50 -26.56 19.77 -49.73
CA PHE B 50 -25.53 19.64 -48.70
C PHE B 50 -26.17 19.79 -47.33
N HIS B 51 -25.97 18.79 -46.47
CA HIS B 51 -26.46 18.85 -45.10
C HIS B 51 -25.30 18.64 -44.12
N GLY B 52 -25.61 18.55 -42.84
CA GLY B 52 -24.64 18.26 -41.82
C GLY B 52 -24.46 16.78 -41.52
N GLU B 53 -25.09 15.90 -42.30
CA GLU B 53 -25.02 14.47 -42.06
C GLU B 53 -24.24 13.72 -43.14
N ASN B 54 -24.04 14.30 -44.30
CA ASN B 54 -23.34 13.65 -45.39
C ASN B 54 -21.85 13.95 -45.42
N ARG B 55 -21.34 14.67 -44.42
CA ARG B 55 -19.92 15.02 -44.35
C ARG B 55 -19.35 14.54 -43.03
N ILE B 56 -18.12 14.01 -43.08
CA ILE B 56 -17.44 13.57 -41.87
C ILE B 56 -17.13 14.77 -40.98
N GLY B 57 -16.90 14.48 -39.70
CA GLY B 57 -16.58 15.53 -38.74
C GLY B 57 -17.80 16.30 -38.27
N GLY B 58 -18.43 17.03 -39.18
CA GLY B 58 -19.62 17.78 -38.84
C GLY B 58 -19.51 19.26 -39.15
N ILE B 59 -20.60 19.85 -39.63
CA ILE B 59 -20.66 21.28 -39.93
C ILE B 59 -21.72 21.91 -39.06
N ARG B 60 -21.57 23.21 -38.81
CA ARG B 60 -22.49 23.98 -38.01
C ARG B 60 -22.96 25.21 -38.78
N LEU B 61 -24.26 25.42 -38.83
CA LEU B 61 -24.86 26.53 -39.58
C LEU B 61 -25.17 27.66 -38.61
N ARG B 62 -24.41 28.76 -38.72
CA ARG B 62 -24.63 29.93 -37.89
C ARG B 62 -25.72 30.80 -38.49
N HIS B 63 -26.29 31.67 -37.65
CA HIS B 63 -27.28 32.64 -38.10
C HIS B 63 -26.91 34.08 -37.77
N GLN B 64 -25.78 34.31 -37.09
CA GLN B 64 -25.31 35.68 -36.89
C GLN B 64 -24.82 36.28 -38.21
N HIS B 65 -24.11 35.49 -39.01
CA HIS B 65 -23.69 35.90 -40.34
C HIS B 65 -24.10 34.90 -41.41
N TRP B 66 -24.84 33.86 -41.06
CA TRP B 66 -25.33 32.86 -42.00
C TRP B 66 -24.17 32.19 -42.73
N SER B 67 -23.34 31.49 -41.95
CA SER B 67 -22.18 30.78 -42.48
C SER B 67 -22.12 29.39 -41.87
N LEU B 68 -21.48 28.47 -42.61
CA LEU B 68 -21.24 27.12 -42.14
C LEU B 68 -19.76 26.94 -41.86
N VAL B 69 -19.44 26.17 -40.82
CA VAL B 69 -18.08 25.96 -40.38
C VAL B 69 -17.69 24.51 -40.61
N MET B 70 -16.40 24.27 -40.80
CA MET B 70 -15.85 22.93 -41.03
C MET B 70 -14.68 22.71 -40.07
N GLU B 71 -14.98 22.15 -38.91
CA GLU B 71 -13.94 21.74 -37.98
C GLU B 71 -13.30 20.46 -38.47
N SER B 72 -11.96 20.43 -38.48
CA SER B 72 -11.19 19.28 -38.93
C SER B 72 -11.53 18.92 -40.38
N VAL B 73 -11.20 19.86 -41.27
CA VAL B 73 -11.45 19.65 -42.69
C VAL B 73 -10.70 18.41 -43.18
N VAL B 74 -11.24 17.77 -44.21
CA VAL B 74 -10.71 16.50 -44.69
C VAL B 74 -10.54 16.58 -46.19
N PRO B 75 -9.65 15.76 -46.76
CA PRO B 75 -9.46 15.78 -48.22
C PRO B 75 -10.70 15.41 -49.01
N SER B 76 -11.66 14.68 -48.41
CA SER B 76 -12.87 14.30 -49.12
C SER B 76 -13.78 15.49 -49.44
N ASP B 77 -13.51 16.65 -48.84
CA ASP B 77 -14.33 17.84 -49.07
C ASP B 77 -13.99 18.57 -50.36
N ARG B 78 -13.18 17.96 -51.24
CA ARG B 78 -12.83 18.61 -52.49
C ARG B 78 -14.04 18.75 -53.41
N GLY B 79 -14.02 19.78 -54.24
CA GLY B 79 -15.10 20.03 -55.17
C GLY B 79 -15.41 21.50 -55.33
N THR B 80 -16.70 21.84 -55.36
CA THR B 80 -17.15 23.22 -55.49
C THR B 80 -18.13 23.53 -54.37
N TYR B 81 -18.15 24.79 -53.95
CA TYR B 81 -19.02 25.26 -52.88
C TYR B 81 -19.81 26.45 -53.41
N THR B 82 -21.07 26.21 -53.76
CA THR B 82 -21.96 27.24 -54.27
C THR B 82 -23.04 27.53 -53.23
N CYS B 83 -23.10 28.78 -52.78
CA CYS B 83 -24.14 29.22 -51.87
C CYS B 83 -25.17 30.01 -52.67
N LEU B 84 -26.45 29.71 -52.44
CA LEU B 84 -27.54 30.32 -53.19
C LEU B 84 -28.49 30.98 -52.19
N VAL B 85 -28.56 32.31 -52.25
CA VAL B 85 -29.47 33.09 -51.42
C VAL B 85 -30.50 33.73 -52.34
N GLU B 86 -31.78 33.47 -52.06
CA GLU B 86 -32.88 33.97 -52.88
C GLU B 86 -33.82 34.78 -52.01
N ASN B 87 -34.21 35.96 -52.48
CA ASN B 87 -35.13 36.82 -51.78
C ASN B 87 -36.55 36.50 -52.23
N ALA B 88 -37.51 37.36 -51.86
CA ALA B 88 -38.88 37.19 -52.34
C ALA B 88 -38.94 37.29 -53.86
N VAL B 89 -38.20 38.24 -54.44
CA VAL B 89 -38.07 38.39 -55.88
C VAL B 89 -36.59 38.33 -56.22
N GLY B 90 -36.24 37.49 -57.20
CA GLY B 90 -34.86 37.36 -57.63
C GLY B 90 -34.05 36.42 -56.75
N SER B 91 -32.79 36.26 -57.14
CA SER B 91 -31.88 35.38 -56.41
C SER B 91 -30.45 35.85 -56.63
N ILE B 92 -29.58 35.50 -55.69
CA ILE B 92 -28.15 35.80 -55.77
C ILE B 92 -27.38 34.51 -55.60
N ARG B 93 -26.42 34.26 -56.51
CA ARG B 93 -25.62 33.06 -56.50
C ARG B 93 -24.16 33.40 -56.34
N TYR B 94 -23.47 32.65 -55.48
CA TYR B 94 -22.04 32.81 -55.25
C TYR B 94 -21.35 31.46 -55.38
N ASN B 95 -20.05 31.51 -55.68
CA ASN B 95 -19.25 30.31 -55.86
C ASN B 95 -18.03 30.36 -54.94
N TYR B 96 -17.59 29.19 -54.51
CA TYR B 96 -16.40 29.04 -53.68
C TYR B 96 -15.69 27.77 -54.07
N LEU B 97 -14.36 27.82 -54.05
CA LEU B 97 -13.53 26.67 -54.40
C LEU B 97 -12.73 26.22 -53.19
N LEU B 98 -12.48 24.92 -53.13
CA LEU B 98 -11.77 24.33 -51.99
C LEU B 98 -10.96 23.14 -52.47
N ASP B 99 -9.64 23.21 -52.31
CA ASP B 99 -8.72 22.12 -52.65
C ASP B 99 -7.80 21.95 -51.44
N VAL B 100 -8.21 21.08 -50.52
CA VAL B 100 -7.46 20.90 -49.28
C VAL B 100 -6.27 19.98 -49.54
N LEU B 101 -5.08 20.45 -49.18
CA LEU B 101 -3.87 19.65 -49.35
C LEU B 101 -3.78 18.60 -48.25
N GLU B 102 -3.12 17.49 -48.59
CA GLU B 102 -3.00 16.38 -47.65
C GLU B 102 -2.01 16.71 -46.55
N ARG B 103 -2.43 16.52 -45.30
CA ARG B 103 -1.58 16.72 -44.13
C ARG B 103 -1.80 15.54 -43.19
N SER B 104 -0.82 14.66 -43.11
CA SER B 104 -0.97 13.45 -42.33
C SER B 104 -1.08 13.78 -40.84
N PRO B 105 -1.87 13.00 -40.09
CA PRO B 105 -1.96 13.20 -38.64
C PRO B 105 -0.76 12.69 -37.85
N HIS B 106 0.35 12.38 -38.52
CA HIS B 106 1.53 11.88 -37.84
C HIS B 106 2.78 12.38 -38.55
N ARG B 107 3.88 12.45 -37.80
CA ARG B 107 5.17 12.68 -38.41
C ARG B 107 5.57 11.45 -39.23
N PRO B 108 6.39 11.63 -40.28
CA PRO B 108 6.68 10.49 -41.15
C PRO B 108 7.51 9.42 -40.46
N ILE B 109 6.90 8.27 -40.20
CA ILE B 109 7.59 7.14 -39.59
C ILE B 109 8.30 6.33 -40.67
N LEU B 110 9.24 5.50 -40.22
CA LEU B 110 10.01 4.67 -41.14
C LEU B 110 10.16 3.28 -40.55
N GLN B 111 10.41 2.31 -41.43
CA GLN B 111 10.56 0.93 -41.00
C GLN B 111 11.74 0.81 -40.04
N ALA B 112 11.51 0.10 -38.93
CA ALA B 112 12.53 -0.04 -37.91
C ALA B 112 13.69 -0.91 -38.42
N GLY B 113 14.72 -1.02 -37.60
CA GLY B 113 15.93 -1.71 -38.02
C GLY B 113 16.77 -0.88 -38.96
N LEU B 114 16.15 -0.36 -40.02
CA LEU B 114 16.84 0.57 -40.90
C LEU B 114 17.15 1.87 -40.16
N PRO B 115 18.36 2.42 -40.32
CA PRO B 115 19.46 1.95 -41.17
C PRO B 115 20.17 0.73 -40.59
N ALA B 116 20.61 -0.19 -41.44
CA ALA B 116 21.24 -1.42 -40.96
C ALA B 116 22.63 -1.12 -40.42
N ASN B 117 23.20 -2.11 -39.73
CA ASN B 117 24.53 -1.98 -39.18
C ASN B 117 25.56 -1.85 -40.31
N THR B 118 26.48 -0.91 -40.15
CA THR B 118 27.52 -0.66 -41.15
C THR B 118 28.74 -1.52 -40.82
N THR B 119 28.98 -2.53 -41.65
CA THR B 119 30.14 -3.41 -41.47
C THR B 119 30.58 -3.85 -42.87
N ALA B 120 31.54 -3.12 -43.44
CA ALA B 120 32.03 -3.41 -44.77
C ALA B 120 33.40 -2.78 -44.94
N VAL B 121 34.08 -3.18 -46.02
CA VAL B 121 35.39 -2.67 -46.39
C VAL B 121 35.34 -2.21 -47.84
N VAL B 122 36.49 -1.76 -48.35
CA VAL B 122 36.57 -1.29 -49.72
C VAL B 122 36.34 -2.45 -50.67
N GLY B 123 35.49 -2.25 -51.67
CA GLY B 123 35.14 -3.30 -52.60
C GLY B 123 33.65 -3.60 -52.58
N SER B 124 33.06 -3.57 -51.40
CA SER B 124 31.62 -3.75 -51.20
C SER B 124 31.15 -2.61 -50.31
N ASP B 125 30.75 -1.49 -50.93
CA ASP B 125 30.41 -0.30 -50.18
C ASP B 125 29.09 -0.47 -49.45
N VAL B 126 28.94 0.30 -48.37
CA VAL B 126 27.74 0.20 -47.53
C VAL B 126 26.55 0.80 -48.27
N GLU B 127 25.46 0.04 -48.34
CA GLU B 127 24.22 0.49 -48.95
C GLU B 127 23.20 0.68 -47.83
N LEU B 128 23.18 1.87 -47.25
CA LEU B 128 22.30 2.18 -46.14
C LEU B 128 20.91 2.55 -46.66
N LEU B 129 19.88 1.94 -46.08
CA LEU B 129 18.51 2.10 -46.55
C LEU B 129 17.62 2.61 -45.42
N CYS B 130 16.64 3.43 -45.80
CA CYS B 130 15.61 3.90 -44.88
C CYS B 130 14.38 4.24 -45.70
N LYS B 131 13.31 3.46 -45.53
CA LYS B 131 12.07 3.68 -46.25
C LYS B 131 11.05 4.35 -45.34
N VAL B 132 10.43 5.42 -45.83
CA VAL B 132 9.49 6.22 -45.06
C VAL B 132 8.10 6.08 -45.66
N TYR B 133 7.11 5.92 -44.78
CA TYR B 133 5.71 5.76 -45.19
C TYR B 133 5.02 7.10 -45.04
N SER B 134 4.66 7.71 -46.17
CA SER B 134 3.97 9.01 -46.15
C SER B 134 3.21 9.17 -47.46
N ASP B 135 2.26 10.10 -47.45
CA ASP B 135 1.48 10.38 -48.65
C ASP B 135 2.33 11.03 -49.73
N ALA B 136 2.88 12.20 -49.45
CA ALA B 136 3.78 12.89 -50.35
C ALA B 136 5.22 12.56 -49.99
N GLN B 137 6.16 13.23 -50.62
CA GLN B 137 7.58 13.00 -50.33
C GLN B 137 7.98 13.83 -49.12
N PRO B 138 8.39 13.20 -48.02
CA PRO B 138 8.71 13.97 -46.81
C PRO B 138 10.16 14.45 -46.79
N HIS B 139 10.55 15.12 -45.70
CA HIS B 139 11.92 15.59 -45.53
C HIS B 139 12.71 14.53 -44.79
N ILE B 140 13.71 13.97 -45.46
CA ILE B 140 14.55 12.90 -44.89
C ILE B 140 16.00 13.37 -44.92
N GLN B 141 16.66 13.29 -43.78
CA GLN B 141 18.07 13.65 -43.65
C GLN B 141 18.82 12.52 -42.94
N TRP B 142 20.15 12.63 -42.95
CA TRP B 142 21.01 11.62 -42.35
C TRP B 142 21.68 12.09 -41.06
N LEU B 143 22.18 13.32 -41.03
CA LEU B 143 22.69 13.94 -39.81
C LEU B 143 23.83 13.12 -39.20
N LYS B 144 24.92 13.00 -39.95
CA LYS B 144 26.12 12.35 -39.44
C LYS B 144 26.67 13.14 -38.25
N HIS B 145 26.99 12.43 -37.18
CA HIS B 145 27.44 13.07 -35.95
C HIS B 145 28.90 13.45 -36.05
N ILE B 146 29.21 14.69 -35.68
CA ILE B 146 30.60 15.15 -35.62
C ILE B 146 31.23 14.59 -34.35
N VAL B 147 32.39 13.96 -34.49
CA VAL B 147 33.03 13.25 -33.39
C VAL B 147 33.79 14.24 -32.50
N ILE B 148 33.12 14.74 -31.47
CA ILE B 148 33.76 15.56 -30.45
C ILE B 148 33.40 14.99 -29.08
N ASN B 149 34.41 14.56 -28.33
CA ASN B 149 34.23 13.99 -26.99
C ASN B 149 33.27 12.81 -27.01
N GLY B 150 33.30 12.02 -28.08
CA GLY B 150 32.43 10.87 -28.21
C GLY B 150 30.96 11.24 -28.21
N SER B 151 30.60 12.25 -28.99
CA SER B 151 29.24 12.76 -29.00
C SER B 151 28.29 11.82 -29.73
N SER B 152 27.77 10.82 -29.01
CA SER B 152 26.79 9.90 -29.58
C SER B 152 25.58 9.78 -28.65
N PHE B 153 25.80 10.01 -27.35
CA PHE B 153 24.72 9.93 -26.37
C PHE B 153 25.04 10.95 -25.27
N GLY B 154 24.44 12.13 -25.37
CA GLY B 154 24.68 13.17 -24.39
C GLY B 154 23.45 14.01 -24.09
N ALA B 155 23.62 15.33 -24.11
CA ALA B 155 22.53 16.26 -23.78
C ALA B 155 22.85 17.60 -24.43
N ASP B 156 22.12 18.63 -24.00
CA ASP B 156 22.31 20.03 -24.41
C ASP B 156 22.33 20.22 -25.93
N GLY B 157 21.78 19.26 -26.68
CA GLY B 157 21.69 19.38 -28.12
C GLY B 157 22.99 19.05 -28.83
N PHE B 158 22.90 18.32 -29.93
CA PHE B 158 24.06 17.92 -30.73
C PHE B 158 23.79 18.26 -32.19
N PRO B 159 23.88 19.53 -32.57
CA PRO B 159 23.64 19.91 -33.97
C PRO B 159 24.86 19.63 -34.83
N TYR B 160 24.78 18.57 -35.64
CA TYR B 160 25.85 18.17 -36.55
C TYR B 160 25.21 17.99 -37.93
N VAL B 161 25.17 19.07 -38.71
CA VAL B 161 24.51 19.04 -40.01
C VAL B 161 25.36 18.23 -40.99
N GLN B 162 24.70 17.41 -41.80
CA GLN B 162 25.36 16.63 -42.83
C GLN B 162 24.31 16.27 -43.87
N VAL B 163 24.34 16.96 -45.01
CA VAL B 163 23.28 16.86 -46.02
C VAL B 163 23.86 16.23 -47.28
N LEU B 164 23.24 15.16 -47.74
CA LEU B 164 23.57 14.53 -49.02
C LEU B 164 22.41 14.58 -49.99
N LYS B 165 21.23 14.13 -49.57
CA LYS B 165 20.04 14.18 -50.42
C LYS B 165 18.80 14.12 -49.53
N THR B 166 17.78 14.90 -49.89
CA THR B 166 16.50 14.88 -49.20
C THR B 166 15.39 14.65 -50.22
N ALA B 167 14.45 13.78 -49.87
CA ALA B 167 13.35 13.44 -50.76
C ALA B 167 12.25 12.73 -50.01
N VAL B 174 10.99 4.77 -50.55
CA VAL B 174 12.24 4.17 -50.08
C VAL B 174 13.43 4.89 -50.70
N GLU B 175 14.39 5.26 -49.85
CA GLU B 175 15.61 5.94 -50.29
C GLU B 175 16.82 5.16 -49.80
N VAL B 176 17.90 5.22 -50.57
CA VAL B 176 19.12 4.49 -50.28
C VAL B 176 20.31 5.44 -50.34
N LEU B 177 21.38 5.07 -49.66
CA LEU B 177 22.62 5.83 -49.65
C LEU B 177 23.79 4.91 -49.99
N TYR B 178 24.73 5.43 -50.76
CA TYR B 178 25.91 4.69 -51.18
C TYR B 178 27.11 5.27 -50.44
N LEU B 179 27.53 4.62 -49.36
CA LEU B 179 28.70 5.03 -48.58
C LEU B 179 29.94 4.55 -49.33
N ARG B 180 30.33 5.32 -50.34
CA ARG B 180 31.44 4.94 -51.20
C ARG B 180 32.75 4.89 -50.41
N ASN B 181 33.56 3.88 -50.69
CA ASN B 181 34.88 3.70 -50.08
C ASN B 181 34.76 3.62 -48.55
N VAL B 182 34.07 2.58 -48.09
CA VAL B 182 33.87 2.37 -46.67
C VAL B 182 35.14 1.79 -46.06
N SER B 183 35.65 2.45 -45.03
CA SER B 183 36.86 2.00 -44.35
C SER B 183 36.81 2.41 -42.89
N ALA B 184 37.95 2.37 -42.20
CA ALA B 184 38.02 2.73 -40.80
C ALA B 184 38.41 4.21 -40.63
N GLU B 185 37.58 5.10 -41.15
CA GLU B 185 37.73 6.53 -40.86
C GLU B 185 36.42 7.21 -40.47
N ASP B 186 35.28 6.66 -40.85
CA ASP B 186 33.97 7.23 -40.52
C ASP B 186 33.20 6.20 -39.68
N ALA B 187 33.02 6.51 -38.40
CA ALA B 187 32.34 5.62 -37.47
C ALA B 187 31.28 6.41 -36.68
N GLY B 188 30.71 5.76 -35.68
CA GLY B 188 29.70 6.36 -34.85
C GLY B 188 28.33 5.78 -35.10
N GLU B 189 27.31 6.57 -34.74
CA GLU B 189 25.92 6.18 -34.90
C GLU B 189 25.29 7.02 -36.01
N TYR B 190 24.55 6.38 -36.89
CA TYR B 190 23.91 7.02 -38.03
C TYR B 190 22.41 7.11 -37.82
N THR B 191 21.79 8.11 -38.42
CA THR B 191 20.36 8.36 -38.26
C THR B 191 19.72 8.60 -39.62
N CYS B 192 18.40 8.49 -39.64
CA CYS B 192 17.58 8.79 -40.82
C CYS B 192 16.55 9.82 -40.39
N LEU B 193 16.91 11.10 -40.50
CA LEU B 193 16.10 12.20 -39.98
C LEU B 193 14.91 12.44 -40.91
N ALA B 194 13.88 11.61 -40.73
CA ALA B 194 12.64 11.75 -41.47
C ALA B 194 11.72 12.71 -40.75
N GLY B 195 11.25 13.74 -41.46
CA GLY B 195 10.43 14.75 -40.83
C GLY B 195 9.49 15.43 -41.80
N ASN B 196 8.49 16.09 -41.24
CA ASN B 196 7.53 16.89 -41.99
C ASN B 196 7.07 18.04 -41.10
N SER B 197 5.95 18.66 -41.46
CA SER B 197 5.43 19.77 -40.67
C SER B 197 5.06 19.32 -39.26
N ILE B 198 4.45 18.14 -39.14
CA ILE B 198 3.98 17.67 -37.84
C ILE B 198 5.16 17.43 -36.89
N GLY B 199 6.21 16.77 -37.39
CA GLY B 199 7.34 16.47 -36.55
C GLY B 199 8.45 15.80 -37.34
N LEU B 200 9.51 15.45 -36.63
CA LEU B 200 10.69 14.81 -37.22
C LEU B 200 11.01 13.54 -36.45
N SER B 201 11.45 12.52 -37.17
CA SER B 201 11.76 11.22 -36.58
C SER B 201 13.08 10.70 -37.12
N TYR B 202 13.73 9.85 -36.34
CA TYR B 202 14.95 9.17 -36.77
C TYR B 202 15.03 7.82 -36.07
N GLN B 203 15.79 6.91 -36.67
CA GLN B 203 16.00 5.58 -36.13
C GLN B 203 17.47 5.21 -36.21
N SER B 204 17.88 4.32 -35.32
CA SER B 204 19.26 3.87 -35.25
C SER B 204 19.30 2.50 -34.59
N ALA B 205 20.45 1.84 -34.73
CA ALA B 205 20.65 0.51 -34.17
C ALA B 205 22.12 0.39 -33.75
N TRP B 206 22.57 -0.83 -33.51
CA TRP B 206 23.96 -1.09 -33.12
C TRP B 206 24.85 -1.01 -34.36
N LEU B 207 25.02 0.22 -34.85
CA LEU B 207 25.80 0.48 -36.05
C LEU B 207 27.26 0.69 -35.63
N THR B 208 28.06 -0.36 -35.76
CA THR B 208 29.48 -0.31 -35.41
C THR B 208 30.29 -0.75 -36.61
N VAL B 209 31.24 0.08 -37.02
CA VAL B 209 32.08 -0.18 -38.18
C VAL B 209 33.54 -0.13 -37.74
N LEU B 210 34.39 -0.86 -38.46
CA LEU B 210 35.82 -0.91 -38.17
C LEU B 210 36.45 0.48 -38.06
N GLU C 1 -3.23 28.51 22.76
CA GLU C 1 -4.57 29.06 22.55
C GLU C 1 -5.53 27.97 22.09
N PRO C 2 -6.78 28.05 22.52
CA PRO C 2 -7.75 27.01 22.18
C PRO C 2 -7.95 26.89 20.67
N GLY C 3 -8.14 25.66 20.21
CA GLY C 3 -8.26 25.37 18.80
C GLY C 3 -6.95 25.13 18.08
N ASP C 4 -5.82 25.43 18.72
CA ASP C 4 -4.53 25.16 18.09
C ASP C 4 -4.28 23.67 17.93
N GLY C 5 -4.75 22.87 18.89
CA GLY C 5 -4.54 21.43 18.87
C GLY C 5 -5.50 20.64 18.02
N ALA C 6 -6.41 21.30 17.32
CA ALA C 6 -7.33 20.59 16.43
C ALA C 6 -6.61 19.97 15.24
N GLN C 7 -5.38 20.39 14.97
CA GLN C 7 -4.58 19.83 13.89
C GLN C 7 -3.83 18.57 14.30
N THR C 8 -3.99 18.13 15.55
CA THR C 8 -3.22 16.97 16.03
C THR C 8 -3.54 15.72 15.22
N TRP C 9 -4.83 15.48 14.94
CA TRP C 9 -5.19 14.30 14.17
C TRP C 9 -4.65 14.35 12.76
N ALA C 10 -4.45 15.55 12.21
CA ALA C 10 -3.89 15.67 10.86
C ALA C 10 -2.45 15.17 10.81
N ARG C 11 -1.65 15.51 11.82
CA ARG C 11 -0.25 15.10 11.82
C ARG C 11 -0.11 13.59 12.02
N PHE C 12 -0.97 13.00 12.83
CA PHE C 12 -0.89 11.57 13.14
C PHE C 12 -1.78 10.72 12.24
N SER C 13 -2.49 11.35 11.29
CA SER C 13 -3.25 10.56 10.31
C SER C 13 -2.31 9.77 9.41
N ARG C 14 -1.22 10.37 8.98
CA ARG C 14 -0.24 9.67 8.15
C ARG C 14 0.60 8.74 9.02
N PRO C 15 0.68 7.46 8.68
CA PRO C 15 1.49 6.53 9.48
C PRO C 15 2.95 6.93 9.45
N PRO C 16 3.66 6.77 10.57
CA PRO C 16 5.09 7.11 10.58
C PRO C 16 5.91 6.11 9.78
N ALA C 17 7.04 6.57 9.30
CA ALA C 17 7.94 5.70 8.54
C ALA C 17 8.53 4.64 9.46
N PRO C 18 8.38 3.36 9.15
CA PRO C 18 8.89 2.32 10.06
C PRO C 18 10.39 2.10 9.94
N GLU C 19 11.16 3.20 9.89
CA GLU C 19 12.60 3.14 9.96
C GLU C 19 13.14 3.91 11.16
N ALA C 20 12.77 5.19 11.29
CA ALA C 20 13.15 5.95 12.47
C ALA C 20 12.28 5.57 13.67
N ALA C 21 11.00 5.31 13.42
CA ALA C 21 10.10 4.86 14.48
C ALA C 21 10.21 3.37 14.77
N GLY C 22 10.87 2.60 13.90
CA GLY C 22 11.05 1.18 14.14
C GLY C 22 12.10 0.90 15.21
N LEU C 23 13.35 1.21 14.92
CA LEU C 23 14.43 1.10 15.90
C LEU C 23 14.68 2.44 16.58
N PHE C 24 13.61 2.98 17.18
CA PHE C 24 13.64 4.30 17.78
C PHE C 24 14.69 4.39 18.89
N GLN C 25 14.44 3.68 20.00
CA GLN C 25 15.40 3.49 21.08
C GLN C 25 16.10 4.80 21.47
N GLY C 26 15.30 5.75 21.96
CA GLY C 26 15.82 7.02 22.40
C GLY C 26 16.25 7.01 23.86
N THR C 27 16.81 8.14 24.29
CA THR C 27 17.24 8.33 25.67
C THR C 27 16.62 9.60 26.20
N PHE C 28 16.04 9.52 27.40
CA PHE C 28 15.35 10.67 27.97
C PHE C 28 16.33 11.80 28.29
N PRO C 29 15.87 13.04 28.23
CA PRO C 29 16.78 14.17 28.46
C PRO C 29 17.30 14.20 29.89
N ASP C 30 18.49 14.79 30.04
CA ASP C 30 19.08 14.94 31.36
C ASP C 30 18.23 15.86 32.23
N GLY C 31 18.21 15.58 33.53
CA GLY C 31 17.34 16.29 34.44
C GLY C 31 15.92 15.80 34.46
N PHE C 32 15.63 14.68 33.80
CA PHE C 32 14.28 14.13 33.80
C PHE C 32 13.86 13.73 35.19
N LEU C 33 12.58 13.90 35.50
CA LEU C 33 12.04 13.61 36.81
C LEU C 33 11.37 12.24 36.76
N TRP C 34 12.12 11.21 37.11
CA TRP C 34 11.58 9.86 37.21
C TRP C 34 10.87 9.74 38.55
N ALA C 35 9.55 9.64 38.52
CA ALA C 35 8.75 9.68 39.73
C ALA C 35 7.87 8.43 39.82
N VAL C 36 7.39 8.16 41.02
CA VAL C 36 6.44 7.08 41.27
C VAL C 36 5.39 7.59 42.25
N GLY C 37 4.13 7.30 41.95
CA GLY C 37 3.02 7.95 42.62
C GLY C 37 2.42 7.15 43.77
N SER C 38 1.68 7.87 44.62
CA SER C 38 0.97 7.29 45.75
C SER C 38 -0.11 8.27 46.19
N ALA C 39 -1.01 7.79 47.02
CA ALA C 39 -2.11 8.59 47.53
C ALA C 39 -2.11 8.54 49.06
N ALA C 40 -3.12 9.16 49.67
CA ALA C 40 -3.30 9.10 51.10
C ALA C 40 -4.50 8.26 51.52
N TYR C 41 -5.32 7.83 50.58
CA TYR C 41 -6.36 6.84 50.84
C TYR C 41 -6.12 5.52 50.16
N GLN C 42 -5.43 5.53 49.02
CA GLN C 42 -5.07 4.28 48.35
C GLN C 42 -4.16 3.43 49.22
N THR C 43 -3.15 4.03 49.82
CA THR C 43 -2.08 3.29 50.47
C THR C 43 -1.92 3.57 51.96
N GLU C 44 -2.23 4.78 52.42
CA GLU C 44 -1.81 5.18 53.77
C GLU C 44 -2.43 4.28 54.84
N GLY C 45 -3.74 4.10 54.81
CA GLY C 45 -4.41 3.31 55.82
C GLY C 45 -4.38 4.00 57.17
N GLY C 46 -4.92 3.29 58.17
CA GLY C 46 -5.03 3.86 59.50
C GLY C 46 -6.02 5.01 59.53
N TRP C 47 -7.31 4.69 59.36
CA TRP C 47 -8.33 5.70 59.20
C TRP C 47 -8.77 6.32 60.52
N GLN C 48 -8.29 5.83 61.66
CA GLN C 48 -8.62 6.43 62.95
C GLN C 48 -7.39 6.56 63.85
N GLN C 49 -6.19 6.34 63.33
CA GLN C 49 -5.00 6.29 64.17
C GLN C 49 -4.55 7.68 64.56
N HIS C 50 -4.20 7.83 65.84
CA HIS C 50 -3.60 9.06 66.37
C HIS C 50 -4.51 10.27 66.16
N GLY C 51 -5.80 10.09 66.40
CA GLY C 51 -6.72 11.20 66.30
C GLY C 51 -7.04 11.64 64.88
N LYS C 52 -6.84 10.76 63.91
CA LYS C 52 -7.15 11.10 62.53
C LYS C 52 -8.63 11.38 62.36
N GLY C 53 -8.95 12.30 61.45
CA GLY C 53 -10.32 12.70 61.20
C GLY C 53 -11.09 11.65 60.43
N ALA C 54 -12.05 12.12 59.63
CA ALA C 54 -12.87 11.23 58.82
C ALA C 54 -13.00 11.84 57.44
N SER C 55 -12.43 11.19 56.43
CA SER C 55 -12.57 11.63 55.06
C SER C 55 -13.96 11.29 54.54
N ILE C 56 -14.31 11.87 53.39
CA ILE C 56 -15.54 11.47 52.72
C ILE C 56 -15.44 10.06 52.20
N TRP C 57 -14.22 9.54 52.04
CA TRP C 57 -14.05 8.16 51.60
C TRP C 57 -14.33 7.18 52.74
N ASP C 58 -13.91 7.53 53.96
CA ASP C 58 -14.17 6.65 55.10
C ASP C 58 -15.67 6.50 55.35
N THR C 59 -16.46 7.48 54.93
CA THR C 59 -17.91 7.37 55.02
C THR C 59 -18.53 6.83 53.74
N PHE C 60 -17.82 6.91 52.61
CA PHE C 60 -18.36 6.33 51.37
C PHE C 60 -18.26 4.82 51.38
N THR C 61 -17.12 4.28 51.82
CA THR C 61 -16.95 2.83 51.84
C THR C 61 -17.88 2.18 52.86
N HIS C 62 -18.02 2.78 54.03
CA HIS C 62 -18.92 2.25 55.05
C HIS C 62 -20.38 2.55 54.73
N HIS C 63 -20.64 3.64 54.00
CA HIS C 63 -21.95 4.14 53.59
C HIS C 63 -22.98 4.03 54.72
N PRO C 64 -22.87 4.85 55.78
CA PRO C 64 -23.83 4.79 56.88
C PRO C 64 -25.11 5.57 56.59
N PRO C 86 -17.57 -3.68 53.40
CA PRO C 86 -16.81 -4.50 52.45
C PRO C 86 -16.02 -3.65 51.46
N ALA C 87 -14.79 -4.07 51.16
CA ALA C 87 -13.90 -3.36 50.24
C ALA C 87 -13.73 -1.89 50.67
N THR C 88 -13.15 -1.72 51.84
CA THR C 88 -12.94 -0.41 52.43
C THR C 88 -11.45 -0.15 52.62
N GLY C 89 -11.10 1.13 52.72
CA GLY C 89 -9.71 1.52 52.85
C GLY C 89 -9.31 1.88 54.27
N ASP C 90 -9.89 1.19 55.25
CA ASP C 90 -9.51 1.43 56.65
C ASP C 90 -8.01 1.16 56.85
N VAL C 91 -7.55 -0.02 56.44
CA VAL C 91 -6.14 -0.33 56.34
C VAL C 91 -5.94 -1.00 54.99
N ALA C 92 -5.57 -0.22 53.98
CA ALA C 92 -5.44 -0.74 52.62
C ALA C 92 -4.05 -1.32 52.40
N SER C 93 -3.02 -0.49 52.53
CA SER C 93 -1.65 -0.93 52.43
C SER C 93 -0.88 -0.73 53.73
N ASP C 94 -1.51 -0.15 54.75
CA ASP C 94 -0.87 0.07 56.05
C ASP C 94 0.39 0.91 55.91
N SER C 95 0.36 1.88 54.99
CA SER C 95 1.51 2.74 54.76
C SER C 95 1.68 3.79 55.86
N TYR C 96 0.63 4.08 56.62
CA TYR C 96 0.74 5.05 57.70
C TYR C 96 1.71 4.58 58.76
N ASN C 97 1.61 3.31 59.16
CA ASN C 97 2.53 2.75 60.14
C ASN C 97 3.84 2.27 59.53
N ASN C 98 3.89 2.13 58.21
CA ASN C 98 5.05 1.58 57.52
C ASN C 98 5.68 2.69 56.68
N VAL C 99 6.58 3.45 57.28
CA VAL C 99 7.33 4.46 56.56
C VAL C 99 8.65 3.90 56.03
N PHE C 100 9.28 3.03 56.82
CA PHE C 100 10.57 2.48 56.42
C PHE C 100 10.46 1.58 55.19
N ARG C 101 9.39 0.78 55.11
CA ARG C 101 9.25 -0.12 53.99
C ARG C 101 8.82 0.60 52.72
N ASP C 102 8.15 1.76 52.85
CA ASP C 102 7.79 2.53 51.67
C ASP C 102 9.01 3.20 51.07
N THR C 103 9.85 3.81 51.90
CA THR C 103 11.02 4.50 51.39
C THR C 103 12.10 3.53 50.94
N GLU C 104 12.14 2.33 51.54
CA GLU C 104 13.08 1.31 51.06
C GLU C 104 12.74 0.88 49.64
N ALA C 105 11.45 0.78 49.34
CA ALA C 105 11.05 0.48 47.97
C ALA C 105 11.49 1.58 47.02
N LEU C 106 11.37 2.84 47.44
CA LEU C 106 11.81 3.96 46.60
C LEU C 106 13.32 3.93 46.41
N ARG C 107 14.07 3.58 47.45
CA ARG C 107 15.53 3.54 47.33
C ARG C 107 15.97 2.47 46.34
N GLU C 108 15.35 1.29 46.40
CA GLU C 108 15.69 0.21 45.48
C GLU C 108 15.02 0.35 44.12
N LEU C 109 14.05 1.25 43.99
CA LEU C 109 13.45 1.54 42.69
C LEU C 109 14.28 2.48 41.85
N GLY C 110 15.28 3.14 42.44
CA GLY C 110 16.08 4.10 41.71
C GLY C 110 15.36 5.38 41.38
N VAL C 111 14.14 5.57 41.90
CA VAL C 111 13.35 6.74 41.56
C VAL C 111 13.97 7.99 42.18
N THR C 112 13.73 9.14 41.56
CA THR C 112 14.24 10.41 42.07
C THR C 112 13.16 11.32 42.62
N HIS C 113 11.88 11.03 42.36
CA HIS C 113 10.78 11.81 42.91
C HIS C 113 9.70 10.87 43.42
N TYR C 114 9.10 11.23 44.56
CA TYR C 114 8.00 10.46 45.14
C TYR C 114 6.78 11.36 45.18
N ARG C 115 5.79 11.04 44.34
CA ARG C 115 4.54 11.78 44.30
C ARG C 115 3.58 11.13 45.29
N PHE C 116 3.32 11.82 46.40
CA PHE C 116 2.36 11.35 47.40
C PHE C 116 1.45 12.49 47.76
N SER C 117 0.44 12.20 48.58
CA SER C 117 -0.56 13.17 48.95
C SER C 117 -0.71 13.22 50.47
N ILE C 118 -1.17 14.37 50.95
CA ILE C 118 -1.41 14.59 52.36
C ILE C 118 -2.90 14.45 52.63
N SER C 119 -3.25 13.62 53.61
CA SER C 119 -4.65 13.43 53.96
C SER C 119 -5.16 14.66 54.70
N TRP C 120 -6.17 15.32 54.13
CA TRP C 120 -6.69 16.55 54.72
C TRP C 120 -7.23 16.28 56.13
N ALA C 121 -7.99 15.21 56.29
CA ALA C 121 -8.58 14.91 57.60
C ALA C 121 -7.56 14.42 58.60
N ARG C 122 -6.36 14.02 58.15
CA ARG C 122 -5.34 13.56 59.07
C ARG C 122 -4.64 14.71 59.77
N VAL C 123 -4.17 15.69 58.98
CA VAL C 123 -3.42 16.81 59.56
C VAL C 123 -4.35 17.72 60.36
N LEU C 124 -5.57 17.93 59.88
CA LEU C 124 -6.52 18.86 60.49
C LEU C 124 -7.84 18.14 60.74
N PRO C 125 -7.89 17.29 61.76
CA PRO C 125 -9.11 16.51 62.02
C PRO C 125 -10.30 17.35 62.47
N ASN C 126 -10.10 18.14 63.54
CA ASN C 126 -11.23 18.82 64.17
C ASN C 126 -11.69 20.01 63.34
N GLY C 127 -10.77 20.77 62.79
CA GLY C 127 -11.13 21.94 62.01
C GLY C 127 -9.91 22.61 61.43
N SER C 128 -10.12 23.30 60.31
CA SER C 128 -9.03 24.01 59.65
C SER C 128 -8.48 25.11 60.55
N ALA C 129 -9.36 25.87 61.20
CA ALA C 129 -8.95 26.88 62.17
C ALA C 129 -8.94 26.30 63.58
N GLY C 130 -8.25 25.17 63.76
CA GLY C 130 -8.13 24.51 65.03
C GLY C 130 -6.68 24.15 65.32
N VAL C 131 -6.51 23.12 66.12
CA VAL C 131 -5.18 22.63 66.50
C VAL C 131 -4.76 21.57 65.46
N PRO C 132 -3.63 21.75 64.78
CA PRO C 132 -3.17 20.71 63.86
C PRO C 132 -2.85 19.42 64.61
N ASN C 133 -3.08 18.30 63.93
CA ASN C 133 -2.78 17.00 64.53
C ASN C 133 -1.28 16.79 64.57
N ARG C 134 -0.70 16.84 65.76
CA ARG C 134 0.74 16.74 65.90
C ARG C 134 1.25 15.38 65.43
N GLU C 135 0.52 14.31 65.76
CA GLU C 135 0.92 12.98 65.32
C GLU C 135 0.76 12.83 63.81
N GLY C 136 -0.33 13.38 63.25
CA GLY C 136 -0.50 13.35 61.81
C GLY C 136 0.59 14.11 61.08
N LEU C 137 0.95 15.30 61.58
CA LEU C 137 2.07 16.02 61.02
C LEU C 137 3.38 15.28 61.23
N ARG C 138 3.48 14.51 62.32
CA ARG C 138 4.71 13.79 62.59
C ARG C 138 4.95 12.70 61.56
N TYR C 139 3.89 12.07 61.06
CA TYR C 139 4.05 11.03 60.05
C TYR C 139 4.66 11.60 58.76
N TYR C 140 4.18 12.77 58.33
CA TYR C 140 4.64 13.32 57.07
C TYR C 140 6.04 13.90 57.17
N ARG C 141 6.43 14.43 58.33
CA ARG C 141 7.79 14.93 58.47
C ARG C 141 8.80 13.78 58.56
N ARG C 142 8.40 12.66 59.15
CA ARG C 142 9.24 11.47 59.10
C ARG C 142 9.37 10.96 57.67
N LEU C 143 8.27 10.97 56.91
CA LEU C 143 8.31 10.55 55.52
C LEU C 143 9.21 11.45 54.69
N LEU C 144 9.13 12.77 54.90
CA LEU C 144 9.96 13.69 54.13
C LEU C 144 11.41 13.65 54.59
N GLU C 145 11.66 13.38 55.87
CA GLU C 145 13.03 13.19 56.34
C GLU C 145 13.65 11.96 55.69
N ARG C 146 12.88 10.87 55.59
CA ARG C 146 13.38 9.69 54.89
C ARG C 146 13.60 9.97 53.41
N LEU C 147 12.69 10.72 52.79
CA LEU C 147 12.86 11.07 51.38
C LEU C 147 14.09 11.95 51.17
N ARG C 148 14.39 12.81 52.14
CA ARG C 148 15.59 13.65 52.04
C ARG C 148 16.86 12.82 52.11
N GLU C 149 16.89 11.82 53.00
CA GLU C 149 18.08 11.01 53.16
C GLU C 149 18.40 10.21 51.90
N LEU C 150 17.38 9.62 51.28
CA LEU C 150 17.59 8.83 50.06
C LEU C 150 17.87 9.70 48.84
N GLY C 151 17.68 11.01 48.93
CA GLY C 151 17.80 11.86 47.77
C GLY C 151 16.57 11.92 46.90
N VAL C 152 15.47 11.29 47.32
CA VAL C 152 14.23 11.29 46.55
C VAL C 152 13.47 12.56 46.90
N GLN C 153 13.34 13.47 45.94
CA GLN C 153 12.56 14.67 46.15
C GLN C 153 11.08 14.35 46.19
N PRO C 154 10.30 15.08 46.99
CA PRO C 154 8.86 14.82 47.06
C PRO C 154 8.06 15.67 46.09
N VAL C 155 6.88 15.15 45.75
CA VAL C 155 5.88 15.86 44.96
C VAL C 155 4.57 15.70 45.73
N VAL C 156 4.25 16.68 46.57
CA VAL C 156 3.13 16.55 47.49
C VAL C 156 1.84 16.99 46.81
N THR C 157 0.81 16.16 46.91
CA THR C 157 -0.53 16.50 46.46
C THR C 157 -1.35 16.90 47.68
N LEU C 158 -1.83 18.14 47.70
CA LEU C 158 -2.60 18.60 48.85
C LEU C 158 -3.91 17.83 48.99
N TYR C 159 -4.60 17.59 47.88
CA TYR C 159 -5.93 17.00 47.89
C TYR C 159 -5.97 15.86 46.89
N HIS C 160 -6.28 14.66 47.36
CA HIS C 160 -6.37 13.47 46.52
C HIS C 160 -7.68 12.75 46.76
N TRP C 161 -8.77 13.50 46.70
CA TRP C 161 -10.17 13.04 46.74
C TRP C 161 -10.63 12.69 48.15
N ASP C 162 -9.86 12.99 49.18
CA ASP C 162 -10.22 12.68 50.56
C ASP C 162 -10.48 13.98 51.31
N LEU C 163 -11.69 14.51 51.17
CA LEU C 163 -12.17 15.70 51.86
C LEU C 163 -12.73 15.33 53.22
N PRO C 164 -12.42 16.10 54.26
CA PRO C 164 -12.91 15.76 55.60
C PRO C 164 -14.43 15.70 55.65
N GLN C 165 -14.96 14.77 56.43
CA GLN C 165 -16.40 14.67 56.59
C GLN C 165 -16.97 15.89 57.31
N ARG C 166 -16.15 16.56 58.13
CA ARG C 166 -16.61 17.76 58.81
C ARG C 166 -16.93 18.87 57.82
N LEU C 167 -16.30 18.86 56.65
CA LEU C 167 -16.58 19.83 55.60
C LEU C 167 -17.61 19.34 54.59
N GLN C 168 -18.14 18.13 54.76
CA GLN C 168 -19.15 17.60 53.86
C GLN C 168 -20.55 17.64 54.44
N ASP C 169 -20.70 17.41 55.75
CA ASP C 169 -22.00 17.46 56.38
C ASP C 169 -22.31 18.83 56.99
N ALA C 170 -21.35 19.75 57.00
CA ALA C 170 -21.56 21.09 57.56
C ALA C 170 -21.75 22.13 56.45
N TYR C 171 -20.80 22.24 55.54
CA TYR C 171 -20.89 23.19 54.44
C TYR C 171 -21.42 22.57 53.15
N GLY C 172 -21.74 21.27 53.16
CA GLY C 172 -22.25 20.61 51.97
C GLY C 172 -21.19 20.15 51.00
N GLY C 173 -19.91 20.32 51.32
CA GLY C 173 -18.86 19.84 50.44
C GLY C 173 -18.30 20.91 49.53
N TRP C 174 -17.77 20.49 48.38
CA TRP C 174 -17.24 21.44 47.41
C TRP C 174 -18.31 22.27 46.73
N ALA C 175 -19.58 21.92 46.90
CA ALA C 175 -20.66 22.72 46.33
C ALA C 175 -20.72 24.11 46.95
N ASN C 176 -20.14 24.30 48.13
CA ASN C 176 -20.08 25.58 48.80
C ASN C 176 -18.81 26.32 48.38
N ARG C 177 -18.90 27.65 48.32
CA ARG C 177 -17.75 28.48 48.05
C ARG C 177 -16.99 28.87 49.30
N ALA C 178 -17.43 28.40 50.48
CA ALA C 178 -16.71 28.66 51.72
C ALA C 178 -15.60 27.65 51.97
N LEU C 179 -15.46 26.64 51.12
CA LEU C 179 -14.37 25.68 51.23
C LEU C 179 -13.08 26.18 50.62
N ALA C 180 -13.13 27.26 49.84
CA ALA C 180 -11.88 27.85 49.34
C ALA C 180 -11.04 28.39 50.48
N ASP C 181 -11.70 28.99 51.49
CA ASP C 181 -10.96 29.49 52.65
C ASP C 181 -10.46 28.35 53.52
N HIS C 182 -11.21 27.25 53.59
CA HIS C 182 -10.77 26.10 54.38
C HIS C 182 -9.66 25.34 53.67
N PHE C 183 -9.71 25.27 52.34
CA PHE C 183 -8.60 24.68 51.60
C PHE C 183 -7.36 25.56 51.68
N ARG C 184 -7.54 26.88 51.61
CA ARG C 184 -6.41 27.80 51.70
C ARG C 184 -5.75 27.73 53.07
N ASP C 185 -6.55 27.64 54.14
CA ASP C 185 -5.98 27.53 55.48
C ASP C 185 -5.27 26.20 55.67
N TYR C 186 -5.76 25.15 55.02
CA TYR C 186 -5.09 23.86 55.09
C TYR C 186 -3.83 23.86 54.23
N ALA C 187 -3.89 24.49 53.06
CA ALA C 187 -2.70 24.57 52.20
C ALA C 187 -1.59 25.36 52.87
N GLU C 188 -1.94 26.45 53.57
CA GLU C 188 -0.92 27.23 54.27
C GLU C 188 -0.23 26.39 55.34
N LEU C 189 -0.98 25.53 56.02
CA LEU C 189 -0.38 24.62 57.00
C LEU C 189 0.58 23.67 56.31
N CYS C 190 0.21 23.15 55.14
CA CYS C 190 1.12 22.29 54.39
C CYS C 190 2.33 23.06 53.88
N PHE C 191 2.11 24.25 53.31
CA PHE C 191 3.22 25.02 52.77
C PHE C 191 4.18 25.44 53.88
N ARG C 192 3.65 25.88 55.01
CA ARG C 192 4.49 26.35 56.11
C ARG C 192 5.33 25.21 56.69
N HIS C 193 4.69 24.07 56.94
CA HIS C 193 5.40 22.96 57.56
C HIS C 193 6.33 22.27 56.58
N PHE C 194 5.78 21.67 55.54
CA PHE C 194 6.54 20.91 54.55
C PHE C 194 6.91 21.77 53.35
N GLY C 195 7.60 22.88 53.58
CA GLY C 195 7.92 23.80 52.51
C GLY C 195 9.37 23.82 52.12
N GLY C 196 10.27 23.65 53.11
CA GLY C 196 11.69 23.67 52.83
C GLY C 196 12.18 22.48 52.04
N GLN C 197 11.45 21.37 52.07
CA GLN C 197 11.83 20.16 51.35
C GLN C 197 11.04 19.95 50.08
N VAL C 198 9.78 20.37 50.04
CA VAL C 198 8.91 20.16 48.89
C VAL C 198 9.01 21.36 47.97
N LYS C 199 9.29 21.10 46.69
CA LYS C 199 9.29 22.14 45.66
C LYS C 199 8.30 21.87 44.55
N TYR C 200 7.58 20.76 44.59
CA TYR C 200 6.53 20.45 43.62
C TYR C 200 5.24 20.21 44.38
N TRP C 201 4.22 21.00 44.08
CA TRP C 201 2.92 20.88 44.73
C TRP C 201 1.86 20.61 43.67
N ILE C 202 0.91 19.76 44.01
CA ILE C 202 -0.29 19.55 43.21
C ILE C 202 -1.47 19.89 44.09
N THR C 203 -2.24 20.90 43.69
CA THR C 203 -3.29 21.41 44.56
C THR C 203 -4.42 20.40 44.71
N ILE C 204 -5.08 20.07 43.61
CA ILE C 204 -6.17 19.09 43.61
C ILE C 204 -5.88 18.08 42.50
N ASP C 205 -5.88 16.80 42.85
CA ASP C 205 -5.61 15.75 41.90
C ASP C 205 -6.90 15.28 41.26
N ASN C 206 -6.95 15.32 39.93
CA ASN C 206 -8.10 14.87 39.14
C ASN C 206 -9.35 15.65 39.51
N PRO C 207 -9.42 16.95 39.22
CA PRO C 207 -10.62 17.71 39.57
C PRO C 207 -11.85 17.29 38.80
N TYR C 208 -11.67 16.65 37.64
CA TYR C 208 -12.81 16.14 36.90
C TYR C 208 -13.51 15.02 37.66
N VAL C 209 -12.74 14.06 38.19
CA VAL C 209 -13.33 12.95 38.93
C VAL C 209 -13.91 13.44 40.25
N VAL C 210 -13.25 14.40 40.90
CA VAL C 210 -13.79 14.96 42.14
C VAL C 210 -15.11 15.67 41.88
N ALA C 211 -15.20 16.42 40.78
CA ALA C 211 -16.40 17.18 40.49
C ALA C 211 -17.47 16.32 39.83
N TRP C 212 -17.15 15.74 38.68
CA TRP C 212 -18.18 15.04 37.90
C TRP C 212 -18.68 13.80 38.62
N HIS C 213 -17.77 12.93 39.05
CA HIS C 213 -18.17 11.69 39.69
C HIS C 213 -18.33 11.83 41.19
N GLY C 214 -17.93 12.95 41.77
CA GLY C 214 -18.14 13.18 43.17
C GLY C 214 -19.50 13.76 43.49
N TYR C 215 -20.04 14.57 42.59
CA TYR C 215 -21.30 15.24 42.87
C TYR C 215 -22.32 15.08 41.76
N ALA C 216 -21.87 14.99 40.51
CA ALA C 216 -22.80 14.88 39.39
C ALA C 216 -23.18 13.45 39.04
N THR C 217 -22.45 12.47 39.54
CA THR C 217 -22.75 11.07 39.26
C THR C 217 -22.91 10.23 40.50
N GLY C 218 -22.14 10.47 41.56
CA GLY C 218 -22.23 9.71 42.78
C GLY C 218 -21.45 8.43 42.82
N ARG C 219 -20.60 8.17 41.83
CA ARG C 219 -19.79 6.96 41.81
C ARG C 219 -18.52 7.09 42.64
N LEU C 220 -18.28 8.24 43.25
CA LEU C 220 -17.03 8.54 43.94
C LEU C 220 -17.33 8.92 45.39
N ALA C 221 -16.32 9.46 46.07
CA ALA C 221 -16.34 9.58 47.53
C ALA C 221 -17.58 10.24 48.09
N PRO C 222 -18.07 11.38 47.59
CA PRO C 222 -19.34 11.89 48.09
C PRO C 222 -20.51 11.27 47.34
N GLY C 223 -21.43 10.64 48.05
CA GLY C 223 -22.59 10.07 47.39
C GLY C 223 -23.68 11.10 47.24
N ILE C 224 -23.77 11.70 46.07
CA ILE C 224 -24.72 12.79 45.84
C ILE C 224 -25.67 12.43 44.71
N ARG C 225 -25.12 12.25 43.50
CA ARG C 225 -25.92 12.02 42.30
C ARG C 225 -27.01 13.08 42.17
N GLY C 226 -26.60 14.34 42.30
CA GLY C 226 -27.56 15.42 42.25
C GLY C 226 -28.00 15.75 40.84
N SER C 227 -27.07 16.25 40.03
CA SER C 227 -27.33 16.63 38.64
C SER C 227 -26.03 17.08 37.99
N PRO C 228 -25.99 17.18 36.66
CA PRO C 228 -24.83 17.84 36.02
C PRO C 228 -24.68 19.29 36.43
N ARG C 229 -25.75 19.91 36.94
CA ARG C 229 -25.62 21.26 37.48
C ARG C 229 -24.66 21.30 38.66
N LEU C 230 -24.76 20.31 39.55
CA LEU C 230 -23.86 20.25 40.69
C LEU C 230 -22.42 19.96 40.27
N GLY C 231 -22.24 19.12 39.26
CA GLY C 231 -20.90 18.81 38.80
C GLY C 231 -20.18 20.01 38.21
N TYR C 232 -20.92 20.89 37.54
CA TYR C 232 -20.31 22.10 37.00
C TYR C 232 -20.20 23.20 38.04
N LEU C 233 -21.05 23.14 39.08
CA LEU C 233 -20.90 24.08 40.19
C LEU C 233 -19.71 23.71 41.06
N VAL C 234 -19.52 22.41 41.32
CA VAL C 234 -18.39 21.96 42.13
C VAL C 234 -17.07 22.25 41.42
N ALA C 235 -17.01 21.94 40.12
CA ALA C 235 -15.80 22.23 39.36
C ALA C 235 -15.52 23.72 39.27
N HIS C 236 -16.57 24.54 39.36
CA HIS C 236 -16.38 25.98 39.46
C HIS C 236 -15.67 26.35 40.77
N ASN C 237 -16.01 25.65 41.86
CA ASN C 237 -15.39 25.93 43.13
C ASN C 237 -13.98 25.35 43.21
N LEU C 238 -13.73 24.22 42.53
CA LEU C 238 -12.39 23.64 42.54
C LEU C 238 -11.38 24.57 41.90
N LEU C 239 -11.73 25.20 40.78
CA LEU C 239 -10.84 26.16 40.15
C LEU C 239 -10.63 27.39 41.03
N LEU C 240 -11.69 27.85 41.69
CA LEU C 240 -11.53 28.96 42.64
C LEU C 240 -10.70 28.54 43.84
N ALA C 241 -10.93 27.34 44.35
CA ALA C 241 -10.13 26.86 45.48
C ALA C 241 -8.68 26.64 45.09
N HIS C 242 -8.44 26.08 43.91
CA HIS C 242 -7.06 25.91 43.44
C HIS C 242 -6.38 27.26 43.21
N ALA C 243 -7.11 28.22 42.60
CA ALA C 243 -6.52 29.52 42.35
C ALA C 243 -6.33 30.31 43.64
N LYS C 244 -7.18 30.07 44.64
CA LYS C 244 -6.96 30.68 45.95
C LYS C 244 -5.69 30.15 46.59
N VAL C 245 -5.45 28.84 46.47
CA VAL C 245 -4.25 28.24 47.03
C VAL C 245 -3.01 28.66 46.23
N TRP C 246 -3.13 28.71 44.90
CA TRP C 246 -1.97 29.07 44.08
C TRP C 246 -1.49 30.47 44.39
N HIS C 247 -2.42 31.43 44.51
CA HIS C 247 -2.03 32.79 44.86
C HIS C 247 -1.61 32.90 46.31
N LEU C 248 -1.90 31.88 47.12
CA LEU C 248 -1.32 31.83 48.46
C LEU C 248 0.16 31.47 48.40
N TYR C 249 0.52 30.53 47.53
CA TYR C 249 1.93 30.18 47.36
C TYR C 249 2.71 31.31 46.73
N ASN C 250 2.16 31.91 45.67
CA ASN C 250 2.90 32.89 44.90
C ASN C 250 3.25 34.12 45.72
N THR C 251 2.32 34.59 46.55
CA THR C 251 2.51 35.83 47.28
C THR C 251 3.05 35.64 48.69
N SER C 252 3.11 34.42 49.19
CA SER C 252 3.54 34.24 50.57
C SER C 252 4.71 33.29 50.74
N PHE C 253 4.74 32.19 49.98
CA PHE C 253 5.73 31.14 50.20
C PHE C 253 6.73 30.98 49.07
N ARG C 254 6.33 31.22 47.83
CA ARG C 254 7.25 31.04 46.71
C ARG C 254 8.53 31.86 46.83
N PRO C 255 8.52 33.15 47.21
CA PRO C 255 9.78 33.89 47.30
C PRO C 255 10.80 33.28 48.26
N THR C 256 10.34 32.67 49.35
CA THR C 256 11.25 32.07 50.32
C THR C 256 11.39 30.55 50.15
N GLN C 257 10.71 29.97 49.19
CA GLN C 257 10.80 28.52 48.96
C GLN C 257 11.14 28.15 47.53
N GLY C 258 10.63 28.89 46.55
CA GLY C 258 10.95 28.61 45.17
C GLY C 258 10.33 27.36 44.60
N GLY C 259 9.24 26.88 45.19
CA GLY C 259 8.59 25.68 44.70
C GLY C 259 7.69 25.96 43.51
N GLN C 260 6.93 24.93 43.14
CA GLN C 260 5.98 25.03 42.03
C GLN C 260 4.66 24.41 42.45
N VAL C 261 3.56 24.97 41.92
CA VAL C 261 2.21 24.52 42.22
C VAL C 261 1.46 24.36 40.92
N SER C 262 0.73 23.26 40.78
CA SER C 262 -0.11 23.03 39.63
C SER C 262 -1.37 22.30 40.08
N ILE C 263 -2.13 21.79 39.13
CA ILE C 263 -3.31 20.98 39.39
C ILE C 263 -3.27 19.78 38.46
N ALA C 264 -3.45 18.59 39.02
CA ALA C 264 -3.32 17.35 38.25
C ALA C 264 -4.54 17.17 37.38
N LEU C 265 -4.42 17.54 36.10
CA LEU C 265 -5.55 17.51 35.17
C LEU C 265 -5.53 16.18 34.43
N SER C 266 -6.41 15.27 34.83
CA SER C 266 -6.53 14.00 34.13
C SER C 266 -7.26 14.19 32.80
N SER C 267 -6.97 13.30 31.86
CA SER C 267 -7.57 13.41 30.53
C SER C 267 -7.57 12.03 29.89
N HIS C 268 -8.22 11.96 28.74
CA HIS C 268 -8.23 10.78 27.88
C HIS C 268 -7.68 11.17 26.52
N TRP C 269 -7.75 10.24 25.58
CA TRP C 269 -7.53 10.55 24.17
C TRP C 269 -8.68 9.99 23.36
N ILE C 270 -9.13 10.75 22.38
CA ILE C 270 -10.30 10.39 21.59
C ILE C 270 -9.93 10.42 20.11
N ASN C 271 -10.62 9.61 19.32
CA ASN C 271 -10.30 9.45 17.92
C ASN C 271 -11.56 9.63 17.08
N PRO C 272 -11.42 10.15 15.85
CA PRO C 272 -12.59 10.33 15.00
C PRO C 272 -13.21 9.02 14.58
N ARG C 273 -14.53 9.04 14.38
CA ARG C 273 -15.26 7.86 13.95
C ARG C 273 -14.97 7.54 12.48
N ARG C 274 -15.24 8.51 11.60
CA ARG C 274 -15.11 8.30 10.16
C ARG C 274 -14.13 9.26 9.51
N MET C 275 -13.35 10.01 10.31
CA MET C 275 -12.32 10.91 9.82
C MET C 275 -12.91 11.96 8.88
N THR C 276 -13.78 12.79 9.44
CA THR C 276 -14.35 13.93 8.74
C THR C 276 -14.10 15.20 9.56
N ASP C 277 -14.28 16.34 8.90
CA ASP C 277 -14.09 17.61 9.59
C ASP C 277 -15.10 17.79 10.72
N HIS C 278 -16.29 17.20 10.58
CA HIS C 278 -17.25 17.20 11.68
C HIS C 278 -16.74 16.36 12.85
N SER C 279 -16.15 15.20 12.56
CA SER C 279 -15.63 14.35 13.62
C SER C 279 -14.44 14.98 14.32
N ILE C 280 -13.54 15.62 13.57
CA ILE C 280 -12.38 16.26 14.16
C ILE C 280 -12.82 17.38 15.11
N LYS C 281 -13.79 18.19 14.70
CA LYS C 281 -14.34 19.19 15.59
C LYS C 281 -15.05 18.54 16.77
N GLU C 282 -15.77 17.44 16.53
CA GLU C 282 -16.41 16.71 17.62
C GLU C 282 -15.39 16.14 18.59
N CYS C 283 -14.26 15.64 18.06
CA CYS C 283 -13.20 15.14 18.93
C CYS C 283 -12.60 16.26 19.77
N GLN C 284 -12.34 17.42 19.14
CA GLN C 284 -11.86 18.58 19.89
C GLN C 284 -12.92 19.07 20.88
N LYS C 285 -14.19 18.88 20.56
CA LYS C 285 -15.25 19.23 21.49
C LYS C 285 -15.19 18.36 22.74
N SER C 286 -14.88 17.08 22.57
CA SER C 286 -14.78 16.17 23.72
C SER C 286 -13.58 16.51 24.58
N LEU C 287 -12.44 16.82 23.96
CA LEU C 287 -11.24 17.14 24.73
C LEU C 287 -11.42 18.43 25.53
N ASP C 288 -12.07 19.43 24.93
CA ASP C 288 -12.36 20.65 25.68
C ASP C 288 -13.34 20.40 26.81
N PHE C 289 -14.19 19.37 26.67
CA PHE C 289 -15.18 19.09 27.71
C PHE C 289 -14.56 18.41 28.92
N VAL C 290 -13.51 17.62 28.72
CA VAL C 290 -12.90 16.86 29.79
C VAL C 290 -11.54 17.42 30.21
N LEU C 291 -10.84 18.12 29.33
CA LEU C 291 -9.49 18.58 29.61
C LEU C 291 -9.37 20.10 29.57
N GLY C 292 -9.88 20.73 28.52
CA GLY C 292 -9.95 22.19 28.50
C GLY C 292 -10.92 22.76 29.51
N TRP C 293 -11.77 21.92 30.10
CA TRP C 293 -12.68 22.35 31.14
C TRP C 293 -11.92 23.00 32.30
N PHE C 294 -10.79 22.43 32.69
CA PHE C 294 -9.97 22.96 33.77
C PHE C 294 -8.67 23.57 33.31
N ALA C 295 -8.11 23.12 32.19
CA ALA C 295 -6.80 23.62 31.77
C ALA C 295 -6.89 25.03 31.22
N LYS C 296 -7.89 25.30 30.38
CA LYS C 296 -8.06 26.64 29.82
C LYS C 296 -8.29 27.71 30.89
N PRO C 297 -9.16 27.51 31.89
CA PRO C 297 -9.30 28.53 32.92
C PRO C 297 -8.04 28.77 33.72
N VAL C 298 -7.07 27.85 33.68
CA VAL C 298 -5.86 27.96 34.48
C VAL C 298 -4.65 28.32 33.62
N PHE C 299 -4.60 27.82 32.38
CA PHE C 299 -3.41 28.00 31.56
C PHE C 299 -3.53 29.10 30.50
N ILE C 300 -4.75 29.42 30.04
CA ILE C 300 -4.86 30.28 28.87
C ILE C 300 -5.38 31.67 29.25
N ASP C 301 -6.62 31.75 29.73
CA ASP C 301 -7.23 33.06 29.93
C ASP C 301 -7.93 33.19 31.28
N GLY C 302 -8.51 32.10 31.78
CA GLY C 302 -9.32 32.14 32.97
C GLY C 302 -10.78 31.83 32.77
N ASP C 303 -11.21 31.52 31.54
CA ASP C 303 -12.59 31.20 31.26
C ASP C 303 -12.67 29.86 30.53
N TYR C 304 -13.84 29.25 30.62
CA TYR C 304 -14.06 27.94 30.04
C TYR C 304 -13.97 28.01 28.52
N PRO C 305 -13.70 26.88 27.87
CA PRO C 305 -13.67 26.88 26.40
C PRO C 305 -15.01 27.27 25.81
N GLU C 306 -14.97 27.91 24.64
CA GLU C 306 -16.20 28.32 23.98
C GLU C 306 -17.06 27.13 23.59
N SER C 307 -16.46 25.95 23.41
CA SER C 307 -17.23 24.77 23.03
C SER C 307 -18.23 24.40 24.11
N MET C 308 -17.82 24.45 25.38
CA MET C 308 -18.71 24.11 26.47
C MET C 308 -19.45 25.31 27.04
N LYS C 309 -19.11 26.53 26.63
CA LYS C 309 -19.84 27.70 27.06
C LYS C 309 -21.10 27.95 26.24
N ASN C 310 -21.26 27.24 25.12
CA ASN C 310 -22.34 27.53 24.17
C ASN C 310 -23.57 26.65 24.41
N ASN C 311 -23.39 25.33 24.38
CA ASN C 311 -24.54 24.43 24.44
C ASN C 311 -25.19 24.45 25.81
N LEU C 312 -24.42 24.16 26.86
CA LEU C 312 -24.95 24.19 28.23
C LEU C 312 -24.58 25.51 28.90
N SER C 313 -25.09 26.60 28.33
CA SER C 313 -24.75 27.92 28.84
C SER C 313 -25.40 28.20 30.19
N SER C 314 -26.57 27.62 30.45
CA SER C 314 -27.31 27.91 31.67
C SER C 314 -26.85 27.04 32.84
N ILE C 315 -26.76 25.73 32.64
CA ILE C 315 -26.37 24.83 33.71
C ILE C 315 -24.92 25.03 34.13
N LEU C 316 -24.11 25.64 33.26
CA LEU C 316 -22.71 25.90 33.56
C LEU C 316 -22.54 27.30 34.13
N PRO C 317 -21.99 27.45 35.32
CA PRO C 317 -21.88 28.78 35.93
C PRO C 317 -20.91 29.68 35.19
N ASP C 318 -21.16 30.98 35.28
CA ASP C 318 -20.34 31.98 34.60
C ASP C 318 -19.29 32.55 35.54
N PHE C 319 -18.25 33.13 34.94
CA PHE C 319 -17.09 33.64 35.68
C PHE C 319 -17.09 35.15 35.66
N THR C 320 -16.90 35.75 36.84
CA THR C 320 -16.70 37.19 36.94
C THR C 320 -15.38 37.58 36.28
N GLU C 321 -15.32 38.81 35.80
CA GLU C 321 -14.11 39.28 35.12
C GLU C 321 -12.91 39.28 36.07
N SER C 322 -13.13 39.65 37.33
CA SER C 322 -12.05 39.60 38.31
C SER C 322 -11.59 38.17 38.56
N GLU C 323 -12.54 37.23 38.61
CA GLU C 323 -12.18 35.82 38.81
C GLU C 323 -11.38 35.28 37.63
N LYS C 324 -11.74 35.68 36.41
CA LYS C 324 -11.08 35.14 35.22
C LYS C 324 -9.60 35.46 35.22
N LYS C 325 -9.24 36.70 35.57
CA LYS C 325 -7.83 37.06 35.68
C LYS C 325 -7.18 36.56 36.97
N PHE C 326 -7.98 36.10 37.92
CA PHE C 326 -7.43 35.50 39.14
C PHE C 326 -6.92 34.09 38.89
N ILE C 327 -7.56 33.35 37.98
CA ILE C 327 -7.16 31.97 37.68
C ILE C 327 -6.20 31.89 36.49
N LYS C 328 -6.02 32.97 35.73
CA LYS C 328 -5.12 32.94 34.59
C LYS C 328 -3.68 32.74 35.07
N GLY C 329 -3.05 31.67 34.59
CA GLY C 329 -1.67 31.41 34.91
C GLY C 329 -1.42 30.84 36.29
N THR C 330 -2.43 30.23 36.91
CA THR C 330 -2.27 29.63 38.24
C THR C 330 -1.82 28.17 38.15
N ALA C 331 -0.75 27.93 37.41
CA ALA C 331 -0.16 26.59 37.30
C ALA C 331 1.25 26.75 36.76
N ASP C 332 2.25 26.33 37.54
CA ASP C 332 3.63 26.49 37.13
C ASP C 332 4.09 25.41 36.16
N PHE C 333 3.33 24.33 36.03
CA PHE C 333 3.61 23.29 35.05
C PHE C 333 2.31 22.57 34.75
N PHE C 334 2.31 21.81 33.66
CA PHE C 334 1.14 21.01 33.29
C PHE C 334 1.26 19.63 33.92
N ALA C 335 0.32 19.31 34.80
CA ALA C 335 0.28 18.01 35.45
C ALA C 335 -0.79 17.16 34.79
N LEU C 336 -0.37 16.05 34.18
CA LEU C 336 -1.25 15.19 33.40
C LEU C 336 -1.39 13.84 34.10
N CYS C 337 -2.63 13.37 34.20
CA CYS C 337 -2.94 12.07 34.79
C CYS C 337 -3.60 11.21 33.71
N PHE C 338 -2.78 10.49 32.94
CA PHE C 338 -3.27 9.63 31.87
C PHE C 338 -3.08 8.18 32.31
N GLY C 339 -4.13 7.62 32.92
CA GLY C 339 -4.12 6.25 33.37
C GLY C 339 -5.50 5.63 33.31
N PRO C 340 -5.70 4.53 34.04
CA PRO C 340 -7.00 3.85 34.01
C PRO C 340 -8.08 4.53 34.84
N THR C 341 -7.78 5.67 35.47
CA THR C 341 -8.82 6.39 36.20
C THR C 341 -9.84 6.97 35.24
N LEU C 342 -9.41 7.87 34.36
CA LEU C 342 -10.33 8.46 33.38
C LEU C 342 -10.48 7.62 32.13
N SER C 343 -9.38 7.11 31.58
CA SER C 343 -9.42 6.37 30.33
C SER C 343 -10.20 5.07 30.53
N PHE C 344 -11.34 4.97 29.83
CA PHE C 344 -12.16 3.77 29.71
C PHE C 344 -12.89 3.39 30.99
N GLN C 345 -12.68 4.09 32.10
CA GLN C 345 -13.34 3.71 33.35
C GLN C 345 -14.27 4.79 33.88
N LEU C 346 -13.78 6.02 34.10
CA LEU C 346 -14.58 7.06 34.73
C LEU C 346 -14.90 8.22 33.80
N LEU C 347 -14.63 8.07 32.51
CA LEU C 347 -15.03 9.09 31.55
C LEU C 347 -16.51 8.96 31.25
N ASP C 348 -17.22 10.08 31.32
CA ASP C 348 -18.65 10.07 31.03
C ASP C 348 -18.88 9.74 29.56
N PRO C 349 -19.73 8.77 29.24
CA PRO C 349 -19.98 8.45 27.82
C PRO C 349 -20.50 9.63 27.01
N HIS C 350 -21.32 10.48 27.63
CA HIS C 350 -21.82 11.65 26.92
C HIS C 350 -20.70 12.64 26.61
N MET C 351 -19.63 12.62 27.39
CA MET C 351 -18.50 13.51 27.12
C MET C 351 -17.70 13.08 25.90
N LYS C 352 -17.89 11.83 25.43
CA LYS C 352 -17.23 11.37 24.23
C LYS C 352 -17.84 11.94 22.96
N PHE C 353 -19.12 12.34 23.01
CA PHE C 353 -19.83 12.86 21.84
C PHE C 353 -19.82 11.86 20.69
N ARG C 354 -20.03 10.59 21.02
CA ARG C 354 -20.13 9.51 20.03
C ARG C 354 -18.88 9.43 19.15
N GLN C 355 -17.75 9.20 19.82
CA GLN C 355 -16.45 9.08 19.15
C GLN C 355 -15.75 7.84 19.65
N LEU C 356 -14.54 7.63 19.17
CA LEU C 356 -13.73 6.47 19.53
C LEU C 356 -12.68 6.88 20.56
N GLU C 357 -12.69 6.22 21.71
CA GLU C 357 -11.73 6.50 22.77
C GLU C 357 -10.52 5.60 22.62
N SER C 358 -9.34 6.19 22.68
CA SER C 358 -8.09 5.45 22.54
C SER C 358 -7.14 5.82 23.66
N PRO C 359 -6.32 4.86 24.13
CA PRO C 359 -5.33 5.14 25.17
C PRO C 359 -3.98 5.62 24.59
N ASN C 360 -4.04 6.60 23.71
CA ASN C 360 -2.84 7.12 23.05
C ASN C 360 -2.30 8.29 23.87
N LEU C 361 -1.04 8.18 24.29
CA LEU C 361 -0.40 9.21 25.10
C LEU C 361 0.49 10.13 24.29
N ARG C 362 1.12 9.63 23.23
CA ARG C 362 1.95 10.49 22.39
C ARG C 362 1.11 11.55 21.70
N GLN C 363 -0.07 11.18 21.21
CA GLN C 363 -0.95 12.15 20.56
C GLN C 363 -1.50 13.15 21.56
N LEU C 364 -1.82 12.68 22.77
CA LEU C 364 -2.34 13.59 23.80
C LEU C 364 -1.29 14.60 24.21
N LEU C 365 -0.03 14.17 24.36
CA LEU C 365 1.02 15.10 24.74
C LEU C 365 1.24 16.16 23.66
N SER C 366 1.10 15.77 22.39
CA SER C 366 1.17 16.75 21.32
C SER C 366 -0.02 17.71 21.37
N TRP C 367 -1.20 17.20 21.73
CA TRP C 367 -2.37 18.06 21.85
C TRP C 367 -2.18 19.10 22.95
N ILE C 368 -1.60 18.70 24.08
CA ILE C 368 -1.31 19.65 25.15
C ILE C 368 -0.31 20.70 24.69
N ASP C 369 0.72 20.26 23.98
CA ASP C 369 1.79 21.17 23.56
C ASP C 369 1.25 22.25 22.62
N LEU C 370 0.42 21.86 21.66
CA LEU C 370 -0.10 22.84 20.70
C LEU C 370 -1.14 23.74 21.34
N GLU C 371 -2.06 23.17 22.12
CA GLU C 371 -3.22 23.92 22.58
C GLU C 371 -2.86 24.90 23.69
N PHE C 372 -1.97 24.50 24.59
CA PHE C 372 -1.69 25.26 25.81
C PHE C 372 -0.32 25.94 25.78
N ASN C 373 0.06 26.44 24.61
CA ASN C 373 1.22 27.33 24.46
C ASN C 373 2.51 26.68 24.97
N HIS C 374 2.71 25.41 24.64
CA HIS C 374 3.95 24.69 24.92
C HIS C 374 4.30 24.74 26.41
N PRO C 375 3.54 24.07 27.26
CA PRO C 375 3.87 24.05 28.68
C PRO C 375 4.87 22.95 29.02
N GLN C 376 5.46 23.06 30.21
CA GLN C 376 6.35 22.02 30.71
C GLN C 376 5.49 20.93 31.33
N ILE C 377 5.25 19.87 30.57
CA ILE C 377 4.36 18.80 31.00
C ILE C 377 5.07 17.92 32.02
N PHE C 378 4.40 17.65 33.13
CA PHE C 378 4.88 16.73 34.16
C PHE C 378 3.77 15.69 34.33
N ILE C 379 3.99 14.48 33.80
CA ILE C 379 3.02 13.42 33.94
C ILE C 379 3.06 12.93 35.38
N VAL C 380 2.00 13.21 36.15
CA VAL C 380 1.96 12.89 37.56
C VAL C 380 1.24 11.59 37.86
N GLU C 381 0.65 10.95 36.85
CA GLU C 381 0.03 9.65 37.04
C GLU C 381 -0.08 8.96 35.69
N ASN C 382 0.39 7.72 35.62
CA ASN C 382 0.31 6.94 34.38
C ASN C 382 0.22 5.47 34.74
N GLY C 383 0.47 4.61 33.76
CA GLY C 383 0.40 3.18 33.96
C GLY C 383 -1.00 2.65 33.77
N TRP C 384 -1.11 1.32 33.91
CA TRP C 384 -2.39 0.64 33.76
C TRP C 384 -2.66 -0.23 34.98
N PHE C 385 -3.64 -1.12 34.89
CA PHE C 385 -4.01 -1.97 36.01
C PHE C 385 -4.01 -3.43 35.57
N VAL C 386 -3.92 -4.32 36.55
CA VAL C 386 -4.08 -5.74 36.34
C VAL C 386 -5.22 -6.22 37.25
N SER C 387 -5.63 -7.47 37.04
CA SER C 387 -6.70 -8.03 37.84
C SER C 387 -6.30 -8.11 39.31
N GLY C 388 -7.30 -8.09 40.18
CA GLY C 388 -7.02 -8.12 41.61
C GLY C 388 -6.29 -9.36 42.06
N THR C 389 -6.60 -10.51 41.44
CA THR C 389 -5.94 -11.77 41.76
C THR C 389 -4.66 -11.92 40.93
N THR C 390 -3.71 -11.03 41.19
CA THR C 390 -2.43 -11.01 40.49
C THR C 390 -1.31 -10.79 41.49
N LYS C 391 -0.36 -11.72 41.54
CA LYS C 391 0.79 -11.64 42.43
C LYS C 391 1.92 -10.92 41.69
N ARG C 392 3.16 -11.08 42.17
CA ARG C 392 4.31 -10.32 41.69
C ARG C 392 4.52 -10.39 40.18
N ASP C 393 3.78 -11.25 39.49
CA ASP C 393 3.89 -11.40 38.04
C ASP C 393 2.77 -10.59 37.39
N ASP C 394 3.09 -9.38 36.94
CA ASP C 394 2.15 -8.52 36.22
C ASP C 394 2.80 -8.11 34.91
N ALA C 395 2.69 -8.98 33.90
CA ALA C 395 3.31 -8.69 32.61
C ALA C 395 2.49 -7.71 31.79
N LYS C 396 1.16 -7.73 31.93
CA LYS C 396 0.33 -6.79 31.19
C LYS C 396 0.60 -5.35 31.64
N TYR C 397 0.73 -5.12 32.94
CA TYR C 397 0.97 -3.77 33.44
C TYR C 397 2.35 -3.27 33.08
N MET C 398 3.35 -4.15 33.03
CA MET C 398 4.70 -3.71 32.65
C MET C 398 4.74 -3.22 31.22
N TYR C 399 4.06 -3.91 30.30
CA TYR C 399 4.11 -3.53 28.91
C TYR C 399 3.28 -2.29 28.62
N TYR C 400 2.20 -2.07 29.38
CA TYR C 400 1.51 -0.79 29.30
C TYR C 400 2.40 0.34 29.79
N LEU C 401 3.14 0.10 30.87
CA LEU C 401 4.12 1.08 31.32
C LEU C 401 5.21 1.29 30.28
N LYS C 402 5.67 0.20 29.67
CA LYS C 402 6.72 0.31 28.66
C LYS C 402 6.25 1.11 27.45
N LYS C 403 5.02 0.86 26.99
CA LYS C 403 4.48 1.64 25.89
C LYS C 403 4.28 3.10 26.30
N PHE C 404 3.72 3.33 27.48
CA PHE C 404 3.46 4.69 27.92
C PHE C 404 4.75 5.49 28.10
N ILE C 405 5.79 4.86 28.65
CA ILE C 405 7.08 5.54 28.76
C ILE C 405 7.66 5.80 27.38
N MET C 406 7.48 4.86 26.45
CA MET C 406 7.96 5.06 25.08
C MET C 406 7.21 6.20 24.41
N GLU C 407 5.91 6.32 24.66
CA GLU C 407 5.12 7.36 24.01
C GLU C 407 5.60 8.75 24.41
N THR C 408 5.93 8.95 25.69
CA THR C 408 6.48 10.24 26.11
C THR C 408 7.84 10.49 25.47
N LEU C 409 8.66 9.44 25.34
CA LEU C 409 9.96 9.59 24.69
C LEU C 409 9.79 9.98 23.23
N LYS C 410 8.81 9.38 22.55
CA LYS C 410 8.51 9.79 21.18
C LYS C 410 8.00 11.22 21.15
N ALA C 411 7.17 11.59 22.13
CA ALA C 411 6.69 12.97 22.20
C ALA C 411 7.83 13.94 22.45
N ILE C 412 8.78 13.56 23.30
CA ILE C 412 9.92 14.43 23.58
C ILE C 412 10.80 14.60 22.35
N LYS C 413 11.11 13.48 21.68
CA LYS C 413 12.06 13.50 20.58
C LYS C 413 11.42 13.81 19.24
N LEU C 414 10.33 13.12 18.90
CA LEU C 414 9.73 13.25 17.58
C LEU C 414 8.66 14.34 17.51
N ASP C 415 8.11 14.77 18.63
CA ASP C 415 7.08 15.80 18.64
C ASP C 415 7.52 17.10 19.29
N GLY C 416 8.68 17.13 19.94
CA GLY C 416 9.15 18.35 20.56
C GLY C 416 8.44 18.75 21.83
N VAL C 417 7.61 17.88 22.41
CA VAL C 417 6.91 18.20 23.63
C VAL C 417 7.90 18.33 24.78
N ASP C 418 7.64 19.30 25.66
CA ASP C 418 8.53 19.58 26.78
C ASP C 418 8.06 18.83 28.03
N VAL C 419 8.20 17.52 27.98
CA VAL C 419 7.90 16.67 29.12
C VAL C 419 9.06 16.71 30.09
N ILE C 420 8.79 17.03 31.35
CA ILE C 420 9.84 17.18 32.36
C ILE C 420 9.86 16.05 33.37
N GLY C 421 8.87 15.16 33.36
CA GLY C 421 8.87 14.06 34.31
C GLY C 421 7.84 13.03 33.95
N TYR C 422 8.04 11.83 34.48
CA TYR C 422 7.09 10.72 34.34
C TYR C 422 6.87 10.08 35.70
N THR C 423 5.61 9.80 36.02
CA THR C 423 5.23 9.21 37.30
C THR C 423 4.47 7.92 37.05
N ALA C 424 5.09 6.79 37.40
CA ALA C 424 4.41 5.51 37.37
C ALA C 424 3.53 5.42 38.61
N TRP C 425 2.23 5.29 38.41
CA TRP C 425 1.31 5.42 39.53
C TRP C 425 1.37 4.19 40.44
N SER C 426 0.96 4.41 41.70
CA SER C 426 0.77 3.35 42.67
C SER C 426 2.07 2.57 42.90
N LEU C 427 2.99 3.25 43.60
CA LEU C 427 4.19 2.60 44.12
C LEU C 427 3.89 1.22 44.71
N MET C 428 2.74 1.09 45.39
CA MET C 428 2.34 -0.17 45.99
C MET C 428 0.87 -0.41 45.72
N ASP C 429 0.46 -1.67 45.86
CA ASP C 429 -0.95 -2.01 45.75
C ASP C 429 -1.74 -1.34 46.86
N GLY C 430 -2.97 -0.95 46.54
CA GLY C 430 -3.79 -0.30 47.54
C GLY C 430 -5.24 -0.21 47.09
N PHE C 431 -6.05 0.42 47.93
CA PHE C 431 -7.45 0.62 47.66
C PHE C 431 -7.65 1.46 46.40
N GLU C 432 -8.16 0.86 45.34
CA GLU C 432 -8.26 1.54 44.04
C GLU C 432 -9.63 2.18 43.86
N TRP C 433 -9.97 3.05 44.81
CA TRP C 433 -11.14 3.94 44.76
C TRP C 433 -12.40 3.09 44.59
N HIS C 434 -13.27 3.40 43.61
CA HIS C 434 -14.55 2.71 43.49
C HIS C 434 -14.37 1.23 43.16
N ARG C 435 -13.31 0.89 42.42
CA ARG C 435 -13.07 -0.51 42.07
C ARG C 435 -12.60 -1.35 43.26
N GLY C 436 -12.31 -0.72 44.39
CA GLY C 436 -11.89 -1.48 45.56
C GLY C 436 -10.55 -2.15 45.31
N TYR C 437 -10.44 -3.38 45.81
CA TYR C 437 -9.24 -4.20 45.61
C TYR C 437 -9.37 -5.12 44.41
N SER C 438 -10.41 -4.95 43.59
CA SER C 438 -10.62 -5.82 42.44
C SER C 438 -9.56 -5.62 41.36
N ILE C 439 -8.78 -4.54 41.41
CA ILE C 439 -7.70 -4.30 40.47
C ILE C 439 -6.46 -3.89 41.26
N ARG C 440 -5.31 -4.07 40.62
CA ARG C 440 -4.02 -3.72 41.22
C ARG C 440 -3.23 -2.88 40.24
N ARG C 441 -2.76 -1.72 40.72
CA ARG C 441 -1.95 -0.82 39.91
C ARG C 441 -0.55 -0.65 40.48
N GLY C 442 -0.19 -1.42 41.50
CA GLY C 442 1.06 -1.19 42.19
C GLY C 442 2.26 -1.74 41.44
N LEU C 443 3.38 -1.01 41.55
CA LEU C 443 4.65 -1.57 41.12
C LEU C 443 5.17 -2.61 42.10
N PHE C 444 4.75 -2.55 43.36
CA PHE C 444 5.19 -3.47 44.39
C PHE C 444 3.99 -4.24 44.93
N TYR C 445 4.11 -5.56 45.00
CA TYR C 445 3.00 -6.40 45.43
C TYR C 445 2.80 -6.29 46.94
N VAL C 446 1.56 -6.13 47.37
CA VAL C 446 1.19 -6.08 48.78
C VAL C 446 0.19 -7.20 49.05
N ASP C 447 0.49 -8.03 50.03
CA ASP C 447 -0.42 -9.10 50.44
C ASP C 447 -1.42 -8.51 51.43
N PHE C 448 -2.62 -8.21 50.93
CA PHE C 448 -3.61 -7.53 51.76
C PHE C 448 -4.08 -8.40 52.92
N LEU C 449 -4.23 -9.70 52.68
CA LEU C 449 -4.64 -10.60 53.76
C LEU C 449 -3.56 -10.75 54.82
N SER C 450 -2.29 -10.56 54.46
CA SER C 450 -1.21 -10.70 55.42
C SER C 450 -1.25 -9.60 56.46
N GLN C 451 -0.73 -9.90 57.65
CA GLN C 451 -0.71 -8.95 58.75
C GLN C 451 0.53 -8.06 58.74
N ASP C 452 1.46 -8.29 57.82
CA ASP C 452 2.67 -7.48 57.71
C ASP C 452 2.63 -6.50 56.54
N LYS C 453 2.10 -6.94 55.39
CA LYS C 453 1.96 -6.11 54.20
C LYS C 453 3.31 -5.54 53.76
N MET C 454 4.21 -6.44 53.38
CA MET C 454 5.54 -6.07 52.92
C MET C 454 5.53 -5.88 51.41
N LEU C 455 6.33 -4.92 50.93
CA LEU C 455 6.36 -4.59 49.51
C LEU C 455 7.27 -5.57 48.79
N LEU C 456 6.67 -6.43 47.96
CA LEU C 456 7.40 -7.37 47.14
C LEU C 456 7.46 -6.87 45.72
N PRO C 457 8.64 -6.58 45.17
CA PRO C 457 8.70 -5.99 43.82
C PRO C 457 8.06 -6.90 42.78
N LYS C 458 7.34 -6.28 41.85
CA LYS C 458 6.66 -7.01 40.79
C LYS C 458 7.58 -7.09 39.58
N SER C 459 7.04 -7.56 38.45
CA SER C 459 7.80 -7.57 37.21
C SER C 459 8.00 -6.14 36.68
N SER C 460 7.00 -5.28 36.87
CA SER C 460 7.11 -3.89 36.45
C SER C 460 8.09 -3.12 37.34
N ALA C 461 8.21 -3.51 38.60
CA ALA C 461 9.15 -2.83 39.49
C ALA C 461 10.59 -3.04 39.02
N LEU C 462 10.93 -4.25 38.58
CA LEU C 462 12.25 -4.50 38.04
C LEU C 462 12.43 -3.82 36.70
N PHE C 463 11.37 -3.74 35.90
CA PHE C 463 11.46 -3.06 34.61
C PHE C 463 11.65 -1.56 34.79
N TYR C 464 10.85 -0.95 35.67
CA TYR C 464 10.96 0.49 35.89
C TYR C 464 12.31 0.86 36.50
N GLN C 465 12.81 0.03 37.41
CA GLN C 465 14.10 0.32 38.02
C GLN C 465 15.22 0.31 36.99
N LYS C 466 15.18 -0.64 36.05
CA LYS C 466 16.21 -0.69 35.02
C LYS C 466 16.06 0.44 34.01
N LEU C 467 14.82 0.82 33.69
CA LEU C 467 14.60 1.94 32.79
C LEU C 467 15.15 3.24 33.38
N ILE C 468 14.92 3.45 34.67
CA ILE C 468 15.45 4.65 35.33
C ILE C 468 16.97 4.63 35.33
N GLU C 469 17.56 3.47 35.63
CA GLU C 469 19.01 3.35 35.66
C GLU C 469 19.62 3.61 34.28
N LYS C 470 18.99 3.08 33.23
CA LYS C 470 19.46 3.32 31.87
C LYS C 470 18.96 4.64 31.30
N ASN C 471 18.04 5.31 31.98
CA ASN C 471 17.48 6.60 31.54
C ASN C 471 16.87 6.47 30.14
N GLY C 472 15.85 5.63 30.05
CA GLY C 472 15.13 5.47 28.80
C GLY C 472 15.39 4.14 28.13
N PHE C 473 15.56 4.17 26.80
CA PHE C 473 15.76 2.97 25.99
C PHE C 473 17.04 3.14 25.19
N PRO C 474 18.20 2.99 25.81
CA PRO C 474 19.45 3.16 25.08
C PRO C 474 19.61 2.06 24.04
N PRO C 475 20.33 2.34 22.95
CA PRO C 475 20.55 1.29 21.94
C PRO C 475 21.28 0.10 22.53
N LEU C 476 20.87 -1.10 22.10
CA LEU C 476 21.47 -2.31 22.63
C LEU C 476 22.44 -2.91 21.62
N PRO C 477 23.54 -3.51 22.08
CA PRO C 477 24.44 -4.20 21.14
C PRO C 477 23.78 -5.38 20.44
N GLU C 478 22.75 -5.97 21.04
CA GLU C 478 22.06 -7.11 20.43
C GLU C 478 21.20 -6.72 19.23
N ASN C 479 20.98 -5.42 19.00
CA ASN C 479 20.19 -4.96 17.87
C ASN C 479 20.99 -4.09 16.90
N GLN C 480 22.27 -3.89 17.13
CA GLN C 480 23.08 -3.12 16.20
C GLN C 480 23.35 -3.94 14.95
N PRO C 481 23.07 -3.41 13.75
CA PRO C 481 23.25 -4.20 12.53
C PRO C 481 24.69 -4.70 12.39
N LEU C 482 24.81 -5.93 11.87
CA LEU C 482 26.10 -6.59 11.72
C LEU C 482 26.53 -6.50 10.26
N GLU C 483 27.74 -5.99 10.03
CA GLU C 483 28.31 -5.92 8.70
C GLU C 483 29.08 -7.20 8.43
N GLY C 484 28.61 -7.98 7.46
CA GLY C 484 29.25 -9.23 7.11
C GLY C 484 28.62 -9.82 5.87
N THR C 485 29.25 -10.86 5.36
CA THR C 485 28.83 -11.52 4.14
C THR C 485 28.38 -12.94 4.43
N PHE C 486 27.27 -13.33 3.84
CA PHE C 486 26.82 -14.70 3.92
C PHE C 486 27.78 -15.62 3.16
N PRO C 487 27.84 -16.90 3.49
CA PRO C 487 28.78 -17.80 2.82
C PRO C 487 28.41 -17.99 1.36
N CYS C 488 29.39 -18.46 0.59
CA CYS C 488 29.17 -18.77 -0.81
C CYS C 488 28.10 -19.86 -0.93
N ASP C 489 27.61 -20.03 -2.16
CA ASP C 489 26.53 -20.97 -2.50
C ASP C 489 25.35 -20.89 -1.52
N PHE C 490 25.11 -19.69 -0.98
CA PHE C 490 23.96 -19.49 -0.12
C PHE C 490 22.67 -19.53 -0.94
N ALA C 491 21.62 -20.07 -0.35
CA ALA C 491 20.36 -20.29 -1.05
C ALA C 491 19.47 -19.05 -0.92
N TRP C 492 19.84 -18.02 -1.67
CA TRP C 492 19.01 -16.82 -1.78
C TRP C 492 17.81 -17.14 -2.67
N GLY C 493 16.63 -17.28 -2.07
CA GLY C 493 15.46 -17.74 -2.80
C GLY C 493 14.20 -17.01 -2.39
N VAL C 494 13.11 -17.35 -3.10
CA VAL C 494 11.77 -16.86 -2.81
C VAL C 494 10.83 -18.06 -2.88
N VAL C 495 9.66 -17.90 -2.27
CA VAL C 495 8.70 -18.99 -2.20
C VAL C 495 7.41 -18.58 -2.92
N ASP C 496 6.70 -19.59 -3.41
CA ASP C 496 5.36 -19.39 -3.97
C ASP C 496 4.59 -20.68 -3.71
N ASN C 497 3.82 -20.71 -2.62
CA ASN C 497 3.16 -21.93 -2.21
C ASN C 497 2.11 -22.39 -3.22
N TYR C 498 1.30 -21.46 -3.73
CA TYR C 498 0.27 -21.77 -4.70
C TYR C 498 0.69 -21.17 -6.04
N ILE C 499 1.51 -21.89 -6.79
CA ILE C 499 1.81 -21.45 -8.14
C ILE C 499 0.55 -21.50 -8.99
N GLN C 500 0.47 -20.62 -9.98
CA GLN C 500 -0.71 -20.58 -10.84
C GLN C 500 -0.51 -21.53 -12.01
N VAL C 501 -1.29 -22.61 -12.02
CA VAL C 501 -1.12 -23.70 -12.98
C VAL C 501 -2.20 -23.58 -14.04
N ASP C 502 -1.79 -23.63 -15.30
CA ASP C 502 -2.72 -23.60 -16.42
C ASP C 502 -2.11 -24.34 -17.60
N THR C 503 -2.64 -25.51 -17.91
CA THR C 503 -2.12 -26.31 -19.01
C THR C 503 -2.64 -25.78 -20.34
N THR C 504 -2.42 -24.51 -20.61
CA THR C 504 -2.84 -23.88 -21.86
C THR C 504 -1.70 -23.96 -22.86
N LEU C 505 -1.91 -24.72 -23.94
CA LEU C 505 -0.89 -24.93 -24.95
C LEU C 505 -0.95 -23.75 -25.92
N SER C 506 -0.04 -22.80 -25.75
CA SER C 506 -0.06 -21.56 -26.53
C SER C 506 0.80 -21.61 -27.78
N GLN C 507 1.59 -22.67 -27.97
CA GLN C 507 2.52 -22.73 -29.08
C GLN C 507 2.40 -24.09 -29.78
N PHE C 508 2.40 -24.05 -31.11
CA PHE C 508 2.29 -25.24 -31.95
C PHE C 508 1.02 -26.04 -31.64
N THR C 509 0.00 -25.37 -31.13
CA THR C 509 -1.25 -26.03 -30.78
C THR C 509 -2.24 -26.10 -31.92
N ASP C 510 -2.00 -25.37 -33.02
CA ASP C 510 -2.88 -25.41 -34.18
C ASP C 510 -2.33 -26.41 -35.18
N LEU C 511 -3.15 -27.39 -35.54
CA LEU C 511 -2.72 -28.50 -36.37
C LEU C 511 -3.17 -28.41 -37.82
N ASN C 512 -4.19 -27.60 -38.11
CA ASN C 512 -4.75 -27.55 -39.45
C ASN C 512 -3.77 -26.92 -40.43
N VAL C 513 -4.04 -27.14 -41.72
CA VAL C 513 -3.24 -26.59 -42.81
C VAL C 513 -4.07 -25.54 -43.51
N TYR C 514 -3.55 -24.32 -43.58
CA TYR C 514 -4.25 -23.20 -44.19
C TYR C 514 -3.57 -22.80 -45.50
N LEU C 515 -4.36 -22.27 -46.42
CA LEU C 515 -3.82 -21.59 -47.58
C LEU C 515 -3.49 -20.15 -47.22
N TRP C 516 -2.74 -19.49 -48.10
CA TRP C 516 -2.28 -18.13 -47.83
C TRP C 516 -2.39 -17.30 -49.09
N ASP C 517 -3.25 -16.28 -49.05
CA ASP C 517 -3.33 -15.30 -50.13
C ASP C 517 -2.14 -14.35 -50.01
N VAL C 518 -0.96 -14.87 -50.35
CA VAL C 518 0.28 -14.15 -50.12
C VAL C 518 0.29 -12.83 -50.87
N HIS C 519 -0.27 -12.82 -52.08
CA HIS C 519 -0.32 -11.60 -52.88
C HIS C 519 -1.69 -10.92 -52.85
N HIS C 520 -2.78 -11.67 -52.70
CA HIS C 520 -4.11 -11.10 -52.85
C HIS C 520 -4.59 -10.39 -51.59
N SER C 521 -4.76 -11.14 -50.50
CA SER C 521 -5.40 -10.57 -49.31
C SER C 521 -4.71 -10.90 -48.01
N LYS C 522 -3.64 -11.71 -48.01
CA LYS C 522 -2.91 -12.06 -46.79
C LYS C 522 -3.85 -12.64 -45.73
N ARG C 523 -4.76 -13.49 -46.15
CA ARG C 523 -5.68 -14.19 -45.26
C ARG C 523 -5.45 -15.68 -45.37
N LEU C 524 -6.04 -16.42 -44.43
CA LEU C 524 -5.86 -17.86 -44.34
C LEU C 524 -7.12 -18.57 -44.78
N ILE C 525 -6.99 -19.49 -45.72
CA ILE C 525 -8.07 -20.34 -46.18
C ILE C 525 -7.77 -21.75 -45.72
N LYS C 526 -8.59 -22.27 -44.81
CA LYS C 526 -8.34 -23.58 -44.23
C LYS C 526 -8.59 -24.67 -45.25
N VAL C 527 -7.66 -25.61 -45.36
CA VAL C 527 -7.81 -26.77 -46.23
C VAL C 527 -8.40 -27.91 -45.42
N ASP C 528 -9.59 -28.36 -45.81
CA ASP C 528 -10.29 -29.42 -45.09
C ASP C 528 -9.92 -30.77 -45.71
N GLY C 529 -9.28 -31.63 -44.93
CA GLY C 529 -8.92 -32.94 -45.39
C GLY C 529 -7.51 -33.36 -45.06
N VAL C 530 -6.58 -32.40 -45.02
CA VAL C 530 -5.18 -32.68 -44.77
C VAL C 530 -4.76 -31.89 -43.53
N VAL C 531 -4.30 -32.61 -42.50
CA VAL C 531 -3.75 -32.01 -41.29
C VAL C 531 -2.44 -32.71 -40.97
N THR C 532 -1.63 -32.06 -40.15
CA THR C 532 -0.35 -32.60 -39.72
C THR C 532 -0.49 -33.27 -38.36
N LYS C 533 0.60 -33.90 -37.92
CA LYS C 533 0.64 -34.52 -36.61
C LYS C 533 1.26 -33.57 -35.59
N LYS C 534 0.91 -33.78 -34.33
CA LYS C 534 1.35 -32.90 -33.26
C LYS C 534 2.86 -33.02 -33.05
N ARG C 535 3.54 -31.88 -32.99
CA ARG C 535 4.96 -31.85 -32.71
C ARG C 535 5.22 -32.23 -31.25
N LYS C 536 6.45 -32.62 -30.97
CA LYS C 536 6.85 -32.93 -29.60
C LYS C 536 6.63 -31.71 -28.71
N SER C 537 5.81 -31.87 -27.69
CA SER C 537 5.43 -30.76 -26.82
C SER C 537 6.58 -30.44 -25.89
N TYR C 538 7.18 -29.26 -26.07
CA TYR C 538 8.29 -28.82 -25.23
C TYR C 538 7.75 -27.94 -24.10
N CYS C 539 8.65 -27.30 -23.36
CA CYS C 539 8.28 -26.53 -22.19
C CYS C 539 8.03 -25.06 -22.49
N VAL C 540 8.19 -24.62 -23.75
CA VAL C 540 7.85 -23.25 -24.12
C VAL C 540 6.41 -23.13 -24.59
N ASP C 541 5.67 -24.23 -24.67
CA ASP C 541 4.27 -24.18 -25.10
C ASP C 541 3.33 -23.74 -23.98
N PHE C 542 3.83 -23.60 -22.76
CA PHE C 542 3.02 -23.13 -21.64
C PHE C 542 3.17 -21.62 -21.53
N ALA C 543 2.04 -20.90 -21.67
CA ALA C 543 2.07 -19.45 -21.76
C ALA C 543 2.34 -18.76 -20.43
N ALA C 544 2.26 -19.47 -19.31
CA ALA C 544 2.42 -18.84 -18.01
C ALA C 544 3.77 -19.15 -17.35
N ILE C 545 4.47 -20.17 -17.81
CA ILE C 545 5.76 -20.51 -17.19
C ILE C 545 6.78 -19.41 -17.46
N GLN C 546 6.91 -18.99 -18.72
CA GLN C 546 7.93 -18.01 -19.08
C GLN C 546 7.76 -16.67 -18.36
N PRO C 547 6.56 -16.08 -18.26
CA PRO C 547 6.45 -14.82 -17.51
C PRO C 547 6.90 -14.93 -16.07
N GLN C 548 6.65 -16.07 -15.41
CA GLN C 548 7.04 -16.21 -14.01
C GLN C 548 8.56 -16.29 -13.86
N ILE C 549 9.23 -17.03 -14.76
CA ILE C 549 10.69 -17.11 -14.70
C ILE C 549 11.31 -15.74 -14.99
N ALA C 550 10.67 -14.95 -15.85
CA ALA C 550 11.19 -13.62 -16.15
C ALA C 550 11.25 -12.75 -14.91
N LEU C 551 10.21 -12.81 -14.07
CA LEU C 551 10.22 -12.05 -12.82
C LEU C 551 11.31 -12.54 -11.88
N LEU C 552 11.46 -13.87 -11.76
CA LEU C 552 12.47 -14.43 -10.87
C LEU C 552 13.88 -14.10 -11.34
N GLN C 553 14.11 -14.05 -12.65
CA GLN C 553 15.42 -13.65 -13.16
C GLN C 553 15.73 -12.21 -12.75
N GLU C 554 14.71 -11.36 -12.69
CA GLU C 554 14.92 -9.97 -12.28
C GLU C 554 15.23 -9.88 -10.79
N MET C 555 14.63 -10.72 -9.97
CA MET C 555 14.91 -10.71 -8.53
C MET C 555 16.33 -11.16 -8.21
N HIS C 556 17.03 -11.78 -9.17
CA HIS C 556 18.36 -12.34 -8.97
C HIS C 556 18.36 -13.48 -7.95
N VAL C 557 17.20 -14.10 -7.71
CA VAL C 557 17.13 -15.19 -6.74
C VAL C 557 17.87 -16.40 -7.27
N THR C 558 18.46 -17.17 -6.36
CA THR C 558 19.15 -18.40 -6.72
C THR C 558 18.24 -19.62 -6.64
N HIS C 559 17.28 -19.62 -5.74
CA HIS C 559 16.36 -20.73 -5.56
C HIS C 559 14.92 -20.25 -5.70
N PHE C 560 14.04 -21.15 -6.11
CA PHE C 560 12.62 -20.89 -6.15
C PHE C 560 11.91 -22.04 -5.46
N ARG C 561 10.99 -21.72 -4.56
CA ARG C 561 10.29 -22.71 -3.76
C ARG C 561 8.81 -22.72 -4.12
N PHE C 562 8.30 -23.89 -4.49
CA PHE C 562 6.88 -24.03 -4.77
C PHE C 562 6.42 -25.42 -4.33
N SER C 563 5.11 -25.54 -4.14
CA SER C 563 4.51 -26.77 -3.64
C SER C 563 3.60 -27.38 -4.70
N LEU C 564 3.62 -28.71 -4.77
CA LEU C 564 2.76 -29.44 -5.68
C LEU C 564 1.38 -29.64 -5.06
N ASP C 565 0.39 -29.83 -5.93
CA ASP C 565 -0.99 -30.02 -5.52
C ASP C 565 -1.31 -31.50 -5.58
N TRP C 566 -1.51 -32.12 -4.42
CA TRP C 566 -1.85 -33.53 -4.37
C TRP C 566 -3.19 -33.80 -5.05
N ALA C 567 -4.16 -32.92 -4.82
CA ALA C 567 -5.49 -33.10 -5.41
C ALA C 567 -5.51 -32.91 -6.92
N LEU C 568 -4.43 -32.40 -7.51
CA LEU C 568 -4.35 -32.21 -8.96
C LEU C 568 -3.57 -33.32 -9.65
N ILE C 569 -2.45 -33.77 -9.06
CA ILE C 569 -1.71 -34.87 -9.64
C ILE C 569 -2.54 -36.15 -9.60
N LEU C 570 -3.18 -36.40 -8.47
CA LEU C 570 -4.01 -37.60 -8.26
C LEU C 570 -5.38 -37.15 -7.77
N PRO C 571 -6.29 -36.79 -8.67
CA PRO C 571 -7.61 -36.28 -8.24
C PRO C 571 -8.38 -37.25 -7.35
N LEU C 572 -8.29 -38.56 -7.59
CA LEU C 572 -9.01 -39.54 -6.80
C LEU C 572 -8.13 -40.18 -5.72
N GLY C 573 -6.94 -39.67 -5.50
CA GLY C 573 -6.07 -40.22 -4.46
C GLY C 573 -5.26 -41.44 -4.82
N ASN C 574 -5.89 -42.44 -5.41
CA ASN C 574 -5.19 -43.65 -5.80
C ASN C 574 -4.37 -43.40 -7.07
N GLN C 575 -3.39 -44.27 -7.28
CA GLN C 575 -2.50 -44.17 -8.44
C GLN C 575 -3.13 -44.76 -9.70
N SER C 576 -4.39 -45.21 -9.64
CA SER C 576 -5.05 -45.79 -10.81
C SER C 576 -5.14 -44.77 -11.94
N GLN C 577 -5.45 -43.52 -11.61
CA GLN C 577 -5.50 -42.45 -12.58
C GLN C 577 -4.52 -41.36 -12.17
N VAL C 578 -3.77 -40.84 -13.14
CA VAL C 578 -2.78 -39.79 -12.91
C VAL C 578 -2.98 -38.70 -13.94
N ASN C 579 -2.93 -37.45 -13.50
CA ASN C 579 -3.06 -36.29 -14.40
C ASN C 579 -1.68 -35.98 -14.96
N HIS C 580 -1.34 -36.62 -16.08
CA HIS C 580 -0.02 -36.46 -16.67
C HIS C 580 0.20 -35.04 -17.18
N THR C 581 -0.87 -34.36 -17.61
CA THR C 581 -0.73 -32.97 -18.06
C THR C 581 -0.30 -32.07 -16.92
N ILE C 582 -0.83 -32.30 -15.71
CA ILE C 582 -0.43 -31.51 -14.56
C ILE C 582 1.03 -31.77 -14.23
N LEU C 583 1.46 -33.03 -14.27
CA LEU C 583 2.85 -33.37 -14.02
C LEU C 583 3.77 -32.71 -15.03
N GLN C 584 3.33 -32.63 -16.28
CA GLN C 584 4.16 -32.01 -17.33
C GLN C 584 4.37 -30.53 -17.05
N TYR C 585 3.35 -29.84 -16.54
CA TYR C 585 3.51 -28.45 -16.17
C TYR C 585 4.53 -28.28 -15.05
N TYR C 586 4.42 -29.12 -14.00
CA TYR C 586 5.37 -29.06 -12.89
C TYR C 586 6.77 -29.43 -13.36
N ARG C 587 6.89 -30.47 -14.19
CA ARG C 587 8.19 -30.83 -14.72
C ARG C 587 8.77 -29.73 -15.59
N CYS C 588 7.92 -29.09 -16.40
CA CYS C 588 8.39 -28.00 -17.25
C CYS C 588 8.77 -26.78 -16.43
N MET C 589 8.01 -26.47 -15.39
CA MET C 589 8.37 -25.37 -14.50
C MET C 589 9.70 -25.62 -13.82
N ALA C 590 9.93 -26.87 -13.38
CA ALA C 590 11.20 -27.21 -12.75
C ALA C 590 12.33 -27.23 -13.76
N SER C 591 12.05 -27.62 -15.01
CA SER C 591 13.10 -27.70 -16.01
C SER C 591 13.51 -26.32 -16.49
N GLU C 592 12.55 -25.41 -16.67
CA GLU C 592 12.88 -24.05 -17.09
C GLU C 592 13.63 -23.29 -16.00
N LEU C 593 13.29 -23.52 -14.73
CA LEU C 593 14.00 -22.86 -13.64
C LEU C 593 15.47 -23.27 -13.62
N VAL C 594 15.75 -24.55 -13.85
CA VAL C 594 17.15 -25.00 -13.92
C VAL C 594 17.84 -24.40 -15.14
N ARG C 595 17.10 -24.22 -16.24
CA ARG C 595 17.69 -23.65 -17.44
C ARG C 595 18.21 -22.23 -17.19
N VAL C 596 17.50 -21.46 -16.37
CA VAL C 596 17.90 -20.10 -16.06
C VAL C 596 18.69 -20.03 -14.75
N ASN C 597 19.25 -21.15 -14.31
CA ASN C 597 20.10 -21.21 -13.12
C ASN C 597 19.36 -20.78 -11.87
N ILE C 598 18.12 -21.23 -11.71
CA ILE C 598 17.33 -21.01 -10.51
C ILE C 598 16.91 -22.38 -10.00
N THR C 599 17.56 -22.84 -8.94
CA THR C 599 17.31 -24.19 -8.42
C THR C 599 15.91 -24.27 -7.84
N PRO C 600 15.09 -25.21 -8.26
CA PRO C 600 13.74 -25.33 -7.69
C PRO C 600 13.76 -26.10 -6.37
N VAL C 601 12.88 -25.69 -5.47
CA VAL C 601 12.64 -26.39 -4.20
C VAL C 601 11.16 -26.75 -4.17
N VAL C 602 10.86 -28.04 -4.09
CA VAL C 602 9.51 -28.55 -4.29
C VAL C 602 9.00 -29.12 -2.97
N ALA C 603 7.81 -28.69 -2.57
CA ALA C 603 7.13 -29.21 -1.40
C ALA C 603 6.03 -30.17 -1.86
N LEU C 604 6.08 -31.41 -1.36
CA LEU C 604 5.15 -32.43 -1.83
C LEU C 604 3.73 -32.17 -1.32
N TRP C 605 3.59 -31.77 -0.07
CA TRP C 605 2.29 -31.59 0.55
C TRP C 605 2.21 -30.22 1.22
N GLN C 606 1.04 -29.60 1.13
CA GLN C 606 0.82 -28.30 1.77
C GLN C 606 -0.51 -28.30 2.50
N PRO C 607 -0.53 -28.01 3.80
CA PRO C 607 -1.79 -28.09 4.56
C PRO C 607 -2.82 -27.06 4.14
N MET C 608 -2.41 -25.95 3.54
CA MET C 608 -3.32 -24.83 3.25
C MET C 608 -4.13 -25.17 2.02
N ALA C 609 -5.28 -25.81 2.24
CA ALA C 609 -6.19 -26.17 1.16
C ALA C 609 -7.55 -26.48 1.77
N PRO C 610 -8.63 -26.38 1.00
CA PRO C 610 -9.96 -26.71 1.56
C PRO C 610 -10.06 -28.14 2.07
N ASN C 611 -9.34 -29.08 1.46
CA ASN C 611 -9.37 -30.48 1.87
C ASN C 611 -8.06 -30.90 2.55
N GLN C 612 -7.44 -29.97 3.28
CA GLN C 612 -6.17 -30.22 3.99
C GLN C 612 -5.06 -30.64 3.04
N GLY C 613 -5.14 -30.24 1.78
CA GLY C 613 -4.11 -30.56 0.82
C GLY C 613 -4.16 -31.97 0.26
N LEU C 614 -5.20 -32.73 0.55
CA LEU C 614 -5.35 -34.10 0.09
C LEU C 614 -6.37 -34.19 -1.04
N PRO C 615 -6.36 -35.27 -1.81
CA PRO C 615 -7.43 -35.48 -2.78
C PRO C 615 -8.76 -35.66 -2.07
N ARG C 616 -9.84 -35.34 -2.79
CA ARG C 616 -11.16 -35.36 -2.16
C ARG C 616 -11.52 -36.74 -1.62
N LEU C 617 -11.13 -37.81 -2.32
CA LEU C 617 -11.43 -39.16 -1.84
C LEU C 617 -10.69 -39.45 -0.54
N LEU C 618 -9.41 -39.05 -0.45
CA LEU C 618 -8.64 -39.33 0.76
C LEU C 618 -9.06 -38.43 1.91
N ALA C 619 -9.56 -37.23 1.61
CA ALA C 619 -9.95 -36.29 2.65
C ALA C 619 -11.30 -36.59 3.26
N ARG C 620 -12.01 -37.62 2.76
CA ARG C 620 -13.35 -37.91 3.26
C ARG C 620 -13.32 -38.76 4.53
N GLN C 621 -12.35 -39.66 4.69
CA GLN C 621 -12.44 -40.64 5.77
C GLN C 621 -12.09 -40.01 7.11
N GLY C 622 -10.82 -39.63 7.30
CA GLY C 622 -10.44 -38.77 8.40
C GLY C 622 -9.47 -37.72 7.91
N ALA C 623 -8.96 -37.95 6.70
CA ALA C 623 -8.06 -37.09 5.94
C ALA C 623 -6.66 -37.05 6.52
N TRP C 624 -6.47 -37.49 7.76
CA TRP C 624 -5.15 -37.83 8.25
C TRP C 624 -5.21 -38.98 9.24
N GLU C 625 -6.42 -39.27 9.73
CA GLU C 625 -6.57 -40.26 10.81
C GLU C 625 -6.25 -41.67 10.32
N ASN C 626 -6.75 -42.03 9.15
CA ASN C 626 -6.52 -43.38 8.64
C ASN C 626 -5.05 -43.55 8.28
N PRO C 627 -4.38 -44.59 8.77
CA PRO C 627 -2.97 -44.81 8.42
C PRO C 627 -2.76 -45.02 6.94
N TYR C 628 -3.79 -45.40 6.19
CA TYR C 628 -3.65 -45.55 4.74
C TYR C 628 -3.28 -44.24 4.07
N THR C 629 -3.65 -43.11 4.69
CA THR C 629 -3.26 -41.81 4.13
C THR C 629 -1.75 -41.65 4.10
N ALA C 630 -1.07 -42.09 5.17
CA ALA C 630 0.39 -42.10 5.16
C ALA C 630 0.92 -43.05 4.09
N LEU C 631 0.25 -44.18 3.89
CA LEU C 631 0.65 -45.10 2.83
C LEU C 631 0.38 -44.50 1.45
N ALA C 632 -0.78 -43.86 1.27
CA ALA C 632 -1.09 -43.26 -0.02
C ALA C 632 -0.19 -42.07 -0.33
N PHE C 633 0.32 -41.40 0.70
CA PHE C 633 1.28 -40.32 0.48
C PHE C 633 2.64 -40.86 0.04
N ALA C 634 3.02 -42.05 0.54
CA ALA C 634 4.30 -42.64 0.15
C ALA C 634 4.34 -42.93 -1.34
N GLU C 635 3.25 -43.46 -1.89
CA GLU C 635 3.20 -43.73 -3.32
C GLU C 635 3.11 -42.43 -4.12
N TYR C 636 2.36 -41.45 -3.61
CA TYR C 636 2.31 -40.15 -4.28
C TYR C 636 3.67 -39.47 -4.28
N ALA C 637 4.41 -39.59 -3.18
CA ALA C 637 5.78 -39.06 -3.15
C ALA C 637 6.66 -39.82 -4.11
N ARG C 638 6.46 -41.13 -4.24
CA ARG C 638 7.24 -41.92 -5.19
C ARG C 638 7.01 -41.46 -6.62
N LEU C 639 5.75 -41.18 -6.97
CA LEU C 639 5.44 -40.69 -8.31
C LEU C 639 6.09 -39.34 -8.58
N CYS C 640 6.09 -38.45 -7.59
CA CYS C 640 6.68 -37.13 -7.77
C CYS C 640 8.18 -37.22 -7.99
N PHE C 641 8.86 -38.09 -7.24
CA PHE C 641 10.31 -38.22 -7.39
C PHE C 641 10.67 -38.80 -8.75
N GLN C 642 9.80 -39.63 -9.32
CA GLN C 642 10.10 -40.25 -10.60
C GLN C 642 10.01 -39.24 -11.75
N GLU C 643 8.96 -38.42 -11.76
CA GLU C 643 8.75 -37.50 -12.86
C GLU C 643 9.55 -36.21 -12.69
N LEU C 644 9.26 -35.46 -11.62
CA LEU C 644 9.91 -34.18 -11.39
C LEU C 644 11.33 -34.31 -10.87
N GLY C 645 11.72 -35.49 -10.41
CA GLY C 645 12.95 -35.61 -9.65
C GLY C 645 14.22 -35.43 -10.46
N HIS C 646 14.15 -35.60 -11.77
CA HIS C 646 15.35 -35.42 -12.59
C HIS C 646 15.85 -33.98 -12.52
N HIS C 647 14.94 -33.02 -12.33
CA HIS C 647 15.29 -31.60 -12.28
C HIS C 647 15.29 -31.03 -10.87
N VAL C 648 14.45 -31.54 -9.98
CA VAL C 648 14.35 -31.04 -8.61
C VAL C 648 15.30 -31.84 -7.72
N LYS C 649 16.18 -31.12 -7.02
CA LYS C 649 17.15 -31.75 -6.13
C LYS C 649 17.00 -31.31 -4.69
N LEU C 650 15.96 -30.54 -4.37
CA LEU C 650 15.64 -30.17 -3.00
C LEU C 650 14.16 -30.40 -2.78
N TRP C 651 13.81 -31.33 -1.89
CA TRP C 651 12.43 -31.71 -1.65
C TRP C 651 12.03 -31.35 -0.23
N ILE C 652 10.79 -30.92 -0.09
CA ILE C 652 10.18 -30.64 1.21
C ILE C 652 8.96 -31.54 1.32
N THR C 653 8.93 -32.39 2.35
CA THR C 653 7.88 -33.39 2.41
C THR C 653 6.57 -32.79 2.94
N MET C 654 6.60 -32.27 4.17
CA MET C 654 5.52 -31.43 4.69
C MET C 654 5.95 -29.98 4.66
N ASN C 655 5.07 -29.10 4.19
CA ASN C 655 5.34 -27.67 4.06
C ASN C 655 4.64 -26.93 5.19
N GLU C 656 5.32 -26.80 6.32
CA GLU C 656 4.83 -26.08 7.49
C GLU C 656 3.46 -26.60 7.92
N PRO C 657 3.37 -27.80 8.47
CA PRO C 657 2.07 -28.30 8.93
C PRO C 657 1.54 -27.49 10.10
N TYR C 658 0.22 -27.42 10.21
CA TYR C 658 -0.43 -26.67 11.27
C TYR C 658 -0.32 -27.39 12.60
N THR C 659 0.78 -27.17 13.32
CA THR C 659 0.99 -27.85 14.59
C THR C 659 -0.01 -27.43 15.65
N ARG C 660 -0.69 -26.30 15.48
CA ARG C 660 -1.66 -25.83 16.45
C ARG C 660 -3.09 -26.22 16.12
N ASN C 661 -3.36 -26.62 14.88
CA ASN C 661 -4.72 -26.92 14.45
C ASN C 661 -4.96 -28.39 14.13
N MET C 662 -3.95 -29.24 14.24
CA MET C 662 -4.10 -30.64 13.89
C MET C 662 -4.10 -31.52 15.14
N THR C 663 -4.84 -32.62 15.07
CA THR C 663 -5.02 -33.53 16.19
C THR C 663 -3.76 -34.37 16.39
N TYR C 664 -3.71 -35.05 17.53
CA TYR C 664 -2.56 -35.91 17.84
C TYR C 664 -2.49 -37.10 16.90
N SER C 665 -3.64 -37.71 16.59
CA SER C 665 -3.65 -38.80 15.62
C SER C 665 -3.26 -38.31 14.23
N ALA C 666 -3.75 -37.12 13.84
CA ALA C 666 -3.37 -36.56 12.55
C ALA C 666 -1.88 -36.27 12.50
N GLY C 667 -1.32 -35.71 13.57
CA GLY C 667 0.11 -35.47 13.60
C GLY C 667 0.93 -36.74 13.75
N HIS C 668 0.31 -37.81 14.25
CA HIS C 668 0.99 -39.09 14.33
C HIS C 668 1.19 -39.70 12.95
N ASN C 669 0.13 -39.69 12.13
CA ASN C 669 0.24 -40.22 10.77
C ASN C 669 1.06 -39.30 9.89
N LEU C 670 1.01 -37.99 10.14
CA LEU C 670 1.81 -37.05 9.36
C LEU C 670 3.30 -37.31 9.55
N LEU C 671 3.71 -37.64 10.78
CA LEU C 671 5.09 -38.02 11.01
C LEU C 671 5.45 -39.31 10.28
N LYS C 672 4.53 -40.29 10.30
CA LYS C 672 4.76 -41.52 9.56
C LYS C 672 4.76 -41.28 8.06
N ALA C 673 3.87 -40.42 7.58
CA ALA C 673 3.81 -40.12 6.15
C ALA C 673 5.11 -39.49 5.67
N HIS C 674 5.67 -38.57 6.46
CA HIS C 674 6.95 -37.96 6.09
C HIS C 674 8.07 -39.00 6.10
N ALA C 675 8.08 -39.89 7.09
CA ALA C 675 9.12 -40.91 7.15
C ALA C 675 9.06 -41.84 5.95
N LEU C 676 7.86 -42.23 5.54
CA LEU C 676 7.72 -43.09 4.37
C LEU C 676 8.22 -42.40 3.11
N ALA C 677 7.88 -41.11 2.94
CA ALA C 677 8.34 -40.37 1.77
C ALA C 677 9.86 -40.22 1.78
N TRP C 678 10.44 -39.95 2.95
CA TRP C 678 11.89 -39.83 3.04
C TRP C 678 12.56 -41.18 2.79
N HIS C 679 11.97 -42.26 3.29
CA HIS C 679 12.55 -43.59 3.05
C HIS C 679 12.30 -44.07 1.62
N VAL C 680 11.30 -43.53 0.93
CA VAL C 680 11.15 -43.79 -0.49
C VAL C 680 12.27 -43.11 -1.27
N TYR C 681 12.54 -41.85 -0.97
CA TYR C 681 13.59 -41.12 -1.67
C TYR C 681 14.97 -41.67 -1.33
N ASN C 682 15.23 -41.92 -0.05
CA ASN C 682 16.57 -42.32 0.37
C ASN C 682 16.99 -43.64 -0.25
N GLU C 683 16.07 -44.60 -0.32
CA GLU C 683 16.41 -45.94 -0.79
C GLU C 683 16.35 -46.06 -2.30
N LYS C 684 15.40 -45.41 -2.96
CA LYS C 684 15.16 -45.61 -4.39
C LYS C 684 15.79 -44.54 -5.27
N PHE C 685 15.68 -43.27 -4.91
CA PHE C 685 15.97 -42.19 -5.84
C PHE C 685 17.27 -41.44 -5.58
N ARG C 686 17.69 -41.28 -4.32
CA ARG C 686 18.83 -40.43 -4.03
C ARG C 686 20.08 -40.84 -4.80
N HIS C 687 20.26 -42.14 -5.04
CA HIS C 687 21.43 -42.59 -5.79
C HIS C 687 21.37 -42.11 -7.23
N ALA C 688 20.22 -42.25 -7.89
CA ALA C 688 20.09 -41.82 -9.27
C ALA C 688 20.13 -40.31 -9.39
N GLN C 689 19.35 -39.62 -8.57
CA GLN C 689 19.29 -38.16 -8.54
C GLN C 689 19.87 -37.68 -7.23
N ASN C 690 21.03 -37.03 -7.28
CA ASN C 690 21.71 -36.62 -6.06
C ASN C 690 21.02 -35.42 -5.43
N GLY C 691 19.83 -35.64 -4.85
CA GLY C 691 19.06 -34.58 -4.24
C GLY C 691 18.94 -34.74 -2.73
N LYS C 692 18.15 -33.85 -2.15
CA LYS C 692 17.93 -33.80 -0.71
C LYS C 692 16.44 -33.67 -0.42
N ILE C 693 16.04 -34.14 0.75
CA ILE C 693 14.63 -34.12 1.15
C ILE C 693 14.56 -34.02 2.66
N SER C 694 13.65 -33.18 3.15
CA SER C 694 13.43 -33.00 4.58
C SER C 694 12.05 -32.43 4.80
N ILE C 695 11.76 -32.01 6.03
CA ILE C 695 10.46 -31.47 6.40
C ILE C 695 10.63 -30.00 6.77
N ALA C 696 9.61 -29.22 6.45
CA ALA C 696 9.57 -27.79 6.79
C ALA C 696 8.62 -27.59 7.96
N LEU C 697 9.10 -26.92 9.00
CA LEU C 697 8.33 -26.69 10.21
C LEU C 697 8.23 -25.19 10.47
N GLN C 698 7.08 -24.77 10.97
CA GLN C 698 6.86 -23.36 11.29
C GLN C 698 7.48 -23.05 12.64
N ALA C 699 8.62 -22.37 12.63
CA ALA C 699 9.38 -22.08 13.84
C ALA C 699 9.21 -20.60 14.17
N ASP C 700 8.13 -20.30 14.90
CA ASP C 700 7.89 -18.96 15.43
C ASP C 700 8.40 -18.91 16.86
N TRP C 701 9.23 -17.92 17.16
CA TRP C 701 9.86 -17.85 18.47
C TRP C 701 8.83 -17.58 19.55
N ILE C 702 9.11 -18.13 20.74
CA ILE C 702 8.27 -17.94 21.92
C ILE C 702 9.15 -17.39 23.03
N GLU C 703 8.84 -16.17 23.48
CA GLU C 703 9.66 -15.47 24.44
C GLU C 703 8.90 -15.25 25.73
N PRO C 704 9.52 -15.47 26.89
CA PRO C 704 8.85 -15.17 28.15
C PRO C 704 8.50 -13.69 28.26
N ALA C 705 7.33 -13.41 28.82
CA ALA C 705 6.90 -12.02 28.95
C ALA C 705 7.81 -11.25 29.90
N CYS C 706 8.05 -11.80 31.08
CA CYS C 706 8.96 -11.20 32.05
C CYS C 706 10.33 -11.82 31.90
N PRO C 707 11.35 -11.06 31.51
CA PRO C 707 12.66 -11.67 31.22
C PRO C 707 13.32 -12.33 32.42
N PHE C 708 12.95 -11.97 33.65
CA PHE C 708 13.59 -12.49 34.84
C PHE C 708 12.67 -13.41 35.64
N SER C 709 11.63 -13.94 35.02
CA SER C 709 10.69 -14.85 35.68
C SER C 709 11.03 -16.27 35.27
N GLN C 710 11.24 -17.14 36.27
CA GLN C 710 11.58 -18.53 35.98
C GLN C 710 10.36 -19.31 35.50
N LYS C 711 9.19 -19.05 36.10
CA LYS C 711 7.99 -19.74 35.66
C LYS C 711 7.58 -19.33 34.25
N ASP C 712 7.98 -18.14 33.81
CA ASP C 712 7.70 -17.73 32.44
C ASP C 712 8.63 -18.43 31.46
N LYS C 713 9.88 -18.66 31.85
CA LYS C 713 10.80 -19.41 31.01
C LYS C 713 10.35 -20.84 30.83
N GLU C 714 9.88 -21.47 31.91
CA GLU C 714 9.37 -22.83 31.81
C GLU C 714 8.16 -22.91 30.91
N VAL C 715 7.26 -21.93 31.00
CA VAL C 715 6.10 -21.89 30.13
C VAL C 715 6.51 -21.65 28.68
N ALA C 716 7.52 -20.82 28.46
CA ALA C 716 7.99 -20.57 27.11
C ALA C 716 8.54 -21.84 26.47
N GLU C 717 9.33 -22.61 27.23
CA GLU C 717 9.87 -23.86 26.69
C GLU C 717 8.76 -24.87 26.44
N ARG C 718 7.77 -24.93 27.32
CA ARG C 718 6.68 -25.88 27.14
C ARG C 718 5.88 -25.57 25.87
N VAL C 719 5.59 -24.30 25.62
CA VAL C 719 4.87 -23.91 24.41
C VAL C 719 5.71 -24.22 23.17
N LEU C 720 7.03 -24.04 23.27
CA LEU C 720 7.90 -24.35 22.14
C LEU C 720 7.87 -25.85 21.82
N GLU C 721 7.81 -26.70 22.83
CA GLU C 721 7.69 -28.13 22.59
C GLU C 721 6.39 -28.46 21.86
N PHE C 722 5.28 -27.83 22.27
CA PHE C 722 4.00 -28.08 21.63
C PHE C 722 3.91 -27.51 20.23
N ASP C 723 4.76 -26.53 19.90
CA ASP C 723 4.71 -25.85 18.61
C ASP C 723 5.75 -26.40 17.63
N ILE C 724 7.02 -26.36 18.01
CA ILE C 724 8.10 -26.81 17.16
C ILE C 724 8.51 -28.24 17.48
N GLY C 725 8.69 -28.56 18.76
CA GLY C 725 9.23 -29.85 19.15
C GLY C 725 8.29 -31.01 18.98
N TRP C 726 7.01 -30.76 18.73
CA TRP C 726 6.07 -31.87 18.54
C TRP C 726 6.43 -32.68 17.32
N LEU C 727 6.66 -32.02 16.18
CA LEU C 727 6.98 -32.68 14.93
C LEU C 727 8.46 -32.65 14.60
N ALA C 728 9.30 -32.16 15.52
CA ALA C 728 10.74 -32.10 15.30
C ALA C 728 11.52 -33.05 16.18
N GLU C 729 11.06 -33.30 17.40
CA GLU C 729 11.74 -34.28 18.26
C GLU C 729 11.74 -35.68 17.65
N PRO C 730 10.64 -36.22 17.12
CA PRO C 730 10.72 -37.53 16.47
C PRO C 730 11.69 -37.56 15.30
N ILE C 731 11.81 -36.45 14.57
CA ILE C 731 12.60 -36.42 13.34
C ILE C 731 14.03 -35.97 13.61
N PHE C 732 14.20 -34.83 14.26
CA PHE C 732 15.52 -34.24 14.47
C PHE C 732 16.12 -34.57 15.82
N GLY C 733 15.35 -35.11 16.76
CA GLY C 733 15.84 -35.33 18.10
C GLY C 733 15.96 -36.77 18.52
N SER C 734 15.24 -37.14 19.57
CA SER C 734 15.38 -38.46 20.19
C SER C 734 14.54 -39.53 19.50
N GLY C 735 13.78 -39.19 18.47
CA GLY C 735 12.93 -40.15 17.80
C GLY C 735 11.60 -40.40 18.45
N ASP C 736 11.31 -39.76 19.57
CA ASP C 736 10.03 -39.86 20.25
C ASP C 736 9.48 -38.46 20.49
N TYR C 737 8.24 -38.39 20.97
CA TYR C 737 7.61 -37.11 21.23
C TYR C 737 8.34 -36.38 22.36
N PRO C 738 8.31 -35.05 22.37
CA PRO C 738 9.09 -34.30 23.36
C PRO C 738 8.70 -34.66 24.79
N TRP C 739 9.71 -34.68 25.66
CA TRP C 739 9.50 -35.10 27.05
C TRP C 739 8.54 -34.15 27.75
N VAL C 740 8.70 -32.84 27.52
CA VAL C 740 7.82 -31.85 28.14
C VAL C 740 6.39 -32.05 27.67
N MET C 741 6.21 -32.43 26.40
CA MET C 741 4.87 -32.66 25.88
C MET C 741 4.22 -33.87 26.54
N ARG C 742 5.00 -34.92 26.78
CA ARG C 742 4.46 -36.09 27.47
C ARG C 742 4.16 -35.80 28.93
N ASP C 743 5.05 -35.05 29.61
CA ASP C 743 4.81 -34.70 31.00
C ASP C 743 3.55 -33.84 31.15
N TRP C 744 3.37 -32.87 30.26
CA TRP C 744 2.22 -31.98 30.37
C TRP C 744 0.91 -32.72 30.19
N LEU C 745 0.84 -33.64 29.21
CA LEU C 745 -0.38 -34.37 28.96
C LEU C 745 -0.63 -35.48 29.97
N ASN C 746 0.43 -36.12 30.46
CA ASN C 746 0.25 -37.22 31.40
C ASN C 746 -0.26 -36.73 32.75
N GLN C 747 0.35 -35.66 33.28
CA GLN C 747 -0.11 -35.10 34.55
C GLN C 747 -1.47 -34.43 34.42
N ARG C 748 -1.91 -34.14 33.20
CA ARG C 748 -3.23 -33.58 32.94
C ARG C 748 -4.28 -34.67 32.78
N ASN C 749 -3.88 -35.94 32.84
CA ASN C 749 -4.77 -37.08 32.58
C ASN C 749 -5.36 -37.00 31.18
N ASN C 750 -4.55 -36.55 30.23
CA ASN C 750 -4.91 -36.45 28.82
C ASN C 750 -3.94 -37.35 28.06
N PHE C 751 -4.28 -38.64 27.97
CA PHE C 751 -3.42 -39.62 27.29
C PHE C 751 -3.80 -39.76 25.82
N LEU C 752 -3.87 -38.64 25.11
CA LEU C 752 -4.20 -38.64 23.69
C LEU C 752 -2.96 -38.59 22.80
N LEU C 753 -1.76 -38.54 23.38
CA LEU C 753 -0.54 -38.53 22.59
C LEU C 753 -0.11 -39.97 22.32
N PRO C 754 -0.15 -40.43 21.08
CA PRO C 754 0.20 -41.83 20.80
C PRO C 754 1.67 -42.11 21.08
N TYR C 755 1.94 -43.34 21.49
CA TYR C 755 3.30 -43.77 21.78
C TYR C 755 3.97 -44.31 20.53
N PHE C 756 5.29 -44.22 20.51
CA PHE C 756 6.09 -44.64 19.36
C PHE C 756 6.65 -46.03 19.60
N THR C 757 6.27 -46.97 18.74
CA THR C 757 6.86 -48.30 18.79
C THR C 757 8.30 -48.23 18.29
N GLU C 758 9.06 -49.30 18.57
CA GLU C 758 10.47 -49.30 18.19
C GLU C 758 10.63 -49.26 16.68
N ASP C 759 9.78 -49.98 15.94
CA ASP C 759 9.85 -49.92 14.48
C ASP C 759 9.50 -48.52 13.98
N GLU C 760 8.46 -47.90 14.54
CA GLU C 760 8.11 -46.54 14.14
C GLU C 760 9.18 -45.54 14.59
N LYS C 761 9.75 -45.73 15.77
CA LYS C 761 10.76 -44.81 16.26
C LYS C 761 12.00 -44.81 15.37
N LYS C 762 12.43 -45.99 14.93
CA LYS C 762 13.56 -46.07 14.03
C LYS C 762 13.20 -45.56 12.64
N LEU C 763 11.93 -45.69 12.25
CA LEU C 763 11.51 -45.25 10.92
C LEU C 763 11.64 -43.73 10.78
N ILE C 764 11.28 -42.98 11.82
CA ILE C 764 11.29 -41.52 11.75
C ILE C 764 12.49 -40.92 12.48
N GLN C 765 13.43 -41.76 12.93
CA GLN C 765 14.51 -41.27 13.78
C GLN C 765 15.39 -40.26 13.06
N GLY C 766 15.71 -40.51 11.80
CA GLY C 766 16.62 -39.64 11.09
C GLY C 766 16.15 -39.19 9.72
N THR C 767 14.83 -39.09 9.55
CA THR C 767 14.26 -38.72 8.25
C THR C 767 14.37 -37.21 8.04
N PHE C 768 15.62 -36.77 7.84
CA PHE C 768 15.87 -35.37 7.54
C PHE C 768 17.23 -35.24 6.86
N ASP C 769 17.31 -34.33 5.90
CA ASP C 769 18.58 -33.94 5.30
C ASP C 769 19.00 -32.53 5.69
N PHE C 770 18.05 -31.70 6.12
CA PHE C 770 18.34 -30.35 6.61
C PHE C 770 17.19 -29.94 7.51
N LEU C 771 17.36 -28.80 8.17
CA LEU C 771 16.35 -28.24 9.05
C LEU C 771 15.72 -27.04 8.34
N ALA C 772 14.57 -27.25 7.72
CA ALA C 772 13.85 -26.18 7.04
C ALA C 772 12.85 -25.59 8.04
N LEU C 773 13.05 -24.33 8.40
CA LEU C 773 12.17 -23.64 9.35
C LEU C 773 11.58 -22.40 8.69
N SER C 774 10.37 -22.06 9.11
CA SER C 774 9.65 -20.89 8.61
C SER C 774 9.34 -19.99 9.80
N HIS C 775 9.95 -18.80 9.83
CA HIS C 775 9.82 -17.87 10.94
C HIS C 775 9.13 -16.60 10.46
N TYR C 776 8.09 -16.18 11.17
CA TYR C 776 7.34 -14.98 10.84
C TYR C 776 7.34 -13.93 11.93
N THR C 777 7.16 -14.32 13.18
CA THR C 777 7.10 -13.38 14.30
C THR C 777 7.41 -14.13 15.58
N THR C 778 7.38 -13.40 16.70
CA THR C 778 7.56 -14.00 18.02
C THR C 778 6.40 -13.60 18.92
N ILE C 779 6.13 -14.43 19.92
CA ILE C 779 5.00 -14.29 20.81
C ILE C 779 5.49 -14.28 22.24
N LEU C 780 4.96 -13.36 23.04
CA LEU C 780 5.27 -13.30 24.46
C LEU C 780 4.28 -14.14 25.25
N VAL C 781 4.81 -14.95 26.17
CA VAL C 781 4.02 -15.89 26.95
C VAL C 781 4.19 -15.56 28.44
N ASP C 782 3.07 -15.54 29.15
CA ASP C 782 3.05 -15.24 30.58
C ASP C 782 2.36 -16.38 31.32
N SER C 783 2.98 -16.82 32.41
CA SER C 783 2.41 -17.93 33.18
C SER C 783 1.09 -17.54 33.83
N GLU C 784 1.04 -16.35 34.44
CA GLU C 784 -0.15 -15.92 35.15
C GLU C 784 -1.28 -15.59 34.18
N LYS C 785 -2.50 -15.86 34.60
CA LYS C 785 -3.70 -15.59 33.81
C LYS C 785 -4.30 -14.26 34.26
N GLU C 786 -4.12 -13.23 33.43
CA GLU C 786 -4.74 -11.94 33.73
C GLU C 786 -6.26 -12.03 33.58
N ASP C 787 -6.73 -12.59 32.46
CA ASP C 787 -8.14 -12.82 32.24
C ASP C 787 -8.34 -14.22 31.69
N PRO C 788 -9.39 -14.92 32.11
CA PRO C 788 -9.61 -16.29 31.62
C PRO C 788 -10.14 -16.37 30.21
N ILE C 789 -10.68 -15.27 29.67
CA ILE C 789 -11.25 -15.32 28.32
C ILE C 789 -10.16 -15.50 27.28
N LYS C 790 -9.07 -14.75 27.40
CA LYS C 790 -7.94 -14.83 26.47
C LYS C 790 -6.83 -15.71 27.01
N TYR C 791 -7.16 -16.68 27.86
CA TYR C 791 -6.19 -17.56 28.47
C TYR C 791 -6.31 -18.95 27.87
N ASN C 792 -5.16 -19.51 27.46
CA ASN C 792 -5.13 -20.86 26.89
C ASN C 792 -5.07 -21.85 28.05
N ASP C 793 -6.24 -22.29 28.51
CA ASP C 793 -6.31 -23.22 29.63
C ASP C 793 -5.70 -24.58 29.30
N TYR C 794 -5.60 -24.92 28.02
CA TYR C 794 -4.98 -26.18 27.63
C TYR C 794 -3.51 -26.21 28.02
N LEU C 795 -2.76 -25.19 27.62
CA LEU C 795 -1.33 -25.11 27.87
C LEU C 795 -0.98 -24.26 29.08
N GLU C 796 -1.98 -23.69 29.76
CA GLU C 796 -1.77 -22.77 30.87
C GLU C 796 -0.80 -21.66 30.47
N VAL C 797 -1.10 -21.02 29.34
CA VAL C 797 -0.29 -19.95 28.79
C VAL C 797 -1.17 -18.73 28.57
N GLN C 798 -0.60 -17.55 28.81
CA GLN C 798 -1.26 -16.27 28.54
C GLN C 798 -0.45 -15.58 27.46
N GLU C 799 -0.89 -15.76 26.20
CA GLU C 799 -0.17 -15.18 25.09
C GLU C 799 -0.35 -13.66 25.08
N MET C 800 0.75 -12.94 24.95
CA MET C 800 0.71 -11.49 24.88
C MET C 800 1.71 -11.02 23.83
N THR C 801 1.75 -9.71 23.61
CA THR C 801 2.69 -9.12 22.68
C THR C 801 3.23 -7.82 23.27
N ASP C 802 4.46 -7.48 22.87
CA ASP C 802 5.05 -6.20 23.24
C ASP C 802 4.51 -5.14 22.29
N ILE C 803 3.70 -4.21 22.82
CA ILE C 803 3.07 -3.23 21.97
C ILE C 803 4.06 -2.22 21.42
N THR C 804 5.27 -2.13 21.98
CA THR C 804 6.28 -1.26 21.42
C THR C 804 6.86 -1.79 20.12
N TRP C 805 6.61 -3.06 19.79
CA TRP C 805 7.09 -3.63 18.53
C TRP C 805 6.31 -3.04 17.36
N LEU C 806 6.93 -3.10 16.19
CA LEU C 806 6.24 -2.75 14.96
C LEU C 806 5.19 -3.80 14.64
N ASN C 807 4.13 -3.39 13.96
CA ASN C 807 3.04 -4.29 13.64
C ASN C 807 2.61 -4.09 12.20
N SER C 808 2.39 -5.20 11.50
CA SER C 808 1.80 -5.15 10.17
C SER C 808 0.31 -4.85 10.29
N PRO C 809 -0.34 -4.43 9.19
CA PRO C 809 -1.79 -4.20 9.24
C PRO C 809 -2.59 -5.40 9.69
N SER C 810 -2.02 -6.60 9.65
CA SER C 810 -2.67 -7.79 10.18
C SER C 810 -2.27 -8.09 11.62
N GLN C 811 -1.60 -7.15 12.28
CA GLN C 811 -1.18 -7.28 13.67
C GLN C 811 -0.22 -8.47 13.85
N VAL C 812 0.89 -8.40 13.14
CA VAL C 812 1.98 -9.37 13.26
C VAL C 812 3.23 -8.61 13.68
N ALA C 813 3.80 -8.99 14.82
CA ALA C 813 4.91 -8.24 15.39
C ALA C 813 6.16 -8.38 14.53
N VAL C 814 6.86 -7.26 14.34
CA VAL C 814 8.14 -7.25 13.63
C VAL C 814 9.22 -7.37 14.69
N VAL C 815 9.73 -8.58 14.86
CA VAL C 815 10.72 -8.88 15.91
C VAL C 815 11.96 -9.49 15.26
N PRO C 816 12.90 -8.67 14.79
CA PRO C 816 14.07 -9.24 14.09
C PRO C 816 14.88 -10.21 14.92
N TRP C 817 15.08 -9.93 16.22
CA TRP C 817 15.94 -10.79 17.02
C TRP C 817 15.30 -12.14 17.34
N GLY C 818 14.01 -12.32 17.03
CA GLY C 818 13.40 -13.62 17.22
C GLY C 818 13.96 -14.68 16.28
N LEU C 819 14.30 -14.28 15.05
CA LEU C 819 14.88 -15.23 14.11
C LEU C 819 16.22 -15.76 14.60
N ARG C 820 17.06 -14.88 15.17
CA ARG C 820 18.32 -15.34 15.72
C ARG C 820 18.11 -16.23 16.93
N LYS C 821 17.09 -15.93 17.74
CA LYS C 821 16.85 -16.70 18.96
C LYS C 821 16.30 -18.08 18.64
N VAL C 822 15.37 -18.19 17.68
CA VAL C 822 14.80 -19.48 17.35
C VAL C 822 15.80 -20.35 16.61
N LEU C 823 16.72 -19.74 15.85
CA LEU C 823 17.77 -20.52 15.22
C LEU C 823 18.70 -21.15 16.26
N ASN C 824 19.06 -20.39 17.29
CA ASN C 824 19.92 -20.92 18.34
C ASN C 824 19.21 -21.99 19.15
N TRP C 825 17.90 -21.84 19.36
CA TRP C 825 17.14 -22.86 20.08
C TRP C 825 17.11 -24.16 19.29
N LEU C 826 16.91 -24.08 17.98
CA LEU C 826 16.90 -25.29 17.15
C LEU C 826 18.27 -25.96 17.15
N LYS C 827 19.34 -25.17 17.06
CA LYS C 827 20.68 -25.74 17.13
C LYS C 827 20.94 -26.37 18.48
N PHE C 828 20.52 -25.70 19.56
CA PHE C 828 20.75 -26.23 20.90
C PHE C 828 19.95 -27.52 21.12
N LYS C 829 18.70 -27.56 20.68
CA LYS C 829 17.86 -28.72 20.91
C LYS C 829 18.19 -29.88 19.97
N TYR C 830 18.56 -29.58 18.73
CA TYR C 830 18.70 -30.60 17.69
C TYR C 830 20.09 -30.62 17.07
N GLY C 831 21.11 -30.16 17.78
CA GLY C 831 22.45 -30.25 17.26
C GLY C 831 22.73 -29.27 16.14
N ASP C 832 23.93 -29.39 15.58
CA ASP C 832 24.40 -28.51 14.52
C ASP C 832 23.97 -29.08 13.18
N LEU C 833 22.77 -28.69 12.74
CA LEU C 833 22.19 -29.16 11.50
C LEU C 833 22.23 -28.06 10.44
N PRO C 834 22.19 -28.42 9.16
CA PRO C 834 22.01 -27.40 8.12
C PRO C 834 20.61 -26.83 8.20
N MET C 835 20.52 -25.53 8.48
CA MET C 835 19.24 -24.86 8.70
C MET C 835 18.88 -24.02 7.48
N TYR C 836 17.69 -24.23 6.95
CA TYR C 836 17.12 -23.43 5.87
C TYR C 836 16.00 -22.58 6.44
N ILE C 837 15.98 -21.30 6.10
CA ILE C 837 14.85 -20.42 6.43
C ILE C 837 13.90 -20.54 5.24
N ILE C 838 13.02 -21.54 5.30
CA ILE C 838 12.22 -21.91 4.14
C ILE C 838 11.17 -20.86 3.79
N SER C 839 10.80 -20.00 4.75
CA SER C 839 9.83 -18.95 4.47
C SER C 839 9.90 -17.92 5.59
N ASN C 840 10.10 -16.65 5.23
CA ASN C 840 10.19 -15.58 6.22
C ASN C 840 9.81 -14.27 5.53
N GLY C 841 8.59 -13.81 5.77
CA GLY C 841 8.12 -12.56 5.18
C GLY C 841 6.94 -12.01 5.93
N ILE C 842 6.57 -10.78 5.57
CA ILE C 842 5.49 -10.06 6.22
C ILE C 842 4.57 -9.47 5.14
N ASP C 843 3.37 -9.11 5.57
CA ASP C 843 2.35 -8.58 4.67
C ASP C 843 2.26 -7.07 4.79
N ASP C 844 1.58 -6.46 3.82
CA ASP C 844 1.35 -5.02 3.80
C ASP C 844 -0.08 -4.78 3.35
N GLY C 845 -0.93 -4.35 4.29
CA GLY C 845 -2.34 -4.17 3.97
C GLY C 845 -2.58 -3.12 2.89
N LEU C 846 -1.90 -1.98 2.98
CA LEU C 846 -2.05 -0.92 2.00
C LEU C 846 -1.20 -1.25 0.78
N HIS C 847 -1.03 -0.27 -0.12
CA HIS C 847 -0.32 -0.50 -1.37
C HIS C 847 1.16 -0.17 -1.25
N ALA C 848 1.48 1.08 -0.90
CA ALA C 848 2.85 1.51 -0.75
C ALA C 848 3.17 2.10 0.61
N GLU C 849 2.16 2.37 1.45
CA GLU C 849 2.38 2.94 2.77
C GLU C 849 2.93 1.92 3.76
N ASP C 850 2.85 0.63 3.46
CA ASP C 850 3.35 -0.40 4.35
C ASP C 850 4.46 -1.24 3.75
N ASP C 851 4.83 -1.01 2.48
CA ASP C 851 5.93 -1.76 1.90
C ASP C 851 7.28 -1.27 2.43
N GLN C 852 7.34 -0.04 2.91
CA GLN C 852 8.54 0.42 3.60
C GLN C 852 8.75 -0.30 4.92
N LEU C 853 7.70 -0.95 5.44
CA LEU C 853 7.87 -1.83 6.60
C LEU C 853 8.51 -3.15 6.18
N ARG C 854 8.10 -3.69 5.04
CA ARG C 854 8.60 -5.00 4.61
C ARG C 854 10.09 -4.96 4.34
N VAL C 855 10.58 -3.90 3.70
CA VAL C 855 12.02 -3.77 3.49
C VAL C 855 12.74 -3.64 4.82
N TYR C 856 12.15 -2.90 5.77
CA TYR C 856 12.69 -2.90 7.14
C TYR C 856 12.62 -4.28 7.75
N TYR C 857 11.51 -4.99 7.55
CA TYR C 857 11.39 -6.35 8.05
C TYR C 857 12.42 -7.27 7.40
N MET C 858 12.53 -7.19 6.07
CA MET C 858 13.46 -8.06 5.36
C MET C 858 14.90 -7.76 5.73
N GLN C 859 15.27 -6.47 5.81
CA GLN C 859 16.66 -6.11 6.07
C GLN C 859 17.11 -6.58 7.44
N ASN C 860 16.28 -6.38 8.47
CA ASN C 860 16.68 -6.72 9.83
C ASN C 860 16.63 -8.23 10.07
N TYR C 861 15.59 -8.90 9.55
CA TYR C 861 15.50 -10.35 9.73
C TYR C 861 16.66 -11.06 9.06
N ILE C 862 17.02 -10.65 7.85
CA ILE C 862 18.20 -11.21 7.19
C ILE C 862 19.46 -10.88 7.99
N ASN C 863 19.55 -9.66 8.51
CA ASN C 863 20.71 -9.29 9.32
C ASN C 863 20.80 -10.13 10.58
N GLU C 864 19.66 -10.38 11.23
CA GLU C 864 19.67 -11.23 12.42
C GLU C 864 19.98 -12.68 12.06
N ALA C 865 19.55 -13.14 10.89
CA ALA C 865 20.00 -14.44 10.40
C ALA C 865 21.49 -14.42 10.13
N LEU C 866 22.01 -13.30 9.61
CA LEU C 866 23.45 -13.16 9.45
C LEU C 866 24.17 -13.19 10.79
N LYS C 867 23.58 -12.56 11.80
CA LYS C 867 24.16 -12.59 13.14
C LYS C 867 24.24 -14.03 13.66
N ALA C 868 23.17 -14.80 13.47
CA ALA C 868 23.17 -16.19 13.93
C ALA C 868 24.22 -17.00 13.20
N HIS C 869 24.40 -16.75 11.90
CA HIS C 869 25.38 -17.50 11.13
C HIS C 869 26.80 -17.21 11.60
N ILE C 870 27.13 -15.95 11.85
CA ILE C 870 28.50 -15.55 12.14
C ILE C 870 28.77 -15.60 13.64
N LEU C 871 27.97 -14.88 14.42
CA LEU C 871 28.23 -14.78 15.85
C LEU C 871 28.04 -16.11 16.56
N ASP C 872 27.04 -16.91 16.15
CA ASP C 872 26.75 -18.18 16.80
C ASP C 872 27.28 -19.38 16.04
N GLY C 873 27.86 -19.20 14.86
CA GLY C 873 28.33 -20.32 14.08
C GLY C 873 27.23 -21.26 13.63
N ILE C 874 26.04 -20.74 13.36
CA ILE C 874 24.92 -21.57 12.94
C ILE C 874 25.08 -21.93 11.47
N ASN C 875 24.85 -23.20 11.15
CA ASN C 875 25.02 -23.70 9.78
C ASN C 875 23.80 -23.33 8.93
N LEU C 876 23.51 -22.04 8.87
CA LEU C 876 22.45 -21.52 8.03
C LEU C 876 22.89 -21.52 6.58
N CYS C 877 22.12 -22.16 5.71
CA CYS C 877 22.48 -22.30 4.30
C CYS C 877 21.31 -21.93 3.39
N GLY C 878 20.50 -20.97 3.80
CA GLY C 878 19.43 -20.52 2.92
C GLY C 878 18.44 -19.55 3.55
N TYR C 879 18.06 -18.54 2.78
CA TYR C 879 16.99 -17.62 3.18
C TYR C 879 15.99 -17.55 2.05
N PHE C 880 14.72 -17.77 2.37
CA PHE C 880 13.65 -17.76 1.38
C PHE C 880 12.62 -16.70 1.76
N ALA C 881 12.64 -15.58 1.07
CA ALA C 881 11.62 -14.56 1.27
C ALA C 881 10.25 -15.09 0.92
N TYR C 882 9.26 -14.76 1.75
CA TYR C 882 7.93 -15.32 1.62
C TYR C 882 7.19 -14.64 0.48
N SER C 883 6.58 -15.47 -0.38
CA SER C 883 5.66 -15.06 -1.44
C SER C 883 6.41 -14.48 -2.63
N PHE C 884 6.04 -14.95 -3.82
CA PHE C 884 6.63 -14.53 -5.09
C PHE C 884 5.90 -13.32 -5.68
N ASN C 885 4.56 -13.29 -5.58
CA ASN C 885 3.79 -12.19 -6.12
C ASN C 885 2.51 -12.04 -5.31
N ASP C 886 1.84 -10.91 -5.50
CA ASP C 886 0.62 -10.60 -4.77
C ASP C 886 -0.61 -11.31 -5.34
N ARG C 887 -0.48 -11.98 -6.48
CA ARG C 887 -1.62 -12.69 -7.07
C ARG C 887 -1.82 -14.05 -6.43
N THR C 888 -0.77 -14.87 -6.42
CA THR C 888 -0.86 -16.21 -5.84
C THR C 888 -1.08 -16.13 -4.32
N ALA C 889 -0.26 -15.33 -3.64
CA ALA C 889 -0.40 -15.13 -2.20
C ALA C 889 -0.73 -13.67 -1.95
N PRO C 890 -1.99 -13.32 -1.73
CA PRO C 890 -2.35 -11.90 -1.59
C PRO C 890 -1.71 -11.29 -0.35
N ARG C 891 -1.34 -10.01 -0.46
CA ARG C 891 -0.86 -9.13 0.59
C ARG C 891 0.56 -9.47 1.04
N PHE C 892 1.15 -10.57 0.57
CA PHE C 892 2.46 -11.01 1.04
C PHE C 892 3.54 -10.89 -0.04
N GLY C 893 3.15 -10.74 -1.30
CA GLY C 893 4.09 -10.86 -2.41
C GLY C 893 5.08 -9.71 -2.48
N LEU C 894 6.25 -10.01 -3.04
CA LEU C 894 7.23 -8.98 -3.37
C LEU C 894 6.97 -8.33 -4.72
N TYR C 895 5.96 -8.80 -5.45
CA TYR C 895 5.57 -8.24 -6.73
C TYR C 895 4.11 -7.82 -6.66
N ARG C 896 3.84 -6.56 -6.99
CA ARG C 896 2.49 -6.02 -6.92
C ARG C 896 1.70 -6.46 -8.14
N TYR C 897 0.56 -7.11 -7.92
CA TYR C 897 -0.30 -7.60 -8.99
C TYR C 897 -1.52 -6.69 -9.08
N ALA C 898 -1.48 -5.75 -10.01
CA ALA C 898 -2.57 -4.82 -10.24
C ALA C 898 -2.86 -4.74 -11.72
N ALA C 899 -4.15 -4.75 -12.07
CA ALA C 899 -4.60 -4.69 -13.46
C ALA C 899 -3.97 -5.79 -14.31
N ASP C 900 -3.87 -6.99 -13.73
CA ASP C 900 -3.26 -8.14 -14.40
C ASP C 900 -1.84 -7.84 -14.86
N GLN C 901 -1.10 -7.10 -14.02
CA GLN C 901 0.27 -6.72 -14.32
C GLN C 901 1.12 -6.82 -13.07
N PHE C 902 2.31 -7.38 -13.21
CA PHE C 902 3.22 -7.56 -12.09
C PHE C 902 4.22 -6.41 -12.05
N GLU C 903 4.23 -5.67 -10.95
CA GLU C 903 5.14 -4.55 -10.77
C GLU C 903 5.98 -4.79 -9.52
N PRO C 904 7.30 -4.66 -9.60
CA PRO C 904 8.13 -4.85 -8.42
C PRO C 904 7.85 -3.81 -7.36
N LYS C 905 7.94 -4.23 -6.10
CA LYS C 905 7.80 -3.33 -4.97
C LYS C 905 9.16 -2.82 -4.55
N ALA C 906 9.16 -1.89 -3.59
CA ALA C 906 10.42 -1.39 -3.06
C ALA C 906 11.18 -2.49 -2.31
N SER C 907 10.45 -3.44 -1.71
CA SER C 907 11.11 -4.55 -1.04
C SER C 907 11.88 -5.42 -2.01
N MET C 908 11.38 -5.60 -3.23
CA MET C 908 12.07 -6.41 -4.22
C MET C 908 13.43 -5.81 -4.56
N LYS C 909 13.48 -4.50 -4.79
CA LYS C 909 14.73 -3.85 -5.18
C LYS C 909 15.77 -3.96 -4.08
N HIS C 910 15.36 -3.76 -2.83
CA HIS C 910 16.29 -3.90 -1.71
C HIS C 910 16.68 -5.35 -1.47
N TYR C 911 15.76 -6.28 -1.69
CA TYR C 911 16.11 -7.69 -1.59
C TYR C 911 17.17 -8.08 -2.62
N ARG C 912 17.03 -7.57 -3.84
CA ARG C 912 18.00 -7.86 -4.89
C ARG C 912 19.38 -7.32 -4.53
N LYS C 913 19.43 -6.15 -3.91
CA LYS C 913 20.72 -5.60 -3.46
C LYS C 913 21.36 -6.48 -2.40
N ILE C 914 20.56 -7.04 -1.48
CA ILE C 914 21.11 -7.98 -0.51
C ILE C 914 21.63 -9.24 -1.21
N ILE C 915 20.87 -9.73 -2.19
CA ILE C 915 21.27 -10.94 -2.89
C ILE C 915 22.56 -10.71 -3.68
N ASP C 916 22.64 -9.58 -4.38
CA ASP C 916 23.83 -9.30 -5.19
C ASP C 916 25.07 -9.16 -4.32
N SER C 917 24.95 -8.46 -3.20
CA SER C 917 26.07 -8.28 -2.28
C SER C 917 26.30 -9.51 -1.40
N ASN C 918 25.38 -10.47 -1.40
CA ASN C 918 25.47 -11.68 -0.59
C ASN C 918 25.62 -11.33 0.90
N GLY C 919 24.60 -10.65 1.41
CA GLY C 919 24.61 -10.22 2.79
C GLY C 919 24.71 -8.71 2.93
N PHE C 920 25.47 -8.25 3.91
CA PHE C 920 25.64 -6.82 4.18
C PHE C 920 27.13 -6.54 4.31
N PRO C 921 27.85 -6.46 3.19
CA PRO C 921 29.29 -6.16 3.26
C PRO C 921 29.54 -4.77 3.81
N GLY C 922 30.68 -4.63 4.50
CA GLY C 922 31.04 -3.37 5.11
C GLY C 922 31.50 -2.35 4.08
N PRO C 923 32.30 -1.38 4.54
CA PRO C 923 32.75 -0.32 3.61
C PRO C 923 33.83 -0.81 2.66
N GLU C 924 34.76 -1.62 3.16
CA GLU C 924 35.85 -2.16 2.33
C GLU C 924 36.12 -3.60 2.78
N THR C 925 35.45 -4.55 2.14
CA THR C 925 35.67 -5.96 2.38
C THR C 925 35.09 -6.75 1.22
N LEU C 926 35.83 -7.76 0.76
CA LEU C 926 35.41 -8.56 -0.39
C LEU C 926 35.90 -9.99 -0.21
N GLU C 927 35.02 -10.93 -0.52
CA GLU C 927 35.36 -12.36 -0.51
C GLU C 927 35.55 -12.82 -1.95
N ARG C 928 36.65 -13.54 -2.18
CA ARG C 928 36.95 -14.03 -3.52
C ARG C 928 35.95 -15.11 -3.92
N PHE C 929 35.91 -15.39 -5.22
CA PHE C 929 35.02 -16.43 -5.74
C PHE C 929 35.35 -17.77 -5.11
N CYS C 930 34.31 -18.53 -4.77
CA CYS C 930 34.48 -19.79 -4.06
C CYS C 930 34.11 -20.95 -4.98
N PRO C 931 35.07 -21.61 -5.61
CA PRO C 931 34.74 -22.80 -6.42
C PRO C 931 34.78 -24.07 -5.59
N GLU C 932 33.69 -24.85 -5.65
CA GLU C 932 33.57 -26.12 -4.94
C GLU C 932 33.78 -25.93 -3.43
N GLU C 933 33.04 -24.99 -2.87
CA GLU C 933 33.04 -24.79 -1.43
C GLU C 933 32.30 -25.93 -0.75
N PHE C 934 32.77 -26.31 0.43
CA PHE C 934 32.26 -27.53 1.07
C PHE C 934 31.58 -27.28 2.41
N THR C 935 30.73 -26.26 2.48
CA THR C 935 29.78 -26.20 3.58
C THR C 935 28.78 -27.33 3.42
N VAL C 936 28.53 -28.07 4.50
CA VAL C 936 27.75 -29.32 4.40
C VAL C 936 26.29 -28.90 4.51
N CYS C 937 25.76 -28.42 3.38
CA CYS C 937 24.33 -28.22 3.22
C CYS C 937 23.83 -28.57 1.82
N THR C 938 24.71 -28.70 0.83
CA THR C 938 24.34 -28.87 -0.57
C THR C 938 24.79 -30.24 -1.07
N GLU C 939 24.62 -30.46 -2.36
CA GLU C 939 24.91 -31.75 -3.00
C GLU C 939 26.37 -31.74 -3.44
N CYS C 940 27.20 -32.49 -2.72
CA CYS C 940 28.60 -32.66 -3.08
C CYS C 940 28.75 -33.89 -3.97
N SER C 941 29.98 -34.32 -4.20
CA SER C 941 30.27 -35.49 -5.02
C SER C 941 29.92 -36.80 -4.32
N PHE C 942 29.24 -36.75 -3.17
CA PHE C 942 28.83 -37.93 -2.43
C PHE C 942 30.01 -38.84 -2.08
N TYR D 1 20.20 21.21 -32.47
CA TYR D 1 19.08 20.39 -32.91
C TYR D 1 18.74 19.32 -31.87
N PRO D 2 17.68 19.54 -31.11
CA PRO D 2 17.26 18.56 -30.10
C PRO D 2 16.77 17.28 -30.75
N ASN D 3 17.00 16.16 -30.05
CA ASN D 3 16.57 14.84 -30.49
C ASN D 3 15.60 14.27 -29.47
N ALA D 4 14.42 13.86 -29.95
CA ALA D 4 13.43 13.22 -29.08
C ALA D 4 13.16 11.78 -29.51
N SER D 5 12.80 11.55 -30.76
CA SER D 5 12.51 10.22 -31.29
C SER D 5 11.52 9.43 -30.44
N PRO D 6 10.27 9.88 -30.34
CA PRO D 6 9.26 9.07 -29.63
C PRO D 6 8.71 7.98 -30.55
N LEU D 7 8.92 6.73 -30.17
CA LEU D 7 8.50 5.61 -31.00
C LEU D 7 6.99 5.59 -31.17
N LEU D 8 6.54 5.25 -32.38
CA LEU D 8 5.13 5.21 -32.72
C LEU D 8 4.70 3.77 -32.94
N GLY D 9 3.64 3.36 -32.25
CA GLY D 9 3.14 2.01 -32.32
C GLY D 9 3.33 1.19 -31.07
N SER D 10 3.52 1.82 -29.90
CA SER D 10 3.71 1.08 -28.65
C SER D 10 2.41 0.54 -28.07
N SER D 11 1.26 0.98 -28.58
CA SER D 11 -0.04 0.52 -28.07
C SER D 11 -0.43 -0.78 -28.76
N TRP D 12 0.31 -1.84 -28.42
CA TRP D 12 0.05 -3.17 -28.93
C TRP D 12 -0.43 -4.11 -27.82
N GLY D 13 -1.11 -3.56 -26.82
CA GLY D 13 -1.57 -4.35 -25.70
C GLY D 13 -1.50 -3.64 -24.37
N GLY D 14 -0.98 -2.41 -24.37
CA GLY D 14 -0.94 -1.62 -23.17
C GLY D 14 -2.29 -1.06 -22.78
N LEU D 15 -2.36 -0.53 -21.56
CA LEU D 15 -3.60 0.05 -21.07
C LEU D 15 -3.90 1.35 -21.79
N ILE D 16 -5.15 1.49 -22.27
CA ILE D 16 -5.57 2.66 -23.01
C ILE D 16 -6.91 3.15 -22.47
N HIS D 17 -7.15 4.44 -22.64
CA HIS D 17 -8.42 5.07 -22.31
C HIS D 17 -9.02 5.65 -23.57
N LEU D 18 -10.28 5.32 -23.84
CA LEU D 18 -10.95 5.78 -25.05
C LEU D 18 -11.54 7.17 -24.81
N TYR D 19 -11.08 8.14 -25.58
CA TYR D 19 -11.47 9.55 -25.43
C TYR D 19 -12.35 9.95 -26.59
N THR D 20 -13.47 10.62 -26.28
CA THR D 20 -14.36 11.14 -27.29
C THR D 20 -14.74 12.58 -26.95
N ALA D 21 -14.98 13.37 -27.99
CA ALA D 21 -15.32 14.79 -27.82
C ALA D 21 -16.48 15.15 -28.73
N THR D 22 -17.20 16.21 -28.35
CA THR D 22 -18.37 16.65 -29.09
C THR D 22 -18.46 18.17 -29.22
N ALA D 23 -17.36 18.88 -28.94
CA ALA D 23 -17.27 20.34 -28.87
C ALA D 23 -17.99 20.92 -27.67
N ARG D 24 -18.64 20.11 -26.84
CA ARG D 24 -19.25 20.55 -25.60
C ARG D 24 -18.46 20.13 -24.37
N ASN D 25 -18.18 18.84 -24.24
CA ASN D 25 -17.39 18.34 -23.12
C ASN D 25 -16.76 17.01 -23.52
N SER D 26 -15.71 16.64 -22.79
CA SER D 26 -14.97 15.42 -23.04
C SER D 26 -15.44 14.32 -22.09
N TYR D 27 -15.18 13.06 -22.49
CA TYR D 27 -15.59 11.93 -21.69
C TYR D 27 -14.70 10.73 -22.02
N HIS D 28 -14.34 9.96 -21.00
CA HIS D 28 -13.57 8.74 -21.15
C HIS D 28 -14.48 7.54 -20.96
N LEU D 29 -14.38 6.57 -21.86
CA LEU D 29 -15.20 5.37 -21.76
C LEU D 29 -14.87 4.62 -20.47
N GLN D 30 -15.92 4.23 -19.73
CA GLN D 30 -15.74 3.63 -18.42
C GLN D 30 -16.70 2.45 -18.27
N ILE D 31 -16.22 1.39 -17.64
CA ILE D 31 -16.99 0.17 -17.43
C ILE D 31 -17.04 -0.12 -15.93
N HIS D 32 -18.25 -0.32 -15.42
CA HIS D 32 -18.46 -0.62 -14.00
C HIS D 32 -18.78 -2.10 -13.83
N LYS D 33 -18.69 -2.57 -12.58
CA LYS D 33 -18.98 -3.97 -12.30
C LYS D 33 -20.43 -4.31 -12.60
N ASN D 34 -21.35 -3.41 -12.29
CA ASN D 34 -22.77 -3.67 -12.50
C ASN D 34 -23.17 -3.61 -13.97
N GLY D 35 -22.21 -3.54 -14.89
CA GLY D 35 -22.49 -3.46 -16.30
C GLY D 35 -22.80 -2.07 -16.82
N HIS D 36 -22.82 -1.07 -15.95
CA HIS D 36 -23.12 0.29 -16.37
C HIS D 36 -21.92 0.87 -17.13
N VAL D 37 -22.21 1.48 -18.27
CA VAL D 37 -21.19 2.12 -19.10
C VAL D 37 -21.54 3.60 -19.21
N ASP D 38 -20.60 4.46 -18.81
CA ASP D 38 -20.83 5.90 -18.83
C ASP D 38 -19.50 6.58 -19.20
N GLY D 39 -19.46 7.89 -19.03
CA GLY D 39 -18.27 8.65 -19.37
C GLY D 39 -17.62 9.33 -18.19
N ALA D 40 -16.37 9.00 -17.91
CA ALA D 40 -15.61 9.66 -16.87
C ALA D 40 -14.98 10.93 -17.42
N PRO D 41 -15.18 12.08 -16.76
CA PRO D 41 -14.60 13.33 -17.28
C PRO D 41 -13.09 13.31 -17.38
N HIS D 42 -12.41 12.59 -16.48
CA HIS D 42 -10.97 12.44 -16.49
C HIS D 42 -10.62 10.96 -16.50
N GLN D 43 -9.32 10.66 -16.52
CA GLN D 43 -8.85 9.29 -16.52
C GLN D 43 -9.07 8.68 -15.14
N THR D 44 -9.75 7.54 -15.11
CA THR D 44 -10.00 6.81 -13.88
C THR D 44 -9.50 5.38 -14.03
N ILE D 45 -9.14 4.76 -12.89
CA ILE D 45 -8.73 3.36 -12.91
C ILE D 45 -9.86 2.48 -13.43
N TYR D 46 -11.10 2.91 -13.22
CA TYR D 46 -12.25 2.19 -13.76
C TYR D 46 -12.27 2.24 -15.28
N SER D 47 -11.79 3.34 -15.86
CA SER D 47 -11.81 3.56 -17.30
C SER D 47 -10.63 2.95 -18.03
N ALA D 48 -9.69 2.33 -17.32
CA ALA D 48 -8.54 1.72 -17.97
C ALA D 48 -8.99 0.50 -18.76
N LEU D 49 -8.72 0.52 -20.07
CA LEU D 49 -9.14 -0.53 -20.97
C LEU D 49 -7.92 -1.20 -21.60
N MET D 50 -8.10 -2.46 -22.00
CA MET D 50 -7.08 -3.22 -22.70
C MET D 50 -7.73 -3.82 -23.94
N ILE D 51 -7.54 -3.17 -25.08
CA ILE D 51 -8.09 -3.66 -26.34
C ILE D 51 -7.20 -4.78 -26.86
N ARG D 52 -7.80 -5.89 -27.27
CA ARG D 52 -7.08 -7.03 -27.82
C ARG D 52 -7.73 -7.43 -29.14
N SER D 53 -6.91 -7.62 -30.17
CA SER D 53 -7.39 -7.93 -31.51
C SER D 53 -7.27 -9.43 -31.76
N GLU D 54 -8.35 -10.04 -32.25
CA GLU D 54 -8.38 -11.46 -32.56
C GLU D 54 -8.23 -11.74 -34.05
N ASP D 55 -8.95 -11.01 -34.89
CA ASP D 55 -8.80 -11.10 -36.32
C ASP D 55 -8.20 -9.80 -36.86
N ALA D 56 -7.96 -9.75 -38.16
CA ALA D 56 -7.31 -8.61 -38.79
C ALA D 56 -8.31 -7.47 -38.89
N GLY D 57 -8.54 -6.81 -37.77
CA GLY D 57 -9.41 -5.65 -37.70
C GLY D 57 -10.50 -5.71 -36.65
N PHE D 58 -10.68 -6.84 -35.96
CA PHE D 58 -11.71 -6.98 -34.94
C PHE D 58 -11.05 -6.98 -33.56
N VAL D 59 -11.57 -6.14 -32.67
CA VAL D 59 -11.00 -5.96 -31.34
C VAL D 59 -12.08 -6.20 -30.30
N VAL D 60 -11.64 -6.53 -29.09
CA VAL D 60 -12.51 -6.68 -27.93
C VAL D 60 -11.97 -5.82 -26.80
N ILE D 61 -12.86 -5.06 -26.17
CA ILE D 61 -12.50 -4.14 -25.09
C ILE D 61 -12.97 -4.75 -23.78
N THR D 62 -12.07 -4.78 -22.79
CA THR D 62 -12.35 -5.45 -21.52
C THR D 62 -12.43 -4.48 -20.35
N GLY D 63 -11.37 -3.73 -20.07
CA GLY D 63 -11.31 -2.98 -18.84
C GLY D 63 -10.77 -3.85 -17.71
N VAL D 64 -9.76 -3.35 -16.98
CA VAL D 64 -9.04 -4.18 -16.02
C VAL D 64 -9.60 -4.13 -14.62
N MET D 65 -10.52 -3.21 -14.32
CA MET D 65 -11.09 -3.12 -12.98
C MET D 65 -12.39 -3.90 -12.84
N SER D 66 -13.36 -3.68 -13.73
CA SER D 66 -14.61 -4.40 -13.67
C SER D 66 -14.46 -5.88 -13.97
N ARG D 67 -13.35 -6.29 -14.59
CA ARG D 67 -13.13 -7.68 -15.01
C ARG D 67 -14.23 -8.15 -15.93
N ARG D 68 -14.86 -7.22 -16.63
CA ARG D 68 -15.95 -7.50 -17.56
C ARG D 68 -15.45 -7.31 -18.99
N TYR D 69 -16.31 -7.67 -19.95
CA TYR D 69 -16.05 -7.47 -21.36
C TYR D 69 -17.12 -6.56 -21.94
N LEU D 70 -16.70 -5.54 -22.68
CA LEU D 70 -17.64 -4.61 -23.31
C LEU D 70 -18.42 -5.34 -24.39
N CYS D 71 -19.71 -5.57 -24.15
CA CYS D 71 -20.59 -6.24 -25.09
C CYS D 71 -21.64 -5.24 -25.59
N MET D 72 -22.53 -5.74 -26.45
CA MET D 72 -23.52 -4.88 -27.09
C MET D 72 -24.78 -5.69 -27.34
N ASP D 73 -25.91 -5.01 -27.44
CA ASP D 73 -27.20 -5.63 -27.68
C ASP D 73 -27.85 -5.02 -28.94
N PHE D 74 -29.06 -5.50 -29.23
CA PHE D 74 -29.70 -5.19 -30.51
C PHE D 74 -30.04 -3.71 -30.63
N ARG D 75 -30.48 -3.09 -29.53
CA ARG D 75 -30.85 -1.67 -29.57
C ARG D 75 -29.65 -0.79 -29.89
N GLY D 76 -28.46 -1.22 -29.49
CA GLY D 76 -27.23 -0.46 -29.69
C GLY D 76 -26.57 0.01 -28.43
N ASN D 77 -27.21 -0.10 -27.27
CA ASN D 77 -26.56 0.25 -26.02
C ASN D 77 -25.47 -0.76 -25.65
N ILE D 78 -24.47 -0.29 -24.91
CA ILE D 78 -23.34 -1.11 -24.55
C ILE D 78 -23.36 -1.40 -23.06
N PHE D 79 -22.70 -2.48 -22.67
CA PHE D 79 -22.64 -2.89 -21.28
C PHE D 79 -21.45 -3.84 -21.12
N GLY D 80 -21.20 -4.24 -19.88
CA GLY D 80 -20.11 -5.15 -19.55
C GLY D 80 -20.66 -6.50 -19.10
N SER D 81 -20.02 -7.57 -19.58
CA SER D 81 -20.41 -8.93 -19.23
C SER D 81 -19.18 -9.71 -18.81
N HIS D 82 -19.34 -10.56 -17.79
CA HIS D 82 -18.23 -11.37 -17.30
C HIS D 82 -17.88 -12.51 -18.24
N TYR D 83 -18.75 -12.84 -19.20
CA TYR D 83 -18.53 -13.95 -20.10
C TYR D 83 -18.33 -13.44 -21.53
N PHE D 84 -17.42 -14.08 -22.25
CA PHE D 84 -17.07 -13.66 -23.60
C PHE D 84 -17.90 -14.41 -24.63
N ASP D 85 -18.36 -13.69 -25.64
CA ASP D 85 -19.01 -14.28 -26.80
C ASP D 85 -18.47 -13.61 -28.05
N PRO D 86 -18.37 -14.36 -29.15
CA PRO D 86 -17.88 -13.79 -30.42
C PRO D 86 -18.96 -13.22 -31.32
N GLU D 87 -20.23 -13.27 -30.91
CA GLU D 87 -21.30 -12.81 -31.78
C GLU D 87 -21.47 -11.29 -31.71
N ASN D 88 -21.80 -10.77 -30.53
CA ASN D 88 -22.03 -9.35 -30.36
C ASN D 88 -21.09 -8.67 -29.37
N CYS D 89 -20.33 -9.43 -28.59
CA CYS D 89 -19.35 -8.82 -27.69
C CYS D 89 -17.98 -8.71 -28.36
N ARG D 90 -17.99 -8.18 -29.58
CA ARG D 90 -16.78 -7.99 -30.38
C ARG D 90 -17.09 -7.02 -31.51
N PHE D 91 -16.30 -5.96 -31.65
CA PHE D 91 -16.60 -4.87 -32.56
C PHE D 91 -15.45 -4.66 -33.53
N GLN D 92 -15.80 -4.37 -34.78
CA GLN D 92 -14.81 -4.07 -35.80
C GLN D 92 -14.32 -2.64 -35.64
N HIS D 93 -13.07 -2.49 -35.22
CA HIS D 93 -12.48 -1.17 -35.11
C HIS D 93 -12.18 -0.61 -36.49
N GLN D 94 -12.37 0.70 -36.65
CA GLN D 94 -12.14 1.35 -37.92
C GLN D 94 -11.64 2.75 -37.66
N THR D 95 -10.48 3.10 -38.23
CA THR D 95 -9.91 4.43 -38.09
C THR D 95 -10.42 5.31 -39.24
N LEU D 96 -11.16 6.36 -38.89
CA LEU D 96 -11.68 7.27 -39.90
C LEU D 96 -10.52 8.04 -40.56
N GLU D 97 -10.84 8.68 -41.68
CA GLU D 97 -9.81 9.39 -42.43
C GLU D 97 -9.37 10.68 -41.75
N ASN D 98 -10.05 11.13 -40.71
CA ASN D 98 -9.63 12.28 -39.94
C ASN D 98 -8.77 11.91 -38.73
N GLY D 99 -8.50 10.63 -38.53
CA GLY D 99 -7.68 10.20 -37.42
C GLY D 99 -8.43 9.75 -36.18
N TYR D 100 -9.75 9.57 -36.27
CA TYR D 100 -10.57 9.17 -35.13
C TYR D 100 -11.01 7.71 -35.28
N ASP D 101 -11.03 6.99 -34.18
CA ASP D 101 -11.37 5.57 -34.16
C ASP D 101 -12.84 5.40 -33.82
N VAL D 102 -13.54 4.60 -34.62
CA VAL D 102 -14.94 4.28 -34.40
C VAL D 102 -15.08 2.77 -34.31
N TYR D 103 -15.83 2.30 -33.32
CA TYR D 103 -16.04 0.87 -33.09
C TYR D 103 -17.51 0.54 -33.33
N HIS D 104 -17.76 -0.50 -34.12
CA HIS D 104 -19.12 -0.94 -34.41
C HIS D 104 -19.16 -2.46 -34.46
N SER D 105 -20.29 -3.01 -34.05
CA SER D 105 -20.47 -4.46 -34.13
C SER D 105 -20.63 -4.87 -35.58
N PRO D 106 -19.86 -5.86 -36.06
CA PRO D 106 -19.92 -6.21 -37.49
C PRO D 106 -21.30 -6.68 -37.95
N GLN D 107 -22.03 -7.40 -37.10
CA GLN D 107 -23.34 -7.93 -37.48
C GLN D 107 -24.49 -7.09 -36.99
N TYR D 108 -24.23 -6.04 -36.21
CA TYR D 108 -25.28 -5.16 -35.71
C TYR D 108 -25.26 -3.78 -36.36
N HIS D 109 -24.21 -3.46 -37.12
CA HIS D 109 -24.11 -2.23 -37.90
C HIS D 109 -24.33 -0.97 -37.09
N PHE D 110 -24.16 -1.04 -35.76
CA PHE D 110 -24.37 0.11 -34.88
C PHE D 110 -23.04 0.48 -34.22
N LEU D 111 -22.66 1.75 -34.35
CA LEU D 111 -21.41 2.22 -33.78
C LEU D 111 -21.49 2.25 -32.26
N VAL D 112 -20.34 2.00 -31.63
CA VAL D 112 -20.24 2.14 -30.17
C VAL D 112 -20.05 3.62 -29.86
N SER D 113 -20.99 4.18 -29.09
CA SER D 113 -20.92 5.58 -28.72
C SER D 113 -21.28 5.74 -27.25
N LEU D 114 -20.74 6.78 -26.63
CA LEU D 114 -21.04 7.08 -25.25
C LEU D 114 -22.39 7.78 -25.07
N GLY D 115 -22.98 8.26 -26.17
CA GLY D 115 -24.32 8.82 -26.13
C GLY D 115 -25.38 7.77 -26.38
N ARG D 116 -26.61 8.23 -26.53
CA ARG D 116 -27.75 7.35 -26.77
C ARG D 116 -28.20 7.36 -28.23
N ALA D 117 -27.45 8.03 -29.11
CA ALA D 117 -27.78 8.05 -30.53
C ALA D 117 -27.07 6.88 -31.22
N LYS D 118 -27.74 5.73 -31.21
CA LYS D 118 -27.19 4.52 -31.84
C LYS D 118 -27.68 4.49 -33.28
N ARG D 119 -26.83 4.97 -34.18
CA ARG D 119 -27.13 5.04 -35.61
C ARG D 119 -26.25 4.05 -36.37
N ALA D 120 -26.66 3.78 -37.61
CA ALA D 120 -25.93 2.85 -38.46
C ALA D 120 -24.61 3.46 -38.91
N PHE D 121 -23.70 2.60 -39.37
CA PHE D 121 -22.39 3.01 -39.85
C PHE D 121 -22.34 2.84 -41.36
N LEU D 122 -21.89 3.89 -42.06
CA LEU D 122 -21.74 3.89 -43.50
C LEU D 122 -20.40 4.57 -43.78
N PRO D 123 -19.68 4.14 -44.82
CA PRO D 123 -18.39 4.80 -45.11
C PRO D 123 -18.57 6.25 -45.54
N GLY D 124 -18.15 7.18 -44.68
CA GLY D 124 -18.15 8.59 -45.03
C GLY D 124 -19.44 9.34 -44.77
N MET D 125 -19.90 9.37 -43.52
CA MET D 125 -21.01 10.23 -43.13
C MET D 125 -20.80 10.65 -41.68
N ASN D 126 -21.48 11.75 -41.29
CA ASN D 126 -21.34 12.33 -39.97
C ASN D 126 -21.76 11.32 -38.90
N PRO D 127 -20.80 10.78 -38.14
CA PRO D 127 -21.14 9.75 -37.15
C PRO D 127 -21.89 10.36 -35.98
N PRO D 128 -22.59 9.55 -35.20
CA PRO D 128 -23.29 10.08 -34.03
C PRO D 128 -22.29 10.66 -33.04
N PRO D 129 -22.70 11.66 -32.26
CA PRO D 129 -21.80 12.23 -31.26
C PRO D 129 -21.42 11.19 -30.21
N TYR D 130 -20.29 11.43 -29.57
CA TYR D 130 -19.71 10.56 -28.55
C TYR D 130 -19.26 9.22 -29.13
N SER D 131 -18.95 9.16 -30.42
CA SER D 131 -18.55 7.93 -31.07
C SER D 131 -17.14 7.96 -31.65
N GLN D 132 -16.62 9.13 -32.02
CA GLN D 132 -15.28 9.23 -32.59
C GLN D 132 -14.27 9.12 -31.45
N PHE D 133 -13.96 7.89 -31.08
CA PHE D 133 -13.06 7.65 -29.97
C PHE D 133 -11.62 7.99 -30.35
N LEU D 134 -10.78 8.13 -29.32
CA LEU D 134 -9.36 8.42 -29.51
C LEU D 134 -8.59 7.77 -28.38
N SER D 135 -7.76 6.79 -28.70
CA SER D 135 -7.04 6.04 -27.69
C SER D 135 -6.01 6.91 -26.99
N ARG D 136 -5.99 6.86 -25.65
CA ARG D 136 -5.05 7.61 -24.85
C ARG D 136 -4.31 6.64 -23.92
N ARG D 137 -2.99 6.76 -23.88
CA ARG D 137 -2.19 5.90 -23.02
C ARG D 137 -2.51 6.17 -21.56
N ASN D 138 -2.44 5.11 -20.75
CA ASN D 138 -2.78 5.19 -19.34
C ASN D 138 -1.62 5.81 -18.57
N GLU D 139 -1.79 7.05 -18.13
CA GLU D 139 -0.81 7.72 -17.29
C GLU D 139 -1.10 7.54 -15.79
N ILE D 140 -2.19 6.87 -15.46
CA ILE D 140 -2.49 6.61 -14.04
C ILE D 140 -1.50 5.59 -13.49
N PRO D 141 -0.86 5.87 -12.36
CA PRO D 141 -0.01 4.84 -11.74
C PRO D 141 -0.82 3.60 -11.41
N LEU D 142 -0.22 2.44 -11.63
CA LEU D 142 -0.92 1.17 -11.43
C LEU D 142 -0.98 0.76 -9.97
N ILE D 143 -0.34 1.51 -9.07
CA ILE D 143 -0.47 1.26 -7.64
C ILE D 143 -1.92 1.44 -7.20
N HIS D 144 -2.61 2.42 -7.79
CA HIS D 144 -3.99 2.73 -7.40
C HIS D 144 -4.95 1.61 -7.76
N PHE D 145 -4.57 0.69 -8.67
CA PHE D 145 -5.49 -0.35 -9.09
C PHE D 145 -5.72 -1.41 -8.01
N ASN D 146 -4.84 -1.51 -7.03
CA ASN D 146 -5.04 -2.43 -5.93
C ASN D 146 -6.24 -1.99 -5.09
N THR D 147 -7.03 -2.96 -4.63
CA THR D 147 -8.25 -2.66 -3.89
C THR D 147 -7.92 -2.33 -2.44
N PRO D 148 -8.27 -1.14 -1.95
CA PRO D 148 -7.98 -0.79 -0.55
C PRO D 148 -9.12 -1.17 0.40
N ILE D 149 -10.00 -2.06 -0.05
CA ILE D 149 -11.24 -2.39 0.68
C ILE D 149 -11.09 -3.14 2.00
N PRO D 150 -9.94 -3.78 2.37
CA PRO D 150 -9.91 -4.45 3.68
C PRO D 150 -9.89 -3.47 4.84
N ARG D 151 -11.03 -2.85 5.13
CA ARG D 151 -11.18 -1.95 6.27
C ARG D 151 -11.94 -2.66 7.39
N GLN D 152 -11.49 -2.45 8.62
CA GLN D 152 -12.05 -3.13 9.77
C GLN D 152 -12.59 -2.11 10.77
N HIS D 153 -13.79 -2.39 11.28
CA HIS D 153 -14.41 -1.59 12.32
C HIS D 153 -14.76 -2.49 13.49
N THR D 154 -14.38 -2.09 14.71
CA THR D 154 -14.59 -2.89 15.91
C THR D 154 -15.77 -2.33 16.69
N GLN D 155 -16.78 -3.16 16.91
CA GLN D 155 -17.95 -2.80 17.69
C GLN D 155 -18.15 -3.69 18.91
N SER D 156 -17.81 -4.97 18.80
CA SER D 156 -17.94 -5.88 19.94
C SER D 156 -16.91 -5.54 21.01
N ALA D 157 -17.30 -5.78 22.27
CA ALA D 157 -16.46 -5.53 23.43
C ALA D 157 -16.04 -4.07 23.55
N GLU D 158 -16.79 -3.16 22.96
CA GLU D 158 -16.53 -1.73 23.01
C GLU D 158 -17.52 -1.10 23.97
N ASP D 159 -17.06 -0.77 25.17
CA ASP D 159 -17.92 -0.18 26.20
C ASP D 159 -17.06 0.71 27.08
N ASP D 160 -17.62 1.10 28.23
CA ASP D 160 -16.92 1.92 29.21
C ASP D 160 -16.32 1.07 30.34
N SER D 161 -15.94 -0.18 30.02
CA SER D 161 -15.29 -1.05 31.00
C SER D 161 -14.19 -1.87 30.37
N GLU D 162 -13.52 -1.33 29.35
CA GLU D 162 -12.45 -2.06 28.67
C GLU D 162 -11.23 -2.17 29.58
N ARG D 163 -10.66 -3.39 29.62
CA ARG D 163 -9.51 -3.65 30.47
C ARG D 163 -8.19 -3.75 29.71
N ASP D 164 -8.24 -4.06 28.41
CA ASP D 164 -7.04 -4.18 27.59
C ASP D 164 -7.25 -3.38 26.31
N PRO D 165 -7.12 -2.06 26.38
CA PRO D 165 -7.38 -1.23 25.17
C PRO D 165 -6.27 -1.32 24.13
N LEU D 166 -5.01 -1.44 24.55
CA LEU D 166 -3.91 -1.52 23.60
C LEU D 166 -3.68 -2.92 23.06
N ASN D 167 -4.47 -3.90 23.52
CA ASN D 167 -4.42 -5.27 22.99
C ASN D 167 -3.06 -5.91 23.21
N VAL D 168 -2.61 -5.90 24.46
CA VAL D 168 -1.42 -6.69 24.81
C VAL D 168 -1.73 -8.18 24.73
N LEU D 169 -2.86 -8.59 25.31
CA LEU D 169 -3.27 -9.99 25.28
C LEU D 169 -3.81 -10.31 23.90
N LYS D 170 -3.16 -11.22 23.18
CA LYS D 170 -3.62 -11.69 21.89
C LYS D 170 -3.59 -13.22 21.87
N PRO D 171 -4.69 -13.86 22.26
CA PRO D 171 -4.74 -15.33 22.22
C PRO D 171 -4.65 -15.83 20.79
N ARG D 172 -4.05 -17.01 20.64
CA ARG D 172 -3.87 -17.64 19.35
C ARG D 172 -4.90 -18.75 19.17
N ALA D 173 -5.40 -18.89 17.94
CA ALA D 173 -6.44 -19.86 17.64
C ALA D 173 -5.84 -21.26 17.66
N ARG D 174 -5.98 -21.95 18.78
CA ARG D 174 -5.47 -23.31 18.95
C ARG D 174 -6.63 -24.23 19.31
N MET D 175 -6.71 -25.37 18.64
CA MET D 175 -7.76 -26.35 18.91
C MET D 175 -7.35 -27.24 20.07
N THR D 176 -8.33 -27.56 20.92
CA THR D 176 -8.11 -28.39 22.10
C THR D 176 -8.94 -29.66 21.99
N PRO D 177 -8.34 -30.79 21.64
CA PRO D 177 -9.12 -32.04 21.54
C PRO D 177 -9.66 -32.48 22.90
N ALA D 178 -10.85 -33.07 22.87
CA ALA D 178 -11.51 -33.54 24.07
C ALA D 178 -12.00 -34.97 23.85
N PRO D 179 -11.64 -35.92 24.72
CA PRO D 179 -12.08 -37.32 24.60
C PRO D 179 -13.57 -37.50 24.89
#